data_7OGW
# 
_entry.id   7OGW 
# 
_audit_conform.dict_name       mmcif_pdbx.dic 
_audit_conform.dict_version    5.384 
_audit_conform.dict_location   http://mmcif.pdb.org/dictionaries/ascii/mmcif_pdbx.dic 
# 
loop_
_database_2.database_id 
_database_2.database_code 
_database_2.pdbx_database_accession 
_database_2.pdbx_DOI 
PDB   7OGW         pdb_00007ogw 10.2210/pdb7ogw/pdb 
WWPDB D_1292115762 ?            ?                   
# 
loop_
_pdbx_audit_revision_history.ordinal 
_pdbx_audit_revision_history.data_content_type 
_pdbx_audit_revision_history.major_revision 
_pdbx_audit_revision_history.minor_revision 
_pdbx_audit_revision_history.revision_date 
1 'Structure model' 1 0 2022-06-01 
2 'Structure model' 1 1 2024-01-31 
# 
_pdbx_audit_revision_details.ordinal             1 
_pdbx_audit_revision_details.revision_ordinal    1 
_pdbx_audit_revision_details.data_content_type   'Structure model' 
_pdbx_audit_revision_details.provider            repository 
_pdbx_audit_revision_details.type                'Initial release' 
_pdbx_audit_revision_details.description         ? 
_pdbx_audit_revision_details.details             ? 
# 
loop_
_pdbx_audit_revision_group.ordinal 
_pdbx_audit_revision_group.revision_ordinal 
_pdbx_audit_revision_group.data_content_type 
_pdbx_audit_revision_group.group 
1 2 'Structure model' 'Data collection'        
2 2 'Structure model' 'Refinement description' 
# 
loop_
_pdbx_audit_revision_category.ordinal 
_pdbx_audit_revision_category.revision_ordinal 
_pdbx_audit_revision_category.data_content_type 
_pdbx_audit_revision_category.category 
1 2 'Structure model' chem_comp_atom                
2 2 'Structure model' chem_comp_bond                
3 2 'Structure model' pdbx_initial_refinement_model 
# 
_pdbx_database_status.status_code                     REL 
_pdbx_database_status.status_code_sf                  REL 
_pdbx_database_status.status_code_mr                  ? 
_pdbx_database_status.entry_id                        7OGW 
_pdbx_database_status.recvd_initial_deposition_date   2021-05-07 
_pdbx_database_status.SG_entry                        N 
_pdbx_database_status.deposit_site                    PDBE 
_pdbx_database_status.process_site                    PDBE 
_pdbx_database_status.status_code_cs                  ? 
_pdbx_database_status.status_code_nmr_data            ? 
_pdbx_database_status.methods_development_category    ? 
_pdbx_database_status.pdb_format_compatible           Y 
# 
_pdbx_database_related.db_name        PDB 
_pdbx_database_related.details        'not yet released, dataset ID: D_1292115727' 
_pdbx_database_related.db_id          7OG8 
_pdbx_database_related.content_type   unspecified 
# 
loop_
_audit_author.name 
_audit_author.pdbx_ordinal 
_audit_author.identifier_ORCID 
'Moche, M.'    1 0000-0002-4834-7076 
'Karlsson, J.' 2 0000-0002-8005-9197 
'Loh, E.'      3 0000-0001-7050-566X 
# 
_citation.abstract                  ? 
_citation.abstract_id_CAS           ? 
_citation.book_id_ISBN              ? 
_citation.book_publisher            ? 
_citation.book_publisher_city       ? 
_citation.book_title                ? 
_citation.coordinate_linkage        ? 
_citation.country                   ? 
_citation.database_id_Medline       ? 
_citation.details                   ? 
_citation.id                        primary 
_citation.journal_abbrev            'To Be Published' 
_citation.journal_id_ASTM           ? 
_citation.journal_id_CSD            0353 
_citation.journal_id_ISSN           ? 
_citation.journal_full              ? 
_citation.journal_issue             ? 
_citation.journal_volume            ? 
_citation.language                  ? 
_citation.page_first                ? 
_citation.page_last                 ? 
_citation.title                     
'Crystal structures of wild type, Q9A and R17A single mutant Hfq structures from Neisseria meningitidis' 
_citation.year                      ? 
_citation.database_id_CSD           ? 
_citation.pdbx_database_id_DOI      ? 
_citation.pdbx_database_id_PubMed   ? 
_citation.pdbx_database_id_patent   ? 
_citation.unpublished_flag          ? 
# 
loop_
_citation_author.citation_id 
_citation_author.name 
_citation_author.ordinal 
_citation_author.identifier_ORCID 
primary 'Karlsson, J.' 1 0000-0002-8005-9197 
primary 'Moche, M.'    2 0000-0002-4834-7076 
primary 'Loh, E.'      3 0000-0001-7050-566X 
# 
loop_
_entity.id 
_entity.type 
_entity.src_method 
_entity.pdbx_description 
_entity.formula_weight 
_entity.pdbx_number_of_molecules 
_entity.pdbx_ec 
_entity.pdbx_mutation 
_entity.pdbx_fragment 
_entity.details 
1 polymer man 'RNA-binding protein Hfq' 7619.860 1   ? Q9A ? ? 
2 water   nat water                     18.015   126 ? ?   ? ? 
# 
_entity_poly.entity_id                      1 
_entity_poly.type                           'polypeptide(L)' 
_entity_poly.nstd_linkage                   no 
_entity_poly.nstd_monomer                   no 
_entity_poly.pdbx_seq_one_letter_code       GQMLADPFLNALRKEHVPVSIYLVNGIKLQGQVESFDQYVVLLRNTSVTQMVYKHAISTIVPARSVNL 
_entity_poly.pdbx_seq_one_letter_code_can   GQMLADPFLNALRKEHVPVSIYLVNGIKLQGQVESFDQYVVLLRNTSVTQMVYKHAISTIVPARSVNL 
_entity_poly.pdbx_strand_id                 A 
_entity_poly.pdbx_target_identifier         ? 
# 
_pdbx_entity_nonpoly.entity_id   2 
_pdbx_entity_nonpoly.name        water 
_pdbx_entity_nonpoly.comp_id     HOH 
# 
loop_
_entity_poly_seq.entity_id 
_entity_poly_seq.num 
_entity_poly_seq.mon_id 
_entity_poly_seq.hetero 
1 1  GLY n 
1 2  GLN n 
1 3  MET n 
1 4  LEU n 
1 5  ALA n 
1 6  ASP n 
1 7  PRO n 
1 8  PHE n 
1 9  LEU n 
1 10 ASN n 
1 11 ALA n 
1 12 LEU n 
1 13 ARG n 
1 14 LYS n 
1 15 GLU n 
1 16 HIS n 
1 17 VAL n 
1 18 PRO n 
1 19 VAL n 
1 20 SER n 
1 21 ILE n 
1 22 TYR n 
1 23 LEU n 
1 24 VAL n 
1 25 ASN n 
1 26 GLY n 
1 27 ILE n 
1 28 LYS n 
1 29 LEU n 
1 30 GLN n 
1 31 GLY n 
1 32 GLN n 
1 33 VAL n 
1 34 GLU n 
1 35 SER n 
1 36 PHE n 
1 37 ASP n 
1 38 GLN n 
1 39 TYR n 
1 40 VAL n 
1 41 VAL n 
1 42 LEU n 
1 43 LEU n 
1 44 ARG n 
1 45 ASN n 
1 46 THR n 
1 47 SER n 
1 48 VAL n 
1 49 THR n 
1 50 GLN n 
1 51 MET n 
1 52 VAL n 
1 53 TYR n 
1 54 LYS n 
1 55 HIS n 
1 56 ALA n 
1 57 ILE n 
1 58 SER n 
1 59 THR n 
1 60 ILE n 
1 61 VAL n 
1 62 PRO n 
1 63 ALA n 
1 64 ARG n 
1 65 SER n 
1 66 VAL n 
1 67 ASN n 
1 68 LEU n 
# 
_entity_src_gen.entity_id                          1 
_entity_src_gen.pdbx_src_id                        1 
_entity_src_gen.pdbx_alt_source_flag               sample 
_entity_src_gen.pdbx_seq_type                      'Biological sequence' 
_entity_src_gen.pdbx_beg_seq_num                   1 
_entity_src_gen.pdbx_end_seq_num                   68 
_entity_src_gen.gene_src_common_name               ? 
_entity_src_gen.gene_src_genus                     ? 
_entity_src_gen.pdbx_gene_src_gene                 'hfq, COH33_00770, COH52_02035, COI31_11405, ERS514851_00105, JY21_08770' 
_entity_src_gen.gene_src_species                   ? 
_entity_src_gen.gene_src_strain                    ? 
_entity_src_gen.gene_src_tissue                    ? 
_entity_src_gen.gene_src_tissue_fraction           ? 
_entity_src_gen.gene_src_details                   ? 
_entity_src_gen.pdbx_gene_src_fragment             ? 
_entity_src_gen.pdbx_gene_src_scientific_name      'Neisseria meningitidis' 
_entity_src_gen.pdbx_gene_src_ncbi_taxonomy_id     487 
_entity_src_gen.pdbx_gene_src_variant              ? 
_entity_src_gen.pdbx_gene_src_cell_line            ? 
_entity_src_gen.pdbx_gene_src_atcc                 ? 
_entity_src_gen.pdbx_gene_src_organ                ? 
_entity_src_gen.pdbx_gene_src_organelle            ? 
_entity_src_gen.pdbx_gene_src_cell                 ? 
_entity_src_gen.pdbx_gene_src_cellular_location    ? 
_entity_src_gen.host_org_common_name               ? 
_entity_src_gen.pdbx_host_org_scientific_name      'Escherichia coli' 
_entity_src_gen.pdbx_host_org_ncbi_taxonomy_id     562 
_entity_src_gen.host_org_genus                     ? 
_entity_src_gen.pdbx_host_org_gene                 ? 
_entity_src_gen.pdbx_host_org_organ                ? 
_entity_src_gen.host_org_species                   ? 
_entity_src_gen.pdbx_host_org_tissue               ? 
_entity_src_gen.pdbx_host_org_tissue_fraction      ? 
_entity_src_gen.pdbx_host_org_strain               ? 
_entity_src_gen.pdbx_host_org_variant              ? 
_entity_src_gen.pdbx_host_org_cell_line            ? 
_entity_src_gen.pdbx_host_org_atcc                 ? 
_entity_src_gen.pdbx_host_org_culture_collection   ? 
_entity_src_gen.pdbx_host_org_cell                 ? 
_entity_src_gen.pdbx_host_org_organelle            ? 
_entity_src_gen.pdbx_host_org_cellular_location    ? 
_entity_src_gen.pdbx_host_org_vector_type          ? 
_entity_src_gen.pdbx_host_org_vector               ? 
_entity_src_gen.host_org_details                   ? 
_entity_src_gen.expression_system_id               ? 
_entity_src_gen.plasmid_name                       ? 
_entity_src_gen.plasmid_details                    ? 
_entity_src_gen.pdbx_description                   ? 
# 
loop_
_chem_comp.id 
_chem_comp.type 
_chem_comp.mon_nstd_flag 
_chem_comp.name 
_chem_comp.pdbx_synonyms 
_chem_comp.formula 
_chem_comp.formula_weight 
ALA 'L-peptide linking' y ALANINE         ? 'C3 H7 N O2'     89.093  
ARG 'L-peptide linking' y ARGININE        ? 'C6 H15 N4 O2 1' 175.209 
ASN 'L-peptide linking' y ASPARAGINE      ? 'C4 H8 N2 O3'    132.118 
ASP 'L-peptide linking' y 'ASPARTIC ACID' ? 'C4 H7 N O4'     133.103 
GLN 'L-peptide linking' y GLUTAMINE       ? 'C5 H10 N2 O3'   146.144 
GLU 'L-peptide linking' y 'GLUTAMIC ACID' ? 'C5 H9 N O4'     147.129 
GLY 'peptide linking'   y GLYCINE         ? 'C2 H5 N O2'     75.067  
HIS 'L-peptide linking' y HISTIDINE       ? 'C6 H10 N3 O2 1' 156.162 
HOH non-polymer         . WATER           ? 'H2 O'           18.015  
ILE 'L-peptide linking' y ISOLEUCINE      ? 'C6 H13 N O2'    131.173 
LEU 'L-peptide linking' y LEUCINE         ? 'C6 H13 N O2'    131.173 
LYS 'L-peptide linking' y LYSINE          ? 'C6 H15 N2 O2 1' 147.195 
MET 'L-peptide linking' y METHIONINE      ? 'C5 H11 N O2 S'  149.211 
PHE 'L-peptide linking' y PHENYLALANINE   ? 'C9 H11 N O2'    165.189 
PRO 'L-peptide linking' y PROLINE         ? 'C5 H9 N O2'     115.130 
SER 'L-peptide linking' y SERINE          ? 'C3 H7 N O3'     105.093 
THR 'L-peptide linking' y THREONINE       ? 'C4 H9 N O3'     119.119 
TYR 'L-peptide linking' y TYROSINE        ? 'C9 H11 N O3'    181.189 
VAL 'L-peptide linking' y VALINE          ? 'C5 H11 N O2'    117.146 
# 
loop_
_pdbx_poly_seq_scheme.asym_id 
_pdbx_poly_seq_scheme.entity_id 
_pdbx_poly_seq_scheme.seq_id 
_pdbx_poly_seq_scheme.mon_id 
_pdbx_poly_seq_scheme.ndb_seq_num 
_pdbx_poly_seq_scheme.pdb_seq_num 
_pdbx_poly_seq_scheme.auth_seq_num 
_pdbx_poly_seq_scheme.pdb_mon_id 
_pdbx_poly_seq_scheme.auth_mon_id 
_pdbx_poly_seq_scheme.pdb_strand_id 
_pdbx_poly_seq_scheme.pdb_ins_code 
_pdbx_poly_seq_scheme.hetero 
A 1 1  GLY 1  5  5  GLY GLY A . n 
A 1 2  GLN 2  6  6  GLN GLN A . n 
A 1 3  MET 3  7  7  MET MET A . n 
A 1 4  LEU 4  8  8  LEU LEU A . n 
A 1 5  ALA 5  9  9  ALA ALA A . n 
A 1 6  ASP 6  10 10 ASP ASP A . n 
A 1 7  PRO 7  11 11 PRO PRO A . n 
A 1 8  PHE 8  12 12 PHE PHE A . n 
A 1 9  LEU 9  13 13 LEU LEU A . n 
A 1 10 ASN 10 14 14 ASN ASN A . n 
A 1 11 ALA 11 15 15 ALA ALA A . n 
A 1 12 LEU 12 16 16 LEU LEU A . n 
A 1 13 ARG 13 17 17 ARG ARG A . n 
A 1 14 LYS 14 18 18 LYS LYS A . n 
A 1 15 GLU 15 19 19 GLU GLU A . n 
A 1 16 HIS 16 20 20 HIS HIS A . n 
A 1 17 VAL 17 21 21 VAL VAL A . n 
A 1 18 PRO 18 22 22 PRO PRO A . n 
A 1 19 VAL 19 23 23 VAL VAL A . n 
A 1 20 SER 20 24 24 SER SER A . n 
A 1 21 ILE 21 25 25 ILE ILE A . n 
A 1 22 TYR 22 26 26 TYR TYR A . n 
A 1 23 LEU 23 27 27 LEU LEU A . n 
A 1 24 VAL 24 28 28 VAL VAL A . n 
A 1 25 ASN 25 29 29 ASN ASN A . n 
A 1 26 GLY 26 30 30 GLY GLY A . n 
A 1 27 ILE 27 31 31 ILE ILE A . n 
A 1 28 LYS 28 32 32 LYS LYS A . n 
A 1 29 LEU 29 33 33 LEU LEU A . n 
A 1 30 GLN 30 34 34 GLN GLN A . n 
A 1 31 GLY 31 35 35 GLY GLY A . n 
A 1 32 GLN 32 36 36 GLN GLN A . n 
A 1 33 VAL 33 37 37 VAL VAL A . n 
A 1 34 GLU 34 38 38 GLU GLU A . n 
A 1 35 SER 35 39 39 SER SER A . n 
A 1 36 PHE 36 40 40 PHE PHE A . n 
A 1 37 ASP 37 41 41 ASP ASP A . n 
A 1 38 GLN 38 42 42 GLN GLN A . n 
A 1 39 TYR 39 43 43 TYR TYR A . n 
A 1 40 VAL 40 44 44 VAL VAL A . n 
A 1 41 VAL 41 45 45 VAL VAL A . n 
A 1 42 LEU 42 46 46 LEU LEU A . n 
A 1 43 LEU 43 47 47 LEU LEU A . n 
A 1 44 ARG 44 48 48 ARG ARG A . n 
A 1 45 ASN 45 49 49 ASN ASN A . n 
A 1 46 THR 46 50 50 THR THR A . n 
A 1 47 SER 47 51 51 SER SER A . n 
A 1 48 VAL 48 52 52 VAL VAL A . n 
A 1 49 THR 49 53 53 THR THR A . n 
A 1 50 GLN 50 54 54 GLN GLN A . n 
A 1 51 MET 51 55 55 MET MET A . n 
A 1 52 VAL 52 56 56 VAL VAL A . n 
A 1 53 TYR 53 57 57 TYR TYR A . n 
A 1 54 LYS 54 58 58 LYS LYS A . n 
A 1 55 HIS 55 59 59 HIS HIS A . n 
A 1 56 ALA 56 60 60 ALA ALA A . n 
A 1 57 ILE 57 61 61 ILE ILE A . n 
A 1 58 SER 58 62 62 SER SER A . n 
A 1 59 THR 59 63 63 THR THR A . n 
A 1 60 ILE 60 64 64 ILE ILE A . n 
A 1 61 VAL 61 65 65 VAL VAL A . n 
A 1 62 PRO 62 66 66 PRO PRO A . n 
A 1 63 ALA 63 67 67 ALA ALA A . n 
A 1 64 ARG 64 68 68 ARG ARG A . n 
A 1 65 SER 65 69 69 SER SER A . n 
A 1 66 VAL 66 70 70 VAL VAL A . n 
A 1 67 ASN 67 71 71 ASN ASN A . n 
A 1 68 LEU 68 72 72 LEU LEU A . n 
# 
loop_
_pdbx_nonpoly_scheme.asym_id 
_pdbx_nonpoly_scheme.entity_id 
_pdbx_nonpoly_scheme.mon_id 
_pdbx_nonpoly_scheme.ndb_seq_num 
_pdbx_nonpoly_scheme.pdb_seq_num 
_pdbx_nonpoly_scheme.auth_seq_num 
_pdbx_nonpoly_scheme.pdb_mon_id 
_pdbx_nonpoly_scheme.auth_mon_id 
_pdbx_nonpoly_scheme.pdb_strand_id 
_pdbx_nonpoly_scheme.pdb_ins_code 
B 2 HOH 1   101 115 HOH HOH A . 
B 2 HOH 2   102 40  HOH HOH A . 
B 2 HOH 3   103 70  HOH HOH A . 
B 2 HOH 4   104 53  HOH HOH A . 
B 2 HOH 5   105 60  HOH HOH A . 
B 2 HOH 6   106 94  HOH HOH A . 
B 2 HOH 7   107 22  HOH HOH A . 
B 2 HOH 8   108 15  HOH HOH A . 
B 2 HOH 9   109 80  HOH HOH A . 
B 2 HOH 10  110 27  HOH HOH A . 
B 2 HOH 11  111 10  HOH HOH A . 
B 2 HOH 12  112 102 HOH HOH A . 
B 2 HOH 13  113 17  HOH HOH A . 
B 2 HOH 14  114 91  HOH HOH A . 
B 2 HOH 15  115 49  HOH HOH A . 
B 2 HOH 16  116 34  HOH HOH A . 
B 2 HOH 17  117 81  HOH HOH A . 
B 2 HOH 18  118 54  HOH HOH A . 
B 2 HOH 19  119 21  HOH HOH A . 
B 2 HOH 20  120 3   HOH HOH A . 
B 2 HOH 21  121 61  HOH HOH A . 
B 2 HOH 22  122 46  HOH HOH A . 
B 2 HOH 23  123 124 HOH HOH A . 
B 2 HOH 24  124 14  HOH HOH A . 
B 2 HOH 25  125 78  HOH HOH A . 
B 2 HOH 26  126 123 HOH HOH A . 
B 2 HOH 27  127 41  HOH HOH A . 
B 2 HOH 28  128 92  HOH HOH A . 
B 2 HOH 29  129 24  HOH HOH A . 
B 2 HOH 30  130 74  HOH HOH A . 
B 2 HOH 31  131 44  HOH HOH A . 
B 2 HOH 32  132 2   HOH HOH A . 
B 2 HOH 33  133 76  HOH HOH A . 
B 2 HOH 34  134 5   HOH HOH A . 
B 2 HOH 35  135 31  HOH HOH A . 
B 2 HOH 36  136 18  HOH HOH A . 
B 2 HOH 37  137 84  HOH HOH A . 
B 2 HOH 38  138 75  HOH HOH A . 
B 2 HOH 39  139 99  HOH HOH A . 
B 2 HOH 40  140 4   HOH HOH A . 
B 2 HOH 41  141 82  HOH HOH A . 
B 2 HOH 42  142 20  HOH HOH A . 
B 2 HOH 43  143 13  HOH HOH A . 
B 2 HOH 44  144 38  HOH HOH A . 
B 2 HOH 45  145 16  HOH HOH A . 
B 2 HOH 46  146 69  HOH HOH A . 
B 2 HOH 47  147 79  HOH HOH A . 
B 2 HOH 48  148 71  HOH HOH A . 
B 2 HOH 49  149 42  HOH HOH A . 
B 2 HOH 50  150 12  HOH HOH A . 
B 2 HOH 51  151 19  HOH HOH A . 
B 2 HOH 52  152 57  HOH HOH A . 
B 2 HOH 53  153 52  HOH HOH A . 
B 2 HOH 54  154 56  HOH HOH A . 
B 2 HOH 55  155 100 HOH HOH A . 
B 2 HOH 56  156 29  HOH HOH A . 
B 2 HOH 57  157 32  HOH HOH A . 
B 2 HOH 58  158 6   HOH HOH A . 
B 2 HOH 59  159 55  HOH HOH A . 
B 2 HOH 60  160 26  HOH HOH A . 
B 2 HOH 61  161 95  HOH HOH A . 
B 2 HOH 62  162 7   HOH HOH A . 
B 2 HOH 63  163 51  HOH HOH A . 
B 2 HOH 64  164 77  HOH HOH A . 
B 2 HOH 65  165 108 HOH HOH A . 
B 2 HOH 66  166 122 HOH HOH A . 
B 2 HOH 67  167 93  HOH HOH A . 
B 2 HOH 68  168 37  HOH HOH A . 
B 2 HOH 69  169 101 HOH HOH A . 
B 2 HOH 70  170 111 HOH HOH A . 
B 2 HOH 71  171 45  HOH HOH A . 
B 2 HOH 72  172 35  HOH HOH A . 
B 2 HOH 73  173 9   HOH HOH A . 
B 2 HOH 74  174 39  HOH HOH A . 
B 2 HOH 75  175 103 HOH HOH A . 
B 2 HOH 76  176 126 HOH HOH A . 
B 2 HOH 77  177 1   HOH HOH A . 
B 2 HOH 78  178 104 HOH HOH A . 
B 2 HOH 79  179 11  HOH HOH A . 
B 2 HOH 80  180 110 HOH HOH A . 
B 2 HOH 81  181 8   HOH HOH A . 
B 2 HOH 82  182 66  HOH HOH A . 
B 2 HOH 83  183 62  HOH HOH A . 
B 2 HOH 84  184 105 HOH HOH A . 
B 2 HOH 85  185 43  HOH HOH A . 
B 2 HOH 86  186 72  HOH HOH A . 
B 2 HOH 87  187 125 HOH HOH A . 
B 2 HOH 88  188 25  HOH HOH A . 
B 2 HOH 89  189 83  HOH HOH A . 
B 2 HOH 90  190 33  HOH HOH A . 
B 2 HOH 91  191 109 HOH HOH A . 
B 2 HOH 92  192 116 HOH HOH A . 
B 2 HOH 93  193 87  HOH HOH A . 
B 2 HOH 94  194 36  HOH HOH A . 
B 2 HOH 95  195 67  HOH HOH A . 
B 2 HOH 96  196 23  HOH HOH A . 
B 2 HOH 97  197 97  HOH HOH A . 
B 2 HOH 98  198 98  HOH HOH A . 
B 2 HOH 99  199 28  HOH HOH A . 
B 2 HOH 100 200 117 HOH HOH A . 
B 2 HOH 101 201 119 HOH HOH A . 
B 2 HOH 102 202 88  HOH HOH A . 
B 2 HOH 103 203 63  HOH HOH A . 
B 2 HOH 104 204 85  HOH HOH A . 
B 2 HOH 105 205 120 HOH HOH A . 
B 2 HOH 106 206 50  HOH HOH A . 
B 2 HOH 107 207 47  HOH HOH A . 
B 2 HOH 108 208 59  HOH HOH A . 
B 2 HOH 109 209 118 HOH HOH A . 
B 2 HOH 110 210 90  HOH HOH A . 
B 2 HOH 111 211 86  HOH HOH A . 
B 2 HOH 112 212 48  HOH HOH A . 
B 2 HOH 113 213 64  HOH HOH A . 
B 2 HOH 114 214 96  HOH HOH A . 
B 2 HOH 115 215 107 HOH HOH A . 
B 2 HOH 116 216 89  HOH HOH A . 
B 2 HOH 117 217 30  HOH HOH A . 
B 2 HOH 118 218 68  HOH HOH A . 
B 2 HOH 119 219 114 HOH HOH A . 
B 2 HOH 120 220 121 HOH HOH A . 
B 2 HOH 121 221 58  HOH HOH A . 
B 2 HOH 122 222 65  HOH HOH A . 
B 2 HOH 123 223 73  HOH HOH A . 
B 2 HOH 124 224 113 HOH HOH A . 
B 2 HOH 125 225 106 HOH HOH A . 
B 2 HOH 126 226 112 HOH HOH A . 
# 
loop_
_software.citation_id 
_software.classification 
_software.compiler_name 
_software.compiler_version 
_software.contact_author 
_software.contact_author_email 
_software.date 
_software.description 
_software.dependencies 
_software.hardware 
_software.language 
_software.location 
_software.mods 
_software.name 
_software.os 
_software.os_version 
_software.type 
_software.version 
_software.pdbx_ordinal 
? 'data scaling'    ? ? ? ? ? ? ? ? ? ? ? Aimless     ? ? ? 0.7.4    1 
? refinement        ? ? ? ? ? ? ? ? ? ? ? REFMAC      ? ? ? 5.8.0258 2 
? 'data extraction' ? ? ? ? ? ? ? ? ? ? ? PDB_EXTRACT ? ? ? 3.27     3 
? 'data reduction'  ? ? ? ? ? ? ? ? ? ? ? XDS         ? ? ? 20210323 4 
? phasing           ? ? ? ? ? ? ? ? ? ? ? PHASER      ? ? ? 2.8.3    5 
# 
_cell.angle_alpha                  90.000 
_cell.angle_alpha_esd              ? 
_cell.angle_beta                   90.000 
_cell.angle_beta_esd               ? 
_cell.angle_gamma                  120.000 
_cell.angle_gamma_esd              ? 
_cell.entry_id                     7OGW 
_cell.details                      ? 
_cell.formula_units_Z              ? 
_cell.length_a                     62.175 
_cell.length_a_esd                 ? 
_cell.length_b                     62.175 
_cell.length_b_esd                 ? 
_cell.length_c                     27.710 
_cell.length_c_esd                 ? 
_cell.volume                       ? 
_cell.volume_esd                   ? 
_cell.Z_PDB                        6 
_cell.reciprocal_angle_alpha       ? 
_cell.reciprocal_angle_beta        ? 
_cell.reciprocal_angle_gamma       ? 
_cell.reciprocal_angle_alpha_esd   ? 
_cell.reciprocal_angle_beta_esd    ? 
_cell.reciprocal_angle_gamma_esd   ? 
_cell.reciprocal_length_a          ? 
_cell.reciprocal_length_b          ? 
_cell.reciprocal_length_c          ? 
_cell.reciprocal_length_a_esd      ? 
_cell.reciprocal_length_b_esd      ? 
_cell.reciprocal_length_c_esd      ? 
_cell.pdbx_unique_axis             ? 
# 
_symmetry.entry_id                         7OGW 
_symmetry.cell_setting                     ? 
_symmetry.Int_Tables_number                168 
_symmetry.space_group_name_Hall            ? 
_symmetry.space_group_name_H-M             'P 6' 
_symmetry.pdbx_full_space_group_name_H-M   ? 
# 
_exptl.absorpt_coefficient_mu     ? 
_exptl.absorpt_correction_T_max   ? 
_exptl.absorpt_correction_T_min   ? 
_exptl.absorpt_correction_type    ? 
_exptl.absorpt_process_details    ? 
_exptl.entry_id                   7OGW 
_exptl.crystals_number            1 
_exptl.details                    ? 
_exptl.method                     'X-RAY DIFFRACTION' 
_exptl.method_details             ? 
# 
_exptl_crystal.colour                      ? 
_exptl_crystal.density_diffrn              ? 
_exptl_crystal.density_Matthews            2.03 
_exptl_crystal.density_method              ? 
_exptl_crystal.density_percent_sol         39.38 
_exptl_crystal.description                 ? 
_exptl_crystal.F_000                       ? 
_exptl_crystal.id                          1 
_exptl_crystal.preparation                 ? 
_exptl_crystal.size_max                    ? 
_exptl_crystal.size_mid                    ? 
_exptl_crystal.size_min                    ? 
_exptl_crystal.size_rad                    ? 
_exptl_crystal.colour_lustre               ? 
_exptl_crystal.colour_modifier             ? 
_exptl_crystal.colour_primary              ? 
_exptl_crystal.density_meas                ? 
_exptl_crystal.density_meas_esd            ? 
_exptl_crystal.density_meas_gt             ? 
_exptl_crystal.density_meas_lt             ? 
_exptl_crystal.density_meas_temp           ? 
_exptl_crystal.density_meas_temp_esd       ? 
_exptl_crystal.density_meas_temp_gt        ? 
_exptl_crystal.density_meas_temp_lt        ? 
_exptl_crystal.pdbx_crystal_image_url      ? 
_exptl_crystal.pdbx_crystal_image_format   ? 
_exptl_crystal.pdbx_mosaicity              ? 
_exptl_crystal.pdbx_mosaicity_esd          ? 
# 
_exptl_crystal_grow.apparatus       ? 
_exptl_crystal_grow.atmosphere      ? 
_exptl_crystal_grow.crystal_id      1 
_exptl_crystal_grow.details         ? 
_exptl_crystal_grow.method          'VAPOR DIFFUSION, SITTING DROP' 
_exptl_crystal_grow.method_ref      ? 
_exptl_crystal_grow.pH              6.5 
_exptl_crystal_grow.pressure        ? 
_exptl_crystal_grow.pressure_esd    ? 
_exptl_crystal_grow.seeding         ? 
_exptl_crystal_grow.seeding_ref     ? 
_exptl_crystal_grow.temp            293 
_exptl_crystal_grow.temp_details    ? 
_exptl_crystal_grow.temp_esd        ? 
_exptl_crystal_grow.time            ? 
_exptl_crystal_grow.pdbx_details    'PEG3350, sodium nitrate, bis-tris propane' 
_exptl_crystal_grow.pdbx_pH_range   6.5-7.4 
# 
_diffrn.ambient_environment              ? 
_diffrn.ambient_temp                     100 
_diffrn.ambient_temp_details             ? 
_diffrn.ambient_temp_esd                 ? 
_diffrn.crystal_id                       1 
_diffrn.crystal_support                  ? 
_diffrn.crystal_treatment                ? 
_diffrn.details                          ? 
_diffrn.id                               1 
_diffrn.ambient_pressure                 ? 
_diffrn.ambient_pressure_esd             ? 
_diffrn.ambient_pressure_gt              ? 
_diffrn.ambient_pressure_lt              ? 
_diffrn.ambient_temp_gt                  ? 
_diffrn.ambient_temp_lt                  ? 
_diffrn.pdbx_serial_crystal_experiment   N 
# 
_diffrn_detector.details                      ? 
_diffrn_detector.detector                     PIXEL 
_diffrn_detector.diffrn_id                    1 
_diffrn_detector.type                         'DECTRIS PILATUS3 2M' 
_diffrn_detector.area_resol_mean              ? 
_diffrn_detector.dtime                        ? 
_diffrn_detector.pdbx_frames_total            ? 
_diffrn_detector.pdbx_collection_time_total   ? 
_diffrn_detector.pdbx_collection_date         2017-10-19 
_diffrn_detector.pdbx_frequency               ? 
# 
_diffrn_radiation.collimation                      ? 
_diffrn_radiation.diffrn_id                        1 
_diffrn_radiation.filter_edge                      ? 
_diffrn_radiation.inhomogeneity                    ? 
_diffrn_radiation.monochromator                    ? 
_diffrn_radiation.polarisn_norm                    ? 
_diffrn_radiation.polarisn_ratio                   ? 
_diffrn_radiation.probe                            ? 
_diffrn_radiation.type                             ? 
_diffrn_radiation.xray_symbol                      ? 
_diffrn_radiation.wavelength_id                    1 
_diffrn_radiation.pdbx_monochromatic_or_laue_m_l   M 
_diffrn_radiation.pdbx_wavelength_list             ? 
_diffrn_radiation.pdbx_wavelength                  ? 
_diffrn_radiation.pdbx_diffrn_protocol             'SINGLE WAVELENGTH' 
_diffrn_radiation.pdbx_analyzer                    ? 
_diffrn_radiation.pdbx_scattering_type             x-ray 
# 
_diffrn_radiation_wavelength.id           1 
_diffrn_radiation_wavelength.wavelength   0.9184 
_diffrn_radiation_wavelength.wt           1.0 
# 
_diffrn_source.current                     ? 
_diffrn_source.details                     ? 
_diffrn_source.diffrn_id                   1 
_diffrn_source.power                       ? 
_diffrn_source.size                        ? 
_diffrn_source.source                      SYNCHROTRON 
_diffrn_source.target                      ? 
_diffrn_source.type                        'BESSY BEAMLINE 14.2' 
_diffrn_source.voltage                     ? 
_diffrn_source.take-off_angle              ? 
_diffrn_source.pdbx_wavelength_list        0.9184 
_diffrn_source.pdbx_wavelength             ? 
_diffrn_source.pdbx_synchrotron_beamline   14.2 
_diffrn_source.pdbx_synchrotron_site       BESSY 
# 
_reflns.B_iso_Wilson_estimate                          ? 
_reflns.entry_id                                       7OGW 
_reflns.data_reduction_details                         ? 
_reflns.data_reduction_method                          ? 
_reflns.d_resolution_high                              1.090 
_reflns.d_resolution_low                               31.090 
_reflns.details                                        ? 
_reflns.limit_h_max                                    ? 
_reflns.limit_h_min                                    ? 
_reflns.limit_k_max                                    ? 
_reflns.limit_k_min                                    ? 
_reflns.limit_l_max                                    ? 
_reflns.limit_l_min                                    ? 
_reflns.number_all                                     ? 
_reflns.number_obs                                     25701 
_reflns.observed_criterion                             ? 
_reflns.observed_criterion_F_max                       ? 
_reflns.observed_criterion_F_min                       ? 
_reflns.observed_criterion_I_max                       ? 
_reflns.observed_criterion_I_min                       ? 
_reflns.observed_criterion_sigma_F                     ? 
_reflns.observed_criterion_sigma_I                     ? 
_reflns.percent_possible_obs                           100.000 
_reflns.R_free_details                                 ? 
_reflns.Rmerge_F_all                                   ? 
_reflns.Rmerge_F_obs                                   ? 
_reflns.Friedel_coverage                               ? 
_reflns.number_gt                                      ? 
_reflns.threshold_expression                           ? 
_reflns.pdbx_redundancy                                19.100 
_reflns.pdbx_Rmerge_I_obs                              0.055 
_reflns.pdbx_Rmerge_I_all                              ? 
_reflns.pdbx_Rsym_value                                ? 
_reflns.pdbx_netI_over_av_sigmaI                       ? 
_reflns.pdbx_netI_over_sigmaI                          30.000 
_reflns.pdbx_res_netI_over_av_sigmaI_2                 ? 
_reflns.pdbx_res_netI_over_sigmaI_2                    ? 
_reflns.pdbx_chi_squared                               ? 
_reflns.pdbx_scaling_rejects                           66 
_reflns.pdbx_d_res_high_opt                            ? 
_reflns.pdbx_d_res_low_opt                             ? 
_reflns.pdbx_d_res_opt_method                          ? 
_reflns.phase_calculation_details                      ? 
_reflns.pdbx_Rrim_I_all                                0.056 
_reflns.pdbx_Rpim_I_all                                0.013 
_reflns.pdbx_d_opt                                     ? 
_reflns.pdbx_number_measured_all                       489717 
_reflns.pdbx_diffrn_id                                 1 
_reflns.pdbx_ordinal                                   1 
_reflns.pdbx_CC_half                                   1.000 
_reflns.pdbx_CC_star                                   ? 
_reflns.pdbx_R_split                                   ? 
_reflns.pdbx_aniso_diffraction_limit_axis_1_ortho[1]   ? 
_reflns.pdbx_aniso_diffraction_limit_axis_1_ortho[2]   ? 
_reflns.pdbx_aniso_diffraction_limit_axis_1_ortho[3]   ? 
_reflns.pdbx_aniso_diffraction_limit_axis_2_ortho[1]   ? 
_reflns.pdbx_aniso_diffraction_limit_axis_2_ortho[2]   ? 
_reflns.pdbx_aniso_diffraction_limit_axis_2_ortho[3]   ? 
_reflns.pdbx_aniso_diffraction_limit_axis_3_ortho[1]   ? 
_reflns.pdbx_aniso_diffraction_limit_axis_3_ortho[2]   ? 
_reflns.pdbx_aniso_diffraction_limit_axis_3_ortho[3]   ? 
_reflns.pdbx_aniso_diffraction_limit_1                 ? 
_reflns.pdbx_aniso_diffraction_limit_2                 ? 
_reflns.pdbx_aniso_diffraction_limit_3                 ? 
_reflns.pdbx_aniso_B_tensor_eigenvector_1_ortho[1]     ? 
_reflns.pdbx_aniso_B_tensor_eigenvector_1_ortho[2]     ? 
_reflns.pdbx_aniso_B_tensor_eigenvector_1_ortho[3]     ? 
_reflns.pdbx_aniso_B_tensor_eigenvector_2_ortho[1]     ? 
_reflns.pdbx_aniso_B_tensor_eigenvector_2_ortho[2]     ? 
_reflns.pdbx_aniso_B_tensor_eigenvector_2_ortho[3]     ? 
_reflns.pdbx_aniso_B_tensor_eigenvector_3_ortho[1]     ? 
_reflns.pdbx_aniso_B_tensor_eigenvector_3_ortho[2]     ? 
_reflns.pdbx_aniso_B_tensor_eigenvector_3_ortho[3]     ? 
_reflns.pdbx_aniso_B_tensor_eigenvalue_1               ? 
_reflns.pdbx_aniso_B_tensor_eigenvalue_2               ? 
_reflns.pdbx_aniso_B_tensor_eigenvalue_3               ? 
_reflns.pdbx_orthogonalization_convention              ? 
_reflns.pdbx_percent_possible_ellipsoidal              ? 
_reflns.pdbx_percent_possible_spherical                ? 
_reflns.pdbx_percent_possible_ellipsoidal_anomalous    ? 
_reflns.pdbx_percent_possible_spherical_anomalous      ? 
_reflns.pdbx_redundancy_anomalous                      ? 
_reflns.pdbx_CC_half_anomalous                         ? 
_reflns.pdbx_absDiff_over_sigma_anomalous              ? 
_reflns.pdbx_percent_possible_anomalous                ? 
_reflns.pdbx_observed_signal_threshold                 ? 
_reflns.pdbx_signal_type                               ? 
_reflns.pdbx_signal_details                            ? 
_reflns.pdbx_signal_software_id                        ? 
# 
loop_
_reflns_shell.d_res_high 
_reflns_shell.d_res_low 
_reflns_shell.meanI_over_sigI_all 
_reflns_shell.meanI_over_sigI_obs 
_reflns_shell.number_measured_all 
_reflns_shell.number_measured_obs 
_reflns_shell.number_possible 
_reflns_shell.number_unique_all 
_reflns_shell.number_unique_obs 
_reflns_shell.percent_possible_all 
_reflns_shell.percent_possible_obs 
_reflns_shell.Rmerge_F_all 
_reflns_shell.Rmerge_F_obs 
_reflns_shell.Rmerge_I_all 
_reflns_shell.Rmerge_I_obs 
_reflns_shell.meanI_over_sigI_gt 
_reflns_shell.meanI_over_uI_all 
_reflns_shell.meanI_over_uI_gt 
_reflns_shell.number_measured_gt 
_reflns_shell.number_unique_gt 
_reflns_shell.percent_possible_gt 
_reflns_shell.Rmerge_F_gt 
_reflns_shell.Rmerge_I_gt 
_reflns_shell.pdbx_redundancy 
_reflns_shell.pdbx_Rsym_value 
_reflns_shell.pdbx_chi_squared 
_reflns_shell.pdbx_netI_over_sigmaI_all 
_reflns_shell.pdbx_netI_over_sigmaI_obs 
_reflns_shell.pdbx_Rrim_I_all 
_reflns_shell.pdbx_Rpim_I_all 
_reflns_shell.pdbx_rejects 
_reflns_shell.pdbx_ordinal 
_reflns_shell.pdbx_diffrn_id 
_reflns_shell.pdbx_CC_half 
_reflns_shell.pdbx_CC_star 
_reflns_shell.pdbx_R_split 
_reflns_shell.pdbx_percent_possible_ellipsoidal 
_reflns_shell.pdbx_percent_possible_spherical 
_reflns_shell.pdbx_percent_possible_ellipsoidal_anomalous 
_reflns_shell.pdbx_percent_possible_spherical_anomalous 
_reflns_shell.pdbx_redundancy_anomalous 
_reflns_shell.pdbx_CC_half_anomalous 
_reflns_shell.pdbx_absDiff_over_sigma_anomalous 
_reflns_shell.pdbx_percent_possible_anomalous 
1.090 1.110  ? ? 22018 ? ? ? 1254 99.400 ? ? ? ? 0.529 ? ? ? ? ? ? ? ? 17.600 ? ? ? 5.600  0.545 0.127 ? 1 1 0.931 ? ? ? ? ? ? ? ? 
? ? 
5.970 31.090 ? ? 3286  ? ? ? 178  98.900 ? ? ? ? 0.043 ? ? ? ? ? ? ? ? 18.500 ? ? ? 70.400 0.044 0.010 ? 2 1 0.999 ? ? ? ? ? ? ? ? 
? ? 
# 
_refine.aniso_B[1][1]                            3.8700 
_refine.aniso_B[1][2]                            0.0000 
_refine.aniso_B[1][3]                            0.0000 
_refine.aniso_B[2][2]                            3.8700 
_refine.aniso_B[2][3]                            0.0000 
_refine.aniso_B[3][3]                            -7.7400 
_refine.B_iso_max                                127.410 
_refine.B_iso_mean                               13.8140 
_refine.B_iso_min                                6.110 
_refine.correlation_coeff_Fo_to_Fc               0.9850 
_refine.correlation_coeff_Fo_to_Fc_free          0.9790 
_refine.details                                  
'HYDROGENS HAVE BEEN ADDED IN THE RIDING POSITIONS U VALUES      : REFINED INDIVIDUALLY' 
_refine.diff_density_max                         ? 
_refine.diff_density_max_esd                     ? 
_refine.diff_density_min                         ? 
_refine.diff_density_min_esd                     ? 
_refine.diff_density_rms                         ? 
_refine.diff_density_rms_esd                     ? 
_refine.entry_id                                 7OGW 
_refine.pdbx_refine_id                           'X-RAY DIFFRACTION' 
_refine.ls_abs_structure_details                 ? 
_refine.ls_abs_structure_Flack                   ? 
_refine.ls_abs_structure_Flack_esd               ? 
_refine.ls_abs_structure_Rogers                  ? 
_refine.ls_abs_structure_Rogers_esd              ? 
_refine.ls_d_res_high                            1.0900 
_refine.ls_d_res_low                             27.7100 
_refine.ls_extinction_coef                       ? 
_refine.ls_extinction_coef_esd                   ? 
_refine.ls_extinction_expression                 ? 
_refine.ls_extinction_method                     ? 
_refine.ls_goodness_of_fit_all                   ? 
_refine.ls_goodness_of_fit_all_esd               ? 
_refine.ls_goodness_of_fit_obs                   ? 
_refine.ls_goodness_of_fit_obs_esd               ? 
_refine.ls_hydrogen_treatment                    ? 
_refine.ls_matrix_type                           ? 
_refine.ls_number_constraints                    ? 
_refine.ls_number_parameters                     ? 
_refine.ls_number_reflns_all                     ? 
_refine.ls_number_reflns_obs                     24415 
_refine.ls_number_reflns_R_free                  1281 
_refine.ls_number_reflns_R_work                  ? 
_refine.ls_number_restraints                     ? 
_refine.ls_percent_reflns_obs                    99.9500 
_refine.ls_percent_reflns_R_free                 5.0000 
_refine.ls_R_factor_all                          ? 
_refine.ls_R_factor_obs                          0.1017 
_refine.ls_R_factor_R_free                       0.1176 
_refine.ls_R_factor_R_free_error                 ? 
_refine.ls_R_factor_R_free_error_details         ? 
_refine.ls_R_factor_R_work                       0.1009 
_refine.ls_R_Fsqd_factor_obs                     ? 
_refine.ls_R_I_factor_obs                        ? 
_refine.ls_redundancy_reflns_all                 ? 
_refine.ls_redundancy_reflns_obs                 ? 
_refine.ls_restrained_S_all                      ? 
_refine.ls_restrained_S_obs                      ? 
_refine.ls_shift_over_esd_max                    ? 
_refine.ls_shift_over_esd_mean                   ? 
_refine.ls_structure_factor_coef                 ? 
_refine.ls_weighting_details                     ? 
_refine.ls_weighting_scheme                      ? 
_refine.ls_wR_factor_all                         ? 
_refine.ls_wR_factor_obs                         ? 
_refine.ls_wR_factor_R_free                      ? 
_refine.ls_wR_factor_R_work                      ? 
_refine.occupancy_max                            ? 
_refine.occupancy_min                            ? 
_refine.solvent_model_details                    MASK 
_refine.solvent_model_param_bsol                 ? 
_refine.solvent_model_param_ksol                 ? 
_refine.pdbx_R_complete                          ? 
_refine.ls_R_factor_gt                           ? 
_refine.ls_goodness_of_fit_gt                    ? 
_refine.ls_goodness_of_fit_ref                   ? 
_refine.ls_shift_over_su_max                     ? 
_refine.ls_shift_over_su_max_lt                  ? 
_refine.ls_shift_over_su_mean                    ? 
_refine.ls_shift_over_su_mean_lt                 ? 
_refine.pdbx_ls_sigma_I                          ? 
_refine.pdbx_ls_sigma_F                          0.000 
_refine.pdbx_ls_sigma_Fsqd                       ? 
_refine.pdbx_data_cutoff_high_absF               ? 
_refine.pdbx_data_cutoff_high_rms_absF           ? 
_refine.pdbx_data_cutoff_low_absF                ? 
_refine.pdbx_isotropic_thermal_model             ? 
_refine.pdbx_ls_cross_valid_method               THROUGHOUT 
_refine.pdbx_method_to_determine_struct          'MOLECULAR REPLACEMENT' 
_refine.pdbx_starting_model                      4PNO 
_refine.pdbx_stereochemistry_target_values       'MAXIMUM LIKELIHOOD' 
_refine.pdbx_R_Free_selection_details            RANDOM 
_refine.pdbx_stereochem_target_val_spec_case     ? 
_refine.pdbx_overall_ESU_R                       0.0050 
_refine.pdbx_overall_ESU_R_Free                  0.0050 
_refine.pdbx_solvent_vdw_probe_radii             1.2000 
_refine.pdbx_solvent_ion_probe_radii             0.8000 
_refine.pdbx_solvent_shrinkage_radii             0.8000 
_refine.pdbx_real_space_R                        ? 
_refine.pdbx_density_correlation                 ? 
_refine.pdbx_pd_number_of_powder_patterns        ? 
_refine.pdbx_pd_number_of_points                 ? 
_refine.pdbx_pd_meas_number_of_points            ? 
_refine.pdbx_pd_proc_ls_prof_R_factor            ? 
_refine.pdbx_pd_proc_ls_prof_wR_factor           ? 
_refine.pdbx_pd_Marquardt_correlation_coeff      ? 
_refine.pdbx_pd_Fsqrd_R_factor                   ? 
_refine.pdbx_pd_ls_matrix_band_width             ? 
_refine.pdbx_overall_phase_error                 ? 
_refine.pdbx_overall_SU_R_free_Cruickshank_DPI   ? 
_refine.pdbx_overall_SU_R_free_Blow_DPI          ? 
_refine.pdbx_overall_SU_R_Blow_DPI               ? 
_refine.pdbx_TLS_residual_ADP_flag               ? 
_refine.pdbx_diffrn_id                           1 
_refine.overall_SU_B                             0.4410 
_refine.overall_SU_ML                            0.0110 
_refine.overall_SU_R_Cruickshank_DPI             0.0046 
_refine.overall_SU_R_free                        ? 
_refine.overall_FOM_free_R_set                   ? 
_refine.overall_FOM_work_R_set                   ? 
_refine.pdbx_average_fsc_overall                 ? 
_refine.pdbx_average_fsc_work                    ? 
_refine.pdbx_average_fsc_free                    ? 
# 
_refine_hist.pdbx_refine_id                   'X-RAY DIFFRACTION' 
_refine_hist.cycle_id                         final 
_refine_hist.details                          ? 
_refine_hist.d_res_high                       1.0900 
_refine_hist.d_res_low                        27.7100 
_refine_hist.number_atoms_solvent             129 
_refine_hist.number_atoms_total               664 
_refine_hist.number_reflns_all                ? 
_refine_hist.number_reflns_obs                ? 
_refine_hist.number_reflns_R_free             ? 
_refine_hist.number_reflns_R_work             ? 
_refine_hist.R_factor_all                     ? 
_refine_hist.R_factor_obs                     ? 
_refine_hist.R_factor_R_free                  ? 
_refine_hist.R_factor_R_work                  ? 
_refine_hist.pdbx_number_residues_total       68 
_refine_hist.pdbx_B_iso_mean_ligand           ? 
_refine_hist.pdbx_B_iso_mean_solvent          28.32 
_refine_hist.pdbx_number_atoms_protein        535 
_refine_hist.pdbx_number_atoms_nucleic_acid   0 
_refine_hist.pdbx_number_atoms_ligand         0 
_refine_hist.pdbx_number_atoms_lipid          ? 
_refine_hist.pdbx_number_atoms_carb           ? 
_refine_hist.pdbx_pseudo_atom_details         ? 
# 
loop_
_refine_ls_restr.pdbx_refine_id 
_refine_ls_restr.criterion 
_refine_ls_restr.dev_ideal 
_refine_ls_restr.dev_ideal_target 
_refine_ls_restr.number 
_refine_ls_restr.rejects 
_refine_ls_restr.type 
_refine_ls_restr.weight 
_refine_ls_restr.pdbx_restraint_function 
'X-RAY DIFFRACTION' ? 0.020  0.013  560  ? r_bond_refined_d       ? ? 
'X-RAY DIFFRACTION' ? 0.003  0.017  536  ? r_bond_other_d         ? ? 
'X-RAY DIFFRACTION' ? 2.046  1.630  764  ? r_angle_refined_deg    ? ? 
'X-RAY DIFFRACTION' ? 1.550  1.567  1243 ? r_angle_other_deg      ? ? 
'X-RAY DIFFRACTION' ? 6.412  5.000  71   ? r_dihedral_angle_1_deg ? ? 
'X-RAY DIFFRACTION' ? 35.183 22.963 27   ? r_dihedral_angle_2_deg ? ? 
'X-RAY DIFFRACTION' ? 10.249 15.000 98   ? r_dihedral_angle_3_deg ? ? 
'X-RAY DIFFRACTION' ? 7.368  15.000 3    ? r_dihedral_angle_4_deg ? ? 
'X-RAY DIFFRACTION' ? 0.136  0.200  74   ? r_chiral_restr         ? ? 
'X-RAY DIFFRACTION' ? 0.012  0.020  624  ? r_gen_planes_refined   ? ? 
'X-RAY DIFFRACTION' ? 0.002  0.020  109  ? r_gen_planes_other     ? ? 
'X-RAY DIFFRACTION' ? 5.444  3.000  1096 ? r_rigid_bond_restr     ? ? 
# 
_refine_ls_shell.pdbx_refine_id                   'X-RAY DIFFRACTION' 
_refine_ls_shell.d_res_high                       1.0910 
_refine_ls_shell.d_res_low                        1.1190 
_refine_ls_shell.number_reflns_all                1864 
_refine_ls_shell.number_reflns_obs                ? 
_refine_ls_shell.number_reflns_R_free             97 
_refine_ls_shell.number_reflns_R_work             1767 
_refine_ls_shell.percent_reflns_obs               99.5200 
_refine_ls_shell.percent_reflns_R_free            ? 
_refine_ls_shell.R_factor_all                     ? 
_refine_ls_shell.R_factor_obs                     ? 
_refine_ls_shell.R_factor_R_free                  0.1160 
_refine_ls_shell.R_factor_R_free_error            0.0000 
_refine_ls_shell.R_factor_R_work                  0.0910 
_refine_ls_shell.redundancy_reflns_all            ? 
_refine_ls_shell.redundancy_reflns_obs            ? 
_refine_ls_shell.wR_factor_all                    ? 
_refine_ls_shell.wR_factor_obs                    ? 
_refine_ls_shell.wR_factor_R_free                 ? 
_refine_ls_shell.wR_factor_R_work                 ? 
_refine_ls_shell.pdbx_R_complete                  ? 
_refine_ls_shell.pdbx_total_number_of_bins_used   20 
_refine_ls_shell.pdbx_phase_error                 ? 
_refine_ls_shell.pdbx_fsc_work                    ? 
_refine_ls_shell.pdbx_fsc_free                    ? 
# 
_struct.entry_id                     7OGW 
_struct.title                        'Q9A mutant of Hfq protein from Neisseria meningitidis' 
_struct.pdbx_model_details           ? 
_struct.pdbx_formula_weight          ? 
_struct.pdbx_formula_weight_method   ? 
_struct.pdbx_model_type_details      ? 
_struct.pdbx_CASP_flag               N 
# 
_struct_keywords.entry_id        7OGW 
_struct_keywords.text            'sRNA, mRNA, annealing, RNA BINDING PROTEIN' 
_struct_keywords.pdbx_keywords   'RNA BINDING PROTEIN' 
# 
loop_
_struct_asym.id 
_struct_asym.pdbx_blank_PDB_chainid_flag 
_struct_asym.pdbx_modified 
_struct_asym.entity_id 
_struct_asym.details 
A N N 1 ? 
B N N 2 ? 
# 
_struct_ref.id                         1 
_struct_ref.db_name                    UNP 
_struct_ref.db_code                    B9VV05_NEIME 
_struct_ref.pdbx_db_accession          B9VV05 
_struct_ref.pdbx_db_isoform            ? 
_struct_ref.entity_id                  1 
_struct_ref.pdbx_seq_one_letter_code   GQMLQDPFLNALRKEHVPVSIYLVNGIKLQGQVESFDQYVVLLRNTSVTQMVYKHAISTIVPARSVNL 
_struct_ref.pdbx_align_begin           5 
# 
_struct_ref_seq.align_id                      1 
_struct_ref_seq.ref_id                        1 
_struct_ref_seq.pdbx_PDB_id_code              7OGW 
_struct_ref_seq.pdbx_strand_id                A 
_struct_ref_seq.seq_align_beg                 1 
_struct_ref_seq.pdbx_seq_align_beg_ins_code   ? 
_struct_ref_seq.seq_align_end                 68 
_struct_ref_seq.pdbx_seq_align_end_ins_code   ? 
_struct_ref_seq.pdbx_db_accession             B9VV05 
_struct_ref_seq.db_align_beg                  5 
_struct_ref_seq.pdbx_db_align_beg_ins_code    ? 
_struct_ref_seq.db_align_end                  72 
_struct_ref_seq.pdbx_db_align_end_ins_code    ? 
_struct_ref_seq.pdbx_auth_seq_align_beg       5 
_struct_ref_seq.pdbx_auth_seq_align_end       72 
# 
_struct_ref_seq_dif.align_id                     1 
_struct_ref_seq_dif.pdbx_pdb_id_code             7OGW 
_struct_ref_seq_dif.mon_id                       ALA 
_struct_ref_seq_dif.pdbx_pdb_strand_id           A 
_struct_ref_seq_dif.seq_num                      5 
_struct_ref_seq_dif.pdbx_pdb_ins_code            ? 
_struct_ref_seq_dif.pdbx_seq_db_name             UNP 
_struct_ref_seq_dif.pdbx_seq_db_accession_code   B9VV05 
_struct_ref_seq_dif.db_mon_id                    GLN 
_struct_ref_seq_dif.pdbx_seq_db_seq_num          9 
_struct_ref_seq_dif.details                      'engineered mutation' 
_struct_ref_seq_dif.pdbx_auth_seq_num            9 
_struct_ref_seq_dif.pdbx_ordinal                 1 
# 
_pdbx_struct_assembly.id                   1 
_pdbx_struct_assembly.details              author_and_software_defined_assembly 
_pdbx_struct_assembly.method_details       PISA 
_pdbx_struct_assembly.oligomeric_details   hexameric 
_pdbx_struct_assembly.oligomeric_count     6 
# 
loop_
_pdbx_struct_assembly_prop.biol_id 
_pdbx_struct_assembly_prop.type 
_pdbx_struct_assembly_prop.value 
_pdbx_struct_assembly_prop.details 
1 'ABSA (A^2)' 9220  ? 
1 MORE         -73   ? 
1 'SSA (A^2)'  18670 ? 
# 
_pdbx_struct_assembly_gen.assembly_id       1 
_pdbx_struct_assembly_gen.oper_expression   1,2,3,4,5,6 
_pdbx_struct_assembly_gen.asym_id_list      A,B 
# 
_pdbx_struct_assembly_auth_evidence.id                     1 
_pdbx_struct_assembly_auth_evidence.assembly_id            1 
_pdbx_struct_assembly_auth_evidence.experimental_support   none 
_pdbx_struct_assembly_auth_evidence.details                ? 
# 
loop_
_pdbx_struct_oper_list.id 
_pdbx_struct_oper_list.type 
_pdbx_struct_oper_list.name 
_pdbx_struct_oper_list.symmetry_operation 
_pdbx_struct_oper_list.matrix[1][1] 
_pdbx_struct_oper_list.matrix[1][2] 
_pdbx_struct_oper_list.matrix[1][3] 
_pdbx_struct_oper_list.vector[1] 
_pdbx_struct_oper_list.matrix[2][1] 
_pdbx_struct_oper_list.matrix[2][2] 
_pdbx_struct_oper_list.matrix[2][3] 
_pdbx_struct_oper_list.vector[2] 
_pdbx_struct_oper_list.matrix[3][1] 
_pdbx_struct_oper_list.matrix[3][2] 
_pdbx_struct_oper_list.matrix[3][3] 
_pdbx_struct_oper_list.vector[3] 
1 'identity operation'         1_555 x,y,z     1.0000000000  0.0000000000  0.0000000000  0.0000000000   0.0000000000  1.0000000000  0.0000000000  0.0000000000  0.0000000000  0.0000000000  1.0000000000  0.0000000000  
2 'crystal symmetry operation' 2_555 -y,x-y,z  -0.0166571671 -0.9994260679 0.0294970116  2.5619770303   0.0464223857  -0.0302423268 -0.9984640023 25.3951739331 0.9987830099  -0.0152622601 0.0468994939  21.1275793948 
3 'crystal symmetry operation' 3_555 -x+y,-x,z -0.0166571671 0.0464223857  0.9987830099  -22.2380966205 -0.9994260679 -0.0302423268 -0.0152622601 3.6509703898  0.0294970116  -0.9984640023 0.0468994939  24.2897235553 
4 'crystal symmetry operation' 4_555 -x,-y,z   -0.3555428895 -0.6353357881 0.6855200144  -13.1174130601 -0.6353357881 -0.3736564357 -0.6758175082 19.3640962152 0.6855200144  -0.6758175082 -0.2708006748 30.2782019667 
5 'crystal symmetry operation' 5_555 y,-x+y,z  0.6611142776  0.3640902798  0.6560230027  -15.6793900904 -0.6817581738 0.6565858911  0.3226464940  -6.0310777179 -0.3132629956 -0.6605552481 0.6822998313  9.1506225719  
6 'crystal symmetry operation' 6_555 x-y,x,z   0.6611142776  -0.6817581738 -0.3132629956 9.1206835604   0.3640902798  0.6565858911  -0.6605552481 15.7131258255 0.6560230027  0.3226464940  0.6822998313  5.9884784114 
# 
_struct_conf.conf_type_id            HELX_P 
_struct_conf.id                      HELX_P1 
_struct_conf.pdbx_PDB_helix_id       AA1 
_struct_conf.beg_label_comp_id       LEU 
_struct_conf.beg_label_asym_id       A 
_struct_conf.beg_label_seq_id        4 
_struct_conf.pdbx_beg_PDB_ins_code   ? 
_struct_conf.end_label_comp_id       HIS 
_struct_conf.end_label_asym_id       A 
_struct_conf.end_label_seq_id        16 
_struct_conf.pdbx_end_PDB_ins_code   ? 
_struct_conf.beg_auth_comp_id        LEU 
_struct_conf.beg_auth_asym_id        A 
_struct_conf.beg_auth_seq_id         8 
_struct_conf.end_auth_comp_id        HIS 
_struct_conf.end_auth_asym_id        A 
_struct_conf.end_auth_seq_id         20 
_struct_conf.pdbx_PDB_helix_class    1 
_struct_conf.details                 ? 
_struct_conf.pdbx_PDB_helix_length   13 
# 
_struct_conf_type.id          HELX_P 
_struct_conf_type.criteria    ? 
_struct_conf_type.reference   ? 
# 
_struct_sheet.id               AA1 
_struct_sheet.type             ? 
_struct_sheet.number_strands   5 
_struct_sheet.details          ? 
# 
loop_
_struct_sheet_order.sheet_id 
_struct_sheet_order.range_id_1 
_struct_sheet_order.range_id_2 
_struct_sheet_order.offset 
_struct_sheet_order.sense 
AA1 1 2 ? anti-parallel 
AA1 2 3 ? anti-parallel 
AA1 3 4 ? anti-parallel 
AA1 4 5 ? anti-parallel 
# 
loop_
_struct_sheet_range.sheet_id 
_struct_sheet_range.id 
_struct_sheet_range.beg_label_comp_id 
_struct_sheet_range.beg_label_asym_id 
_struct_sheet_range.beg_label_seq_id 
_struct_sheet_range.pdbx_beg_PDB_ins_code 
_struct_sheet_range.end_label_comp_id 
_struct_sheet_range.end_label_asym_id 
_struct_sheet_range.end_label_seq_id 
_struct_sheet_range.pdbx_end_PDB_ins_code 
_struct_sheet_range.beg_auth_comp_id 
_struct_sheet_range.beg_auth_asym_id 
_struct_sheet_range.beg_auth_seq_id 
_struct_sheet_range.end_auth_comp_id 
_struct_sheet_range.end_auth_asym_id 
_struct_sheet_range.end_auth_seq_id 
AA1 1 THR A 49 ? TYR A 53 ? THR A 53 TYR A 57 
AA1 2 VAL A 40 ? ARG A 44 ? VAL A 44 ARG A 48 
AA1 3 LYS A 28 ? PHE A 36 ? LYS A 32 PHE A 40 
AA1 4 VAL A 19 ? LEU A 23 ? VAL A 23 LEU A 27 
AA1 5 ILE A 57 ? PRO A 62 ? ILE A 61 PRO A 66 
# 
loop_
_pdbx_struct_sheet_hbond.sheet_id 
_pdbx_struct_sheet_hbond.range_id_1 
_pdbx_struct_sheet_hbond.range_id_2 
_pdbx_struct_sheet_hbond.range_1_label_atom_id 
_pdbx_struct_sheet_hbond.range_1_label_comp_id 
_pdbx_struct_sheet_hbond.range_1_label_asym_id 
_pdbx_struct_sheet_hbond.range_1_label_seq_id 
_pdbx_struct_sheet_hbond.range_1_PDB_ins_code 
_pdbx_struct_sheet_hbond.range_1_auth_atom_id 
_pdbx_struct_sheet_hbond.range_1_auth_comp_id 
_pdbx_struct_sheet_hbond.range_1_auth_asym_id 
_pdbx_struct_sheet_hbond.range_1_auth_seq_id 
_pdbx_struct_sheet_hbond.range_2_label_atom_id 
_pdbx_struct_sheet_hbond.range_2_label_comp_id 
_pdbx_struct_sheet_hbond.range_2_label_asym_id 
_pdbx_struct_sheet_hbond.range_2_label_seq_id 
_pdbx_struct_sheet_hbond.range_2_PDB_ins_code 
_pdbx_struct_sheet_hbond.range_2_auth_atom_id 
_pdbx_struct_sheet_hbond.range_2_auth_comp_id 
_pdbx_struct_sheet_hbond.range_2_auth_asym_id 
_pdbx_struct_sheet_hbond.range_2_auth_seq_id 
AA1 1 2 O VAL A 52 ? O VAL A 56 N VAL A 41 ? N VAL A 45 
AA1 2 3 O ARG A 44 ? O ARG A 48 N GLN A 32 ? N GLN A 36 
AA1 3 4 O LEU A 29 ? O LEU A 33 N ILE A 21 ? N ILE A 25 
AA1 4 5 N TYR A 22 ? N TYR A 26 O SER A 58 ? O SER A 62 
# 
loop_
_pdbx_validate_close_contact.id 
_pdbx_validate_close_contact.PDB_model_num 
_pdbx_validate_close_contact.auth_atom_id_1 
_pdbx_validate_close_contact.auth_asym_id_1 
_pdbx_validate_close_contact.auth_comp_id_1 
_pdbx_validate_close_contact.auth_seq_id_1 
_pdbx_validate_close_contact.PDB_ins_code_1 
_pdbx_validate_close_contact.label_alt_id_1 
_pdbx_validate_close_contact.auth_atom_id_2 
_pdbx_validate_close_contact.auth_asym_id_2 
_pdbx_validate_close_contact.auth_comp_id_2 
_pdbx_validate_close_contact.auth_seq_id_2 
_pdbx_validate_close_contact.PDB_ins_code_2 
_pdbx_validate_close_contact.label_alt_id_2 
_pdbx_validate_close_contact.dist 
1 1 O A HOH 101 ? ? O A HOH 152 ? ? 2.06 
2 1 O A HOH 151 ? ? O A HOH 192 ? ? 2.10 
3 1 O A HOH 207 ? ? O A HOH 223 ? ? 2.16 
4 1 O A HOH 185 ? ? O A HOH 192 ? ? 2.18 
# 
_pdbx_validate_symm_contact.id                1 
_pdbx_validate_symm_contact.PDB_model_num     1 
_pdbx_validate_symm_contact.auth_atom_id_1    O 
_pdbx_validate_symm_contact.auth_asym_id_1    A 
_pdbx_validate_symm_contact.auth_comp_id_1    HOH 
_pdbx_validate_symm_contact.auth_seq_id_1     210 
_pdbx_validate_symm_contact.PDB_ins_code_1    ? 
_pdbx_validate_symm_contact.label_alt_id_1    ? 
_pdbx_validate_symm_contact.site_symmetry_1   1_555 
_pdbx_validate_symm_contact.auth_atom_id_2    O 
_pdbx_validate_symm_contact.auth_asym_id_2    A 
_pdbx_validate_symm_contact.auth_comp_id_2    HOH 
_pdbx_validate_symm_contact.auth_seq_id_2     210 
_pdbx_validate_symm_contact.PDB_ins_code_2    ? 
_pdbx_validate_symm_contact.label_alt_id_2    ? 
_pdbx_validate_symm_contact.site_symmetry_2   6_555 
_pdbx_validate_symm_contact.dist              1.85 
# 
_pdbx_validate_torsion.id              1 
_pdbx_validate_torsion.PDB_model_num   1 
_pdbx_validate_torsion.auth_comp_id    ASN 
_pdbx_validate_torsion.auth_asym_id    A 
_pdbx_validate_torsion.auth_seq_id     49 
_pdbx_validate_torsion.PDB_ins_code    ? 
_pdbx_validate_torsion.label_alt_id    ? 
_pdbx_validate_torsion.phi             -122.48 
_pdbx_validate_torsion.psi             -167.72 
# 
loop_
_pdbx_struct_special_symmetry.id 
_pdbx_struct_special_symmetry.PDB_model_num 
_pdbx_struct_special_symmetry.auth_asym_id 
_pdbx_struct_special_symmetry.auth_comp_id 
_pdbx_struct_special_symmetry.auth_seq_id 
_pdbx_struct_special_symmetry.PDB_ins_code 
_pdbx_struct_special_symmetry.label_asym_id 
_pdbx_struct_special_symmetry.label_comp_id 
_pdbx_struct_special_symmetry.label_seq_id 
1 1 A HOH 176 ? B HOH . 
2 1 A HOH 202 ? B HOH . 
3 1 A HOH 220 ? B HOH . 
4 1 A HOH 224 ? B HOH . 
# 
loop_
_pdbx_distant_solvent_atoms.id 
_pdbx_distant_solvent_atoms.PDB_model_num 
_pdbx_distant_solvent_atoms.auth_atom_id 
_pdbx_distant_solvent_atoms.label_alt_id 
_pdbx_distant_solvent_atoms.auth_asym_id 
_pdbx_distant_solvent_atoms.auth_comp_id 
_pdbx_distant_solvent_atoms.auth_seq_id 
_pdbx_distant_solvent_atoms.PDB_ins_code 
_pdbx_distant_solvent_atoms.neighbor_macromolecule_distance 
_pdbx_distant_solvent_atoms.neighbor_ligand_distance 
1 1 O ? A HOH 224 ? 6.39 . 
2 1 O ? A HOH 225 ? 6.78 . 
3 1 O ? A HOH 226 ? 6.82 . 
# 
loop_
_chem_comp_atom.comp_id 
_chem_comp_atom.atom_id 
_chem_comp_atom.type_symbol 
_chem_comp_atom.pdbx_aromatic_flag 
_chem_comp_atom.pdbx_stereo_config 
_chem_comp_atom.pdbx_ordinal 
ALA N    N N N 1   
ALA CA   C N S 2   
ALA C    C N N 3   
ALA O    O N N 4   
ALA CB   C N N 5   
ALA OXT  O N N 6   
ALA H    H N N 7   
ALA H2   H N N 8   
ALA HA   H N N 9   
ALA HB1  H N N 10  
ALA HB2  H N N 11  
ALA HB3  H N N 12  
ALA HXT  H N N 13  
ARG N    N N N 14  
ARG CA   C N S 15  
ARG C    C N N 16  
ARG O    O N N 17  
ARG CB   C N N 18  
ARG CG   C N N 19  
ARG CD   C N N 20  
ARG NE   N N N 21  
ARG CZ   C N N 22  
ARG NH1  N N N 23  
ARG NH2  N N N 24  
ARG OXT  O N N 25  
ARG H    H N N 26  
ARG H2   H N N 27  
ARG HA   H N N 28  
ARG HB2  H N N 29  
ARG HB3  H N N 30  
ARG HG2  H N N 31  
ARG HG3  H N N 32  
ARG HD2  H N N 33  
ARG HD3  H N N 34  
ARG HE   H N N 35  
ARG HH11 H N N 36  
ARG HH12 H N N 37  
ARG HH21 H N N 38  
ARG HH22 H N N 39  
ARG HXT  H N N 40  
ASN N    N N N 41  
ASN CA   C N S 42  
ASN C    C N N 43  
ASN O    O N N 44  
ASN CB   C N N 45  
ASN CG   C N N 46  
ASN OD1  O N N 47  
ASN ND2  N N N 48  
ASN OXT  O N N 49  
ASN H    H N N 50  
ASN H2   H N N 51  
ASN HA   H N N 52  
ASN HB2  H N N 53  
ASN HB3  H N N 54  
ASN HD21 H N N 55  
ASN HD22 H N N 56  
ASN HXT  H N N 57  
ASP N    N N N 58  
ASP CA   C N S 59  
ASP C    C N N 60  
ASP O    O N N 61  
ASP CB   C N N 62  
ASP CG   C N N 63  
ASP OD1  O N N 64  
ASP OD2  O N N 65  
ASP OXT  O N N 66  
ASP H    H N N 67  
ASP H2   H N N 68  
ASP HA   H N N 69  
ASP HB2  H N N 70  
ASP HB3  H N N 71  
ASP HD2  H N N 72  
ASP HXT  H N N 73  
GLN N    N N N 74  
GLN CA   C N S 75  
GLN C    C N N 76  
GLN O    O N N 77  
GLN CB   C N N 78  
GLN CG   C N N 79  
GLN CD   C N N 80  
GLN OE1  O N N 81  
GLN NE2  N N N 82  
GLN OXT  O N N 83  
GLN H    H N N 84  
GLN H2   H N N 85  
GLN HA   H N N 86  
GLN HB2  H N N 87  
GLN HB3  H N N 88  
GLN HG2  H N N 89  
GLN HG3  H N N 90  
GLN HE21 H N N 91  
GLN HE22 H N N 92  
GLN HXT  H N N 93  
GLU N    N N N 94  
GLU CA   C N S 95  
GLU C    C N N 96  
GLU O    O N N 97  
GLU CB   C N N 98  
GLU CG   C N N 99  
GLU CD   C N N 100 
GLU OE1  O N N 101 
GLU OE2  O N N 102 
GLU OXT  O N N 103 
GLU H    H N N 104 
GLU H2   H N N 105 
GLU HA   H N N 106 
GLU HB2  H N N 107 
GLU HB3  H N N 108 
GLU HG2  H N N 109 
GLU HG3  H N N 110 
GLU HE2  H N N 111 
GLU HXT  H N N 112 
GLY N    N N N 113 
GLY CA   C N N 114 
GLY C    C N N 115 
GLY O    O N N 116 
GLY OXT  O N N 117 
GLY H    H N N 118 
GLY H2   H N N 119 
GLY HA2  H N N 120 
GLY HA3  H N N 121 
GLY HXT  H N N 122 
HIS N    N N N 123 
HIS CA   C N S 124 
HIS C    C N N 125 
HIS O    O N N 126 
HIS CB   C N N 127 
HIS CG   C Y N 128 
HIS ND1  N Y N 129 
HIS CD2  C Y N 130 
HIS CE1  C Y N 131 
HIS NE2  N Y N 132 
HIS OXT  O N N 133 
HIS H    H N N 134 
HIS H2   H N N 135 
HIS HA   H N N 136 
HIS HB2  H N N 137 
HIS HB3  H N N 138 
HIS HD1  H N N 139 
HIS HD2  H N N 140 
HIS HE1  H N N 141 
HIS HE2  H N N 142 
HIS HXT  H N N 143 
HOH O    O N N 144 
HOH H1   H N N 145 
HOH H2   H N N 146 
ILE N    N N N 147 
ILE CA   C N S 148 
ILE C    C N N 149 
ILE O    O N N 150 
ILE CB   C N S 151 
ILE CG1  C N N 152 
ILE CG2  C N N 153 
ILE CD1  C N N 154 
ILE OXT  O N N 155 
ILE H    H N N 156 
ILE H2   H N N 157 
ILE HA   H N N 158 
ILE HB   H N N 159 
ILE HG12 H N N 160 
ILE HG13 H N N 161 
ILE HG21 H N N 162 
ILE HG22 H N N 163 
ILE HG23 H N N 164 
ILE HD11 H N N 165 
ILE HD12 H N N 166 
ILE HD13 H N N 167 
ILE HXT  H N N 168 
LEU N    N N N 169 
LEU CA   C N S 170 
LEU C    C N N 171 
LEU O    O N N 172 
LEU CB   C N N 173 
LEU CG   C N N 174 
LEU CD1  C N N 175 
LEU CD2  C N N 176 
LEU OXT  O N N 177 
LEU H    H N N 178 
LEU H2   H N N 179 
LEU HA   H N N 180 
LEU HB2  H N N 181 
LEU HB3  H N N 182 
LEU HG   H N N 183 
LEU HD11 H N N 184 
LEU HD12 H N N 185 
LEU HD13 H N N 186 
LEU HD21 H N N 187 
LEU HD22 H N N 188 
LEU HD23 H N N 189 
LEU HXT  H N N 190 
LYS N    N N N 191 
LYS CA   C N S 192 
LYS C    C N N 193 
LYS O    O N N 194 
LYS CB   C N N 195 
LYS CG   C N N 196 
LYS CD   C N N 197 
LYS CE   C N N 198 
LYS NZ   N N N 199 
LYS OXT  O N N 200 
LYS H    H N N 201 
LYS H2   H N N 202 
LYS HA   H N N 203 
LYS HB2  H N N 204 
LYS HB3  H N N 205 
LYS HG2  H N N 206 
LYS HG3  H N N 207 
LYS HD2  H N N 208 
LYS HD3  H N N 209 
LYS HE2  H N N 210 
LYS HE3  H N N 211 
LYS HZ1  H N N 212 
LYS HZ2  H N N 213 
LYS HZ3  H N N 214 
LYS HXT  H N N 215 
MET N    N N N 216 
MET CA   C N S 217 
MET C    C N N 218 
MET O    O N N 219 
MET CB   C N N 220 
MET CG   C N N 221 
MET SD   S N N 222 
MET CE   C N N 223 
MET OXT  O N N 224 
MET H    H N N 225 
MET H2   H N N 226 
MET HA   H N N 227 
MET HB2  H N N 228 
MET HB3  H N N 229 
MET HG2  H N N 230 
MET HG3  H N N 231 
MET HE1  H N N 232 
MET HE2  H N N 233 
MET HE3  H N N 234 
MET HXT  H N N 235 
PHE N    N N N 236 
PHE CA   C N S 237 
PHE C    C N N 238 
PHE O    O N N 239 
PHE CB   C N N 240 
PHE CG   C Y N 241 
PHE CD1  C Y N 242 
PHE CD2  C Y N 243 
PHE CE1  C Y N 244 
PHE CE2  C Y N 245 
PHE CZ   C Y N 246 
PHE OXT  O N N 247 
PHE H    H N N 248 
PHE H2   H N N 249 
PHE HA   H N N 250 
PHE HB2  H N N 251 
PHE HB3  H N N 252 
PHE HD1  H N N 253 
PHE HD2  H N N 254 
PHE HE1  H N N 255 
PHE HE2  H N N 256 
PHE HZ   H N N 257 
PHE HXT  H N N 258 
PRO N    N N N 259 
PRO CA   C N S 260 
PRO C    C N N 261 
PRO O    O N N 262 
PRO CB   C N N 263 
PRO CG   C N N 264 
PRO CD   C N N 265 
PRO OXT  O N N 266 
PRO H    H N N 267 
PRO HA   H N N 268 
PRO HB2  H N N 269 
PRO HB3  H N N 270 
PRO HG2  H N N 271 
PRO HG3  H N N 272 
PRO HD2  H N N 273 
PRO HD3  H N N 274 
PRO HXT  H N N 275 
SER N    N N N 276 
SER CA   C N S 277 
SER C    C N N 278 
SER O    O N N 279 
SER CB   C N N 280 
SER OG   O N N 281 
SER OXT  O N N 282 
SER H    H N N 283 
SER H2   H N N 284 
SER HA   H N N 285 
SER HB2  H N N 286 
SER HB3  H N N 287 
SER HG   H N N 288 
SER HXT  H N N 289 
THR N    N N N 290 
THR CA   C N S 291 
THR C    C N N 292 
THR O    O N N 293 
THR CB   C N R 294 
THR OG1  O N N 295 
THR CG2  C N N 296 
THR OXT  O N N 297 
THR H    H N N 298 
THR H2   H N N 299 
THR HA   H N N 300 
THR HB   H N N 301 
THR HG1  H N N 302 
THR HG21 H N N 303 
THR HG22 H N N 304 
THR HG23 H N N 305 
THR HXT  H N N 306 
TYR N    N N N 307 
TYR CA   C N S 308 
TYR C    C N N 309 
TYR O    O N N 310 
TYR CB   C N N 311 
TYR CG   C Y N 312 
TYR CD1  C Y N 313 
TYR CD2  C Y N 314 
TYR CE1  C Y N 315 
TYR CE2  C Y N 316 
TYR CZ   C Y N 317 
TYR OH   O N N 318 
TYR OXT  O N N 319 
TYR H    H N N 320 
TYR H2   H N N 321 
TYR HA   H N N 322 
TYR HB2  H N N 323 
TYR HB3  H N N 324 
TYR HD1  H N N 325 
TYR HD2  H N N 326 
TYR HE1  H N N 327 
TYR HE2  H N N 328 
TYR HH   H N N 329 
TYR HXT  H N N 330 
VAL N    N N N 331 
VAL CA   C N S 332 
VAL C    C N N 333 
VAL O    O N N 334 
VAL CB   C N N 335 
VAL CG1  C N N 336 
VAL CG2  C N N 337 
VAL OXT  O N N 338 
VAL H    H N N 339 
VAL H2   H N N 340 
VAL HA   H N N 341 
VAL HB   H N N 342 
VAL HG11 H N N 343 
VAL HG12 H N N 344 
VAL HG13 H N N 345 
VAL HG21 H N N 346 
VAL HG22 H N N 347 
VAL HG23 H N N 348 
VAL HXT  H N N 349 
# 
loop_
_chem_comp_bond.comp_id 
_chem_comp_bond.atom_id_1 
_chem_comp_bond.atom_id_2 
_chem_comp_bond.value_order 
_chem_comp_bond.pdbx_aromatic_flag 
_chem_comp_bond.pdbx_stereo_config 
_chem_comp_bond.pdbx_ordinal 
ALA N   CA   sing N N 1   
ALA N   H    sing N N 2   
ALA N   H2   sing N N 3   
ALA CA  C    sing N N 4   
ALA CA  CB   sing N N 5   
ALA CA  HA   sing N N 6   
ALA C   O    doub N N 7   
ALA C   OXT  sing N N 8   
ALA CB  HB1  sing N N 9   
ALA CB  HB2  sing N N 10  
ALA CB  HB3  sing N N 11  
ALA OXT HXT  sing N N 12  
ARG N   CA   sing N N 13  
ARG N   H    sing N N 14  
ARG N   H2   sing N N 15  
ARG CA  C    sing N N 16  
ARG CA  CB   sing N N 17  
ARG CA  HA   sing N N 18  
ARG C   O    doub N N 19  
ARG C   OXT  sing N N 20  
ARG CB  CG   sing N N 21  
ARG CB  HB2  sing N N 22  
ARG CB  HB3  sing N N 23  
ARG CG  CD   sing N N 24  
ARG CG  HG2  sing N N 25  
ARG CG  HG3  sing N N 26  
ARG CD  NE   sing N N 27  
ARG CD  HD2  sing N N 28  
ARG CD  HD3  sing N N 29  
ARG NE  CZ   sing N N 30  
ARG NE  HE   sing N N 31  
ARG CZ  NH1  sing N N 32  
ARG CZ  NH2  doub N N 33  
ARG NH1 HH11 sing N N 34  
ARG NH1 HH12 sing N N 35  
ARG NH2 HH21 sing N N 36  
ARG NH2 HH22 sing N N 37  
ARG OXT HXT  sing N N 38  
ASN N   CA   sing N N 39  
ASN N   H    sing N N 40  
ASN N   H2   sing N N 41  
ASN CA  C    sing N N 42  
ASN CA  CB   sing N N 43  
ASN CA  HA   sing N N 44  
ASN C   O    doub N N 45  
ASN C   OXT  sing N N 46  
ASN CB  CG   sing N N 47  
ASN CB  HB2  sing N N 48  
ASN CB  HB3  sing N N 49  
ASN CG  OD1  doub N N 50  
ASN CG  ND2  sing N N 51  
ASN ND2 HD21 sing N N 52  
ASN ND2 HD22 sing N N 53  
ASN OXT HXT  sing N N 54  
ASP N   CA   sing N N 55  
ASP N   H    sing N N 56  
ASP N   H2   sing N N 57  
ASP CA  C    sing N N 58  
ASP CA  CB   sing N N 59  
ASP CA  HA   sing N N 60  
ASP C   O    doub N N 61  
ASP C   OXT  sing N N 62  
ASP CB  CG   sing N N 63  
ASP CB  HB2  sing N N 64  
ASP CB  HB3  sing N N 65  
ASP CG  OD1  doub N N 66  
ASP CG  OD2  sing N N 67  
ASP OD2 HD2  sing N N 68  
ASP OXT HXT  sing N N 69  
GLN N   CA   sing N N 70  
GLN N   H    sing N N 71  
GLN N   H2   sing N N 72  
GLN CA  C    sing N N 73  
GLN CA  CB   sing N N 74  
GLN CA  HA   sing N N 75  
GLN C   O    doub N N 76  
GLN C   OXT  sing N N 77  
GLN CB  CG   sing N N 78  
GLN CB  HB2  sing N N 79  
GLN CB  HB3  sing N N 80  
GLN CG  CD   sing N N 81  
GLN CG  HG2  sing N N 82  
GLN CG  HG3  sing N N 83  
GLN CD  OE1  doub N N 84  
GLN CD  NE2  sing N N 85  
GLN NE2 HE21 sing N N 86  
GLN NE2 HE22 sing N N 87  
GLN OXT HXT  sing N N 88  
GLU N   CA   sing N N 89  
GLU N   H    sing N N 90  
GLU N   H2   sing N N 91  
GLU CA  C    sing N N 92  
GLU CA  CB   sing N N 93  
GLU CA  HA   sing N N 94  
GLU C   O    doub N N 95  
GLU C   OXT  sing N N 96  
GLU CB  CG   sing N N 97  
GLU CB  HB2  sing N N 98  
GLU CB  HB3  sing N N 99  
GLU CG  CD   sing N N 100 
GLU CG  HG2  sing N N 101 
GLU CG  HG3  sing N N 102 
GLU CD  OE1  doub N N 103 
GLU CD  OE2  sing N N 104 
GLU OE2 HE2  sing N N 105 
GLU OXT HXT  sing N N 106 
GLY N   CA   sing N N 107 
GLY N   H    sing N N 108 
GLY N   H2   sing N N 109 
GLY CA  C    sing N N 110 
GLY CA  HA2  sing N N 111 
GLY CA  HA3  sing N N 112 
GLY C   O    doub N N 113 
GLY C   OXT  sing N N 114 
GLY OXT HXT  sing N N 115 
HIS N   CA   sing N N 116 
HIS N   H    sing N N 117 
HIS N   H2   sing N N 118 
HIS CA  C    sing N N 119 
HIS CA  CB   sing N N 120 
HIS CA  HA   sing N N 121 
HIS C   O    doub N N 122 
HIS C   OXT  sing N N 123 
HIS CB  CG   sing N N 124 
HIS CB  HB2  sing N N 125 
HIS CB  HB3  sing N N 126 
HIS CG  ND1  sing Y N 127 
HIS CG  CD2  doub Y N 128 
HIS ND1 CE1  doub Y N 129 
HIS ND1 HD1  sing N N 130 
HIS CD2 NE2  sing Y N 131 
HIS CD2 HD2  sing N N 132 
HIS CE1 NE2  sing Y N 133 
HIS CE1 HE1  sing N N 134 
HIS NE2 HE2  sing N N 135 
HIS OXT HXT  sing N N 136 
HOH O   H1   sing N N 137 
HOH O   H2   sing N N 138 
ILE N   CA   sing N N 139 
ILE N   H    sing N N 140 
ILE N   H2   sing N N 141 
ILE CA  C    sing N N 142 
ILE CA  CB   sing N N 143 
ILE CA  HA   sing N N 144 
ILE C   O    doub N N 145 
ILE C   OXT  sing N N 146 
ILE CB  CG1  sing N N 147 
ILE CB  CG2  sing N N 148 
ILE CB  HB   sing N N 149 
ILE CG1 CD1  sing N N 150 
ILE CG1 HG12 sing N N 151 
ILE CG1 HG13 sing N N 152 
ILE CG2 HG21 sing N N 153 
ILE CG2 HG22 sing N N 154 
ILE CG2 HG23 sing N N 155 
ILE CD1 HD11 sing N N 156 
ILE CD1 HD12 sing N N 157 
ILE CD1 HD13 sing N N 158 
ILE OXT HXT  sing N N 159 
LEU N   CA   sing N N 160 
LEU N   H    sing N N 161 
LEU N   H2   sing N N 162 
LEU CA  C    sing N N 163 
LEU CA  CB   sing N N 164 
LEU CA  HA   sing N N 165 
LEU C   O    doub N N 166 
LEU C   OXT  sing N N 167 
LEU CB  CG   sing N N 168 
LEU CB  HB2  sing N N 169 
LEU CB  HB3  sing N N 170 
LEU CG  CD1  sing N N 171 
LEU CG  CD2  sing N N 172 
LEU CG  HG   sing N N 173 
LEU CD1 HD11 sing N N 174 
LEU CD1 HD12 sing N N 175 
LEU CD1 HD13 sing N N 176 
LEU CD2 HD21 sing N N 177 
LEU CD2 HD22 sing N N 178 
LEU CD2 HD23 sing N N 179 
LEU OXT HXT  sing N N 180 
LYS N   CA   sing N N 181 
LYS N   H    sing N N 182 
LYS N   H2   sing N N 183 
LYS CA  C    sing N N 184 
LYS CA  CB   sing N N 185 
LYS CA  HA   sing N N 186 
LYS C   O    doub N N 187 
LYS C   OXT  sing N N 188 
LYS CB  CG   sing N N 189 
LYS CB  HB2  sing N N 190 
LYS CB  HB3  sing N N 191 
LYS CG  CD   sing N N 192 
LYS CG  HG2  sing N N 193 
LYS CG  HG3  sing N N 194 
LYS CD  CE   sing N N 195 
LYS CD  HD2  sing N N 196 
LYS CD  HD3  sing N N 197 
LYS CE  NZ   sing N N 198 
LYS CE  HE2  sing N N 199 
LYS CE  HE3  sing N N 200 
LYS NZ  HZ1  sing N N 201 
LYS NZ  HZ2  sing N N 202 
LYS NZ  HZ3  sing N N 203 
LYS OXT HXT  sing N N 204 
MET N   CA   sing N N 205 
MET N   H    sing N N 206 
MET N   H2   sing N N 207 
MET CA  C    sing N N 208 
MET CA  CB   sing N N 209 
MET CA  HA   sing N N 210 
MET C   O    doub N N 211 
MET C   OXT  sing N N 212 
MET CB  CG   sing N N 213 
MET CB  HB2  sing N N 214 
MET CB  HB3  sing N N 215 
MET CG  SD   sing N N 216 
MET CG  HG2  sing N N 217 
MET CG  HG3  sing N N 218 
MET SD  CE   sing N N 219 
MET CE  HE1  sing N N 220 
MET CE  HE2  sing N N 221 
MET CE  HE3  sing N N 222 
MET OXT HXT  sing N N 223 
PHE N   CA   sing N N 224 
PHE N   H    sing N N 225 
PHE N   H2   sing N N 226 
PHE CA  C    sing N N 227 
PHE CA  CB   sing N N 228 
PHE CA  HA   sing N N 229 
PHE C   O    doub N N 230 
PHE C   OXT  sing N N 231 
PHE CB  CG   sing N N 232 
PHE CB  HB2  sing N N 233 
PHE CB  HB3  sing N N 234 
PHE CG  CD1  doub Y N 235 
PHE CG  CD2  sing Y N 236 
PHE CD1 CE1  sing Y N 237 
PHE CD1 HD1  sing N N 238 
PHE CD2 CE2  doub Y N 239 
PHE CD2 HD2  sing N N 240 
PHE CE1 CZ   doub Y N 241 
PHE CE1 HE1  sing N N 242 
PHE CE2 CZ   sing Y N 243 
PHE CE2 HE2  sing N N 244 
PHE CZ  HZ   sing N N 245 
PHE OXT HXT  sing N N 246 
PRO N   CA   sing N N 247 
PRO N   CD   sing N N 248 
PRO N   H    sing N N 249 
PRO CA  C    sing N N 250 
PRO CA  CB   sing N N 251 
PRO CA  HA   sing N N 252 
PRO C   O    doub N N 253 
PRO C   OXT  sing N N 254 
PRO CB  CG   sing N N 255 
PRO CB  HB2  sing N N 256 
PRO CB  HB3  sing N N 257 
PRO CG  CD   sing N N 258 
PRO CG  HG2  sing N N 259 
PRO CG  HG3  sing N N 260 
PRO CD  HD2  sing N N 261 
PRO CD  HD3  sing N N 262 
PRO OXT HXT  sing N N 263 
SER N   CA   sing N N 264 
SER N   H    sing N N 265 
SER N   H2   sing N N 266 
SER CA  C    sing N N 267 
SER CA  CB   sing N N 268 
SER CA  HA   sing N N 269 
SER C   O    doub N N 270 
SER C   OXT  sing N N 271 
SER CB  OG   sing N N 272 
SER CB  HB2  sing N N 273 
SER CB  HB3  sing N N 274 
SER OG  HG   sing N N 275 
SER OXT HXT  sing N N 276 
THR N   CA   sing N N 277 
THR N   H    sing N N 278 
THR N   H2   sing N N 279 
THR CA  C    sing N N 280 
THR CA  CB   sing N N 281 
THR CA  HA   sing N N 282 
THR C   O    doub N N 283 
THR C   OXT  sing N N 284 
THR CB  OG1  sing N N 285 
THR CB  CG2  sing N N 286 
THR CB  HB   sing N N 287 
THR OG1 HG1  sing N N 288 
THR CG2 HG21 sing N N 289 
THR CG2 HG22 sing N N 290 
THR CG2 HG23 sing N N 291 
THR OXT HXT  sing N N 292 
TYR N   CA   sing N N 293 
TYR N   H    sing N N 294 
TYR N   H2   sing N N 295 
TYR CA  C    sing N N 296 
TYR CA  CB   sing N N 297 
TYR CA  HA   sing N N 298 
TYR C   O    doub N N 299 
TYR C   OXT  sing N N 300 
TYR CB  CG   sing N N 301 
TYR CB  HB2  sing N N 302 
TYR CB  HB3  sing N N 303 
TYR CG  CD1  doub Y N 304 
TYR CG  CD2  sing Y N 305 
TYR CD1 CE1  sing Y N 306 
TYR CD1 HD1  sing N N 307 
TYR CD2 CE2  doub Y N 308 
TYR CD2 HD2  sing N N 309 
TYR CE1 CZ   doub Y N 310 
TYR CE1 HE1  sing N N 311 
TYR CE2 CZ   sing Y N 312 
TYR CE2 HE2  sing N N 313 
TYR CZ  OH   sing N N 314 
TYR OH  HH   sing N N 315 
TYR OXT HXT  sing N N 316 
VAL N   CA   sing N N 317 
VAL N   H    sing N N 318 
VAL N   H2   sing N N 319 
VAL CA  C    sing N N 320 
VAL CA  CB   sing N N 321 
VAL CA  HA   sing N N 322 
VAL C   O    doub N N 323 
VAL C   OXT  sing N N 324 
VAL CB  CG1  sing N N 325 
VAL CB  CG2  sing N N 326 
VAL CB  HB   sing N N 327 
VAL CG1 HG11 sing N N 328 
VAL CG1 HG12 sing N N 329 
VAL CG1 HG13 sing N N 330 
VAL CG2 HG21 sing N N 331 
VAL CG2 HG22 sing N N 332 
VAL CG2 HG23 sing N N 333 
VAL OXT HXT  sing N N 334 
# 
_pdbx_audit_support.funding_organization   'Knut and Alice Wallenberg Foundation' 
_pdbx_audit_support.country                Sweden 
_pdbx_audit_support.grant_number           2014.0177 
_pdbx_audit_support.ordinal                1 
# 
_pdbx_initial_refinement_model.id               1 
_pdbx_initial_refinement_model.entity_id_list   ? 
_pdbx_initial_refinement_model.type             'experimental model' 
_pdbx_initial_refinement_model.source_name      PDB 
_pdbx_initial_refinement_model.accession_code   4PNO 
_pdbx_initial_refinement_model.details          ? 
# 
loop_
_pdbx_reflns_twin.domain_id 
_pdbx_reflns_twin.crystal_id 
_pdbx_reflns_twin.diffrn_id 
_pdbx_reflns_twin.fraction 
_pdbx_reflns_twin.operator 
_pdbx_reflns_twin.type 
_pdbx_reflns_twin.mean_F_square_over_mean_F2 
_pdbx_reflns_twin.mean_I2_over_mean_I_square 
1 1 1 0.313 'H,  K,  L'  ? ? ? 
2 1 1 0.687 '-K, -H, -L' ? ? ? 
# 
_atom_sites.entry_id                    7OGW 
_atom_sites.Cartn_transf_matrix[1][1]   ? 
_atom_sites.Cartn_transf_matrix[1][2]   ? 
_atom_sites.Cartn_transf_matrix[1][3]   ? 
_atom_sites.Cartn_transf_matrix[2][1]   ? 
_atom_sites.Cartn_transf_matrix[2][2]   ? 
_atom_sites.Cartn_transf_matrix[2][3]   ? 
_atom_sites.Cartn_transf_matrix[3][1]   ? 
_atom_sites.Cartn_transf_matrix[3][2]   ? 
_atom_sites.Cartn_transf_matrix[3][3]   ? 
_atom_sites.Cartn_transf_vector[1]      ? 
_atom_sites.Cartn_transf_vector[2]      ? 
_atom_sites.Cartn_transf_vector[3]      ? 
_atom_sites.fract_transf_matrix[1][1]   -0.01226778 
_atom_sites.fract_transf_matrix[1][2]   -0.01388002 
_atom_sites.fract_transf_matrix[1][3]   -0.00133098 
_atom_sites.fract_transf_matrix[2][1]   0.00176942 
_atom_sites.fract_transf_matrix[2][2]   -0.01270067 
_atom_sites.fract_transf_matrix[2][3]   -0.01343433 
_atom_sites.fract_transf_matrix[3][1]   0.02048542 
_atom_sites.fract_transf_matrix[3][2]   -0.02019548 
_atom_sites.fract_transf_matrix[3][3]   0.02179069 
_atom_sites.fract_transf_vector[1]      0.074076 
_atom_sites.fract_transf_vector[2]      0.337957 
_atom_sites.fract_transf_vector[3]      0.085681 
_atom_sites.solution_primary            ? 
_atom_sites.solution_secondary          ? 
_atom_sites.solution_hydrogens          ? 
_atom_sites.special_details             ? 
# 
loop_
_atom_type.symbol 
C 
N 
O 
S 
# 
loop_
_atom_site.group_PDB 
_atom_site.id 
_atom_site.type_symbol 
_atom_site.label_atom_id 
_atom_site.label_alt_id 
_atom_site.label_comp_id 
_atom_site.label_asym_id 
_atom_site.label_entity_id 
_atom_site.label_seq_id 
_atom_site.pdbx_PDB_ins_code 
_atom_site.Cartn_x 
_atom_site.Cartn_y 
_atom_site.Cartn_z 
_atom_site.occupancy 
_atom_site.B_iso_or_equiv 
_atom_site.pdbx_formal_charge 
_atom_site.auth_seq_id 
_atom_site.auth_comp_id 
_atom_site.auth_asym_id 
_atom_site.auth_atom_id 
_atom_site.pdbx_PDB_model_num 
ATOM   1   N N   . GLY A 1 1  ? -7.662  -13.405 13.071  1.00 15.15  ? 5   GLY A N   1 
ATOM   2   C CA  . GLY A 1 1  ? -6.414  -13.916 12.550  1.00 15.76  ? 5   GLY A CA  1 
ATOM   3   C C   . GLY A 1 1  ? -5.221  -13.154 13.088  1.00 14.12  ? 5   GLY A C   1 
ATOM   4   O O   . GLY A 1 1  ? -5.385  -12.363 14.020  1.00 17.07  ? 5   GLY A O   1 
ATOM   5   N N   . GLN A 1 2  ? -4.038  -13.471 12.582  1.00 14.36  ? 6   GLN A N   1 
ATOM   6   C CA  . GLN A 1 2  ? -2.797  -12.959 13.146  1.00 14.17  ? 6   GLN A CA  1 
ATOM   7   C C   . GLN A 1 2  ? -1.783  -12.701 12.017  1.00 12.40  ? 6   GLN A C   1 
ATOM   8   O O   . GLN A 1 2  ? -1.580  -13.454 11.112  1.00 13.62  ? 6   GLN A O   1 
ATOM   9   C CB  . GLN A 1 2  ? -2.255  -13.868 14.209  1.00 14.55  ? 6   GLN A CB  1 
ATOM   10  C CG  . GLN A 1 2  ? -1.848  -15.239 13.687  1.00 14.52  ? 6   GLN A CG  1 
ATOM   11  C CD  . GLN A 1 2  ? -1.661  -16.242 14.778  1.00 14.77  ? 6   GLN A CD  1 
ATOM   12  O OE1 . GLN A 1 2  ? -2.584  -16.580 15.491  1.00 15.11  ? 6   GLN A OE1 1 
ATOM   13  N NE2 . GLN A 1 2  ? -0.447  -16.782 14.860  1.00 17.87  ? 6   GLN A NE2 1 
ATOM   14  N N   . MET A 1 3  ? -1.105  -11.543 12.102  1.00 12.63  ? 7   MET A N   1 
ATOM   15  C CA  . MET A 1 3  ? 0.069   -11.244 11.278  1.00 14.15  ? 7   MET A CA  1 
ATOM   16  C C   . MET A 1 3  ? -0.362  -11.359 9.731   1.00 14.15  ? 7   MET A C   1 
ATOM   17  O O   . MET A 1 3  ? 0.314   -12.072 8.975   1.00 13.72  ? 7   MET A O   1 
ATOM   18  C CB  . MET A 1 3  ? 1.295   -12.074 11.699  1.00 12.21  ? 7   MET A CB  1 
ATOM   19  C CG  . MET A 1 3  ? 1.854   -11.806 13.026  1.00 16.24  ? 7   MET A CG  1 
ATOM   20  S SD  . MET A 1 3  ? 2.905   -13.076 13.552  1.00 18.15  ? 7   MET A SD  1 
ATOM   21  C CE  . MET A 1 3  ? 3.181   -12.508 15.220  1.00 16.89  ? 7   MET A CE  1 
ATOM   22  N N   . LEU A 1 4  ? -1.487  -10.621 9.286   1.00 13.10  ? 8   LEU A N   1 
ATOM   23  C CA  . LEU A 1 4  ? -2.002  -10.590 7.882   1.00 14.58  ? 8   LEU A CA  1 
ATOM   24  C C   . LEU A 1 4  ? -1.629  -9.317  7.094   1.00 10.49  ? 8   LEU A C   1 
ATOM   25  O O   . LEU A 1 4  ? -1.495  -9.362  5.840   1.00 12.78  ? 8   LEU A O   1 
ATOM   26  C CB  . LEU A 1 4  ? -3.477  -10.879 7.926   1.00 15.69  ? 8   LEU A CB  1 
ATOM   27  C CG  . LEU A 1 4  ? -3.889  -12.222 8.615   1.00 17.14  ? 8   LEU A CG  1 
ATOM   28  C CD1 . LEU A 1 4  ? -5.380  -12.376 8.622   1.00 17.71  ? 8   LEU A CD1 1 
ATOM   29  C CD2 . LEU A 1 4  ? -3.270  -13.499 7.984   1.00 21.83  ? 8   LEU A CD2 1 
ATOM   30  N N   . ALA A 1 5  ? -1.462  -8.203  7.763   1.00 9.39   ? 9   ALA A N   1 
ATOM   31  C CA  . ALA A 1 5  ? -1.173  -6.936  7.060   1.00 9.01   ? 9   ALA A CA  1 
ATOM   32  C C   . ALA A 1 5  ? 0.166   -6.978  6.314   1.00 9.22   ? 9   ALA A C   1 
ATOM   33  O O   . ALA A 1 5  ? 0.235   -6.512  5.188   1.00 10.55  ? 9   ALA A O   1 
ATOM   34  C CB  . ALA A 1 5  ? -1.221  -5.827  8.055   1.00 9.82   ? 9   ALA A CB  1 
ATOM   35  N N   . ASP A 1 6  ? 1.191   -7.572  6.913   1.00 9.37   ? 10  ASP A N   1 
ATOM   36  C CA  . ASP A 1 6  ? 2.507   -7.615  6.249   1.00 9.21   ? 10  ASP A CA  1 
ATOM   37  C C   . ASP A 1 6  ? 2.459   -8.569  5.084   1.00 9.94   ? 10  ASP A C   1 
ATOM   38  O O   . ASP A 1 6  ? 2.950   -8.216  3.994   1.00 10.58  ? 10  ASP A O   1 
ATOM   39  C CB  . ASP A 1 6  ? 3.597   -7.951  7.244   1.00 9.48   ? 10  ASP A CB  1 
ATOM   40  C CG  . ASP A 1 6  ? 3.870   -6.905  8.297   1.00 10.36  ? 10  ASP A CG  1 
ATOM   41  O OD1 . ASP A 1 6  ? 3.278   -5.800  8.291   1.00 12.91  ? 10  ASP A OD1 1 
ATOM   42  O OD2 . ASP A 1 6  ? 4.649   -7.252  9.225   1.00 12.97  ? 10  ASP A OD2 1 
ATOM   43  N N   . PRO A 1 7  ? 1.890   -9.792  5.167   1.00 10.15  ? 11  PRO A N   1 
ATOM   44  C CA  . PRO A 1 7  ? 1.813   -10.635 3.969   1.00 11.22  ? 11  PRO A CA  1 
ATOM   45  C C   . PRO A 1 7  ? 1.072   -9.959  2.837   1.00 9.96   ? 11  PRO A C   1 
ATOM   46  O O   . PRO A 1 7  ? 1.450   -10.128 1.699   1.00 10.59  ? 11  PRO A O   1 
ATOM   47  C CB  . PRO A 1 7  ? 1.158   -11.888 4.458   1.00 14.76  ? 11  PRO A CB  1 
ATOM   48  C CG  . PRO A 1 7  ? 1.377   -11.961 5.912   1.00 13.01  ? 11  PRO A CG  1 
ATOM   49  C CD  . PRO A 1 7  ? 1.572   -10.557 6.401   1.00 10.35  ? 11  PRO A CD  1 
ATOM   50  N N   . PHE A 1 8  ? 0.040   -9.202  3.149   1.00 10.08  ? 12  PHE A N   1 
ATOM   51  C CA  . PHE A 1 8  ? -0.748  -8.502  2.099   1.00 9.87   ? 12  PHE A CA  1 
ATOM   52  C C   . PHE A 1 8  ? 0.156   -7.468  1.421   1.00 9.81   ? 12  PHE A C   1 
ATOM   53  O O   . PHE A 1 8  ? 0.256   -7.503  0.168   1.00 10.38  ? 12  PHE A O   1 
ATOM   54  C CB  . PHE A 1 8  ? -1.976  -7.871  2.767   1.00 10.70  ? 12  PHE A CB  1 
ATOM   55  C CG  . PHE A 1 8  ? -2.919  -7.268  1.781   1.00 13.78  ? 12  PHE A CG  1 
ATOM   56  C CD1 . PHE A 1 8  ? -3.983  -8.029  1.279   1.00 20.02  ? 12  PHE A CD1 1 
ATOM   57  C CD2 . PHE A 1 8  ? -2.786  -5.925  1.438   1.00 17.44  ? 12  PHE A CD2 1 
ATOM   58  C CE1 . PHE A 1 8  ? -4.910  -7.458  0.444   1.00 22.79  ? 12  PHE A CE1 1 
ATOM   59  C CE2 . PHE A 1 8  ? -3.723  -5.382  0.571   1.00 22.39  ? 12  PHE A CE2 1 
ATOM   60  C CZ  . PHE A 1 8  ? -4.721  -6.170  0.091   1.00 20.98  ? 12  PHE A CZ  1 
ATOM   61  N N   . LEU A 1 9  ? 0.809   -6.603  2.186   1.00 9.33   ? 13  LEU A N   1 
ATOM   62  C CA  . LEU A 1 9  ? 1.652   -5.555  1.529   1.00 10.00  ? 13  LEU A CA  1 
ATOM   63  C C   . LEU A 1 9  ? 2.824   -6.245  0.814   1.00 9.74   ? 13  LEU A C   1 
ATOM   64  O O   . LEU A 1 9  ? 3.206   -5.777  -0.250  1.00 9.95   ? 13  LEU A O   1 
ATOM   65  C CB  . LEU A 1 9  ? 2.185   -4.563  2.580   1.00 10.53  ? 13  LEU A CB  1 
ATOM   66  C CG  . LEU A 1 9  ? 1.110   -3.617  3.172   1.00 13.24  ? 13  LEU A CG  1 
ATOM   67  C CD1 . LEU A 1 9  ? 1.716   -2.673  4.185   1.00 18.05  ? 13  LEU A CD1 1 
ATOM   68  C CD2 . LEU A 1 9  ? 0.444   -2.777  2.062   1.00 17.00  ? 13  LEU A CD2 1 
ATOM   69  N N   A ASN A 1 10 ? 3.422   -7.285  1.413   0.60 9.33   ? 14  ASN A N   1 
ATOM   70  N N   B ASN A 1 10 ? 3.352   -7.312  1.388   0.40 9.95   ? 14  ASN A N   1 
ATOM   71  C CA  A ASN A 1 10 ? 4.531   -7.967  0.736   0.60 10.07  ? 14  ASN A CA  1 
ATOM   72  C CA  B ASN A 1 10 ? 4.521   -7.928  0.764   0.40 10.79  ? 14  ASN A CA  1 
ATOM   73  C C   A ASN A 1 10 ? 4.106   -8.573  -0.592  0.60 10.00  ? 14  ASN A C   1 
ATOM   74  C C   B ASN A 1 10 ? 4.106   -8.554  -0.580  0.40 10.25  ? 14  ASN A C   1 
ATOM   75  O O   A ASN A 1 10 ? 4.947   -8.601  -1.475  0.60 10.92  ? 14  ASN A O   1 
ATOM   76  O O   B ASN A 1 10 ? 4.879   -8.440  -1.530  0.40 11.32  ? 14  ASN A O   1 
ATOM   77  C CB  A ASN A 1 10 ? 5.168   -9.021  1.638   0.60 10.37  ? 14  ASN A CB  1 
ATOM   78  C CB  B ASN A 1 10 ? 5.165   -8.822  1.805   0.40 11.32  ? 14  ASN A CB  1 
ATOM   79  C CG  A ASN A 1 10 ? 6.214   -8.418  2.548   0.60 11.61  ? 14  ASN A CG  1 
ATOM   80  C CG  B ASN A 1 10 ? 6.621   -9.046  1.537   0.40 14.44  ? 14  ASN A CG  1 
ATOM   81  O OD1 A ASN A 1 10 ? 6.984   -7.547  2.115   0.60 13.59  ? 14  ASN A OD1 1 
ATOM   82  O OD1 B ASN A 1 10 ? 7.404   -8.132  1.337   0.40 17.67  ? 14  ASN A OD1 1 
ATOM   83  N ND2 A ASN A 1 10 ? 6.248   -8.858  3.801   0.60 11.73  ? 14  ASN A ND2 1 
ATOM   84  N ND2 B ASN A 1 10 ? 7.012   -10.289 1.557   0.40 20.23  ? 14  ASN A ND2 1 
ATOM   85  N N   . ALA A 1 11 ? 2.923   -9.177  -0.694  1.00 10.06  ? 15  ALA A N   1 
ATOM   86  C CA  . ALA A 1 11 ? 2.453   -9.776  -1.928  1.00 10.70  ? 15  ALA A CA  1 
ATOM   87  C C   . ALA A 1 11 ? 2.305   -8.685  -2.992  1.00 10.09  ? 15  ALA A C   1 
ATOM   88  O O   . ALA A 1 11 ? 2.712   -8.840  -4.123  1.00 11.72  ? 15  ALA A O   1 
ATOM   89  C CB  . ALA A 1 11 ? 1.199   -10.532 -1.716  1.00 11.75  ? 15  ALA A CB  1 
ATOM   90  N N   . LEU A 1 12 ? 1.701   -7.560  -2.582  1.00 10.37  ? 16  LEU A N   1 
ATOM   91  C CA  . LEU A 1 12 ? 1.572   -6.422  -3.510  1.00 10.97  ? 16  LEU A CA  1 
ATOM   92  C C   . LEU A 1 12 ? 2.933   -5.930  -4.000  1.00 10.57  ? 16  LEU A C   1 
ATOM   93  O O   . LEU A 1 12 ? 3.082   -5.625  -5.192  1.00 11.49  ? 16  LEU A O   1 
ATOM   94  C CB  . LEU A 1 12 ? 0.805   -5.290  -2.839  1.00 11.71  ? 16  LEU A CB  1 
ATOM   95  C CG  . LEU A 1 12 ? -0.633  -5.579  -2.448  1.00 14.00  ? 16  LEU A CG  1 
ATOM   96  C CD1 . LEU A 1 12 ? -1.152  -4.450  -1.535  1.00 18.38  ? 16  LEU A CD1 1 
ATOM   97  C CD2 . LEU A 1 12 ? -1.518  -5.737  -3.621  1.00 17.06  ? 16  LEU A CD2 1 
ATOM   98  N N   . ARG A 1 13 ? 3.890   -5.847  -3.089  1.00 10.33  ? 17  ARG A N   1 
ATOM   99  C CA  . ARG A 1 13 ? 5.236   -5.360  -3.397  1.00 10.74  ? 17  ARG A CA  1 
ATOM   100 C C   . ARG A 1 13 ? 5.919   -6.334  -4.360  1.00 11.05  ? 17  ARG A C   1 
ATOM   101 O O   . ARG A 1 13 ? 6.465   -5.897  -5.384  1.00 12.43  ? 17  ARG A O   1 
ATOM   102 C CB  . ARG A 1 13 ? 6.015   -5.259  -2.075  1.00 12.54  ? 17  ARG A CB  1 
ATOM   103 C CG  . ARG A 1 13 ? 7.464   -4.858  -2.224  1.00 14.00  ? 17  ARG A CG  1 
ATOM   104 C CD  . ARG A 1 13 ? 8.193   -4.850  -0.878  1.00 15.89  ? 17  ARG A CD  1 
ATOM   105 N NE  . ARG A 1 13 ? 8.398   -6.201  -0.327  1.00 18.26  ? 17  ARG A NE  1 
ATOM   106 C CZ  . ARG A 1 13 ? 9.350   -7.050  -0.696  1.00 21.04  ? 17  ARG A CZ  1 
ATOM   107 N NH1 . ARG A 1 13 ? 10.239  -6.718  -1.608  1.00 26.34  ? 17  ARG A NH1 1 
ATOM   108 N NH2 . ARG A 1 13 ? 9.370   -8.259  -0.161  1.00 26.86  ? 17  ARG A NH2 1 
ATOM   109 N N   . LYS A 1 14 ? 5.918   -7.607  -4.019  1.00 11.29  ? 18  LYS A N   1 
ATOM   110 C CA  . LYS A 1 14 ? 6.648   -8.606  -4.832  1.00 11.83  ? 18  LYS A CA  1 
ATOM   111 C C   . LYS A 1 14 ? 5.982   -8.836  -6.200  1.00 12.99  ? 18  LYS A C   1 
ATOM   112 O O   . LYS A 1 14 ? 6.729   -9.130  -7.140  1.00 14.79  ? 18  LYS A O   1 
ATOM   113 C CB  . LYS A 1 14 ? 6.741   -9.900  -4.043  1.00 14.36  ? 18  LYS A CB  1 
ATOM   114 C CG  . LYS A 1 14 ? 7.646   -9.845  -2.824  1.00 18.82  ? 18  LYS A CG  1 
ATOM   115 C CD  . LYS A 1 14 ? 7.684   -11.197 -2.134  1.00 27.14  ? 18  LYS A CD  1 
ATOM   116 C CE  . LYS A 1 14 ? 7.524   -11.148 -0.644  1.00 34.94  ? 18  LYS A CE  1 
ATOM   117 N NZ  . LYS A 1 14 ? 7.553   -12.514 -0.058  1.00 46.99  ? 18  LYS A NZ  1 
ATOM   118 N N   . GLU A 1 15 ? 4.659   -8.741  -6.314  1.00 12.21  ? 19  GLU A N   1 
ATOM   119 C CA  . GLU A 1 15 ? 3.925   -9.038  -7.553  1.00 13.07  ? 19  GLU A CA  1 
ATOM   120 C C   . GLU A 1 15 ? 3.718   -7.752  -8.352  1.00 12.81  ? 19  GLU A C   1 
ATOM   121 O O   . GLU A 1 15 ? 3.101   -7.805  -9.415  1.00 13.86  ? 19  GLU A O   1 
ATOM   122 C CB  . GLU A 1 15 ? 2.655   -9.799  -7.256  1.00 13.27  ? 19  GLU A CB  1 
ATOM   123 C CG  . GLU A 1 15 ? 2.963   -11.144 -6.598  1.00 16.69  ? 19  GLU A CG  1 
ATOM   124 C CD  . GLU A 1 15 ? 1.783   -11.996 -6.219  1.00 20.80  ? 19  GLU A CD  1 
ATOM   125 O OE1 . GLU A 1 15 ? 0.751   -11.820 -6.811  1.00 25.84  ? 19  GLU A OE1 1 
ATOM   126 O OE2 . GLU A 1 15 ? 1.876   -12.694 -5.218  1.00 31.41  ? 19  GLU A OE2 1 
ATOM   127 N N   . HIS A 1 16 ? 4.164   -6.623  -7.823  1.00 11.97  ? 20  HIS A N   1 
ATOM   128 C CA  . HIS A 1 16 ? 4.065   -5.362  -8.583  1.00 12.53  ? 20  HIS A CA  1 
ATOM   129 C C   . HIS A 1 16 ? 2.617   -5.044  -8.952  1.00 12.34  ? 20  HIS A C   1 
ATOM   130 O O   . HIS A 1 16 ? 2.336   -4.486  -10.039 1.00 14.13  ? 20  HIS A O   1 
ATOM   131 C CB  . HIS A 1 16 ? 4.961   -5.276  -9.818  1.00 12.18  ? 20  HIS A CB  1 
ATOM   132 C CG  . HIS A 1 16 ? 6.326   -5.817  -9.540  1.00 12.88  ? 20  HIS A CG  1 
ATOM   133 N ND1 . HIS A 1 16 ? 7.298   -5.111  -8.866  1.00 15.49  ? 20  HIS A ND1 1 
ATOM   134 C CD2 . HIS A 1 16 ? 6.889   -7.008  -9.863  1.00 16.69  ? 20  HIS A CD2 1 
ATOM   135 C CE1 . HIS A 1 16 ? 8.366   -5.851  -8.669  1.00 17.35  ? 20  HIS A CE1 1 
ATOM   136 N NE2 . HIS A 1 16 ? 8.141   -7.011  -9.237  1.00 17.66  ? 20  HIS A NE2 1 
ATOM   137 N N   . VAL A 1 17 ? 1.704   -5.233  -8.006  1.00 11.94  ? 21  VAL A N   1 
ATOM   138 C CA  . VAL A 1 17 ? 0.281   -4.995  -8.279  1.00 11.03  ? 21  VAL A CA  1 
ATOM   139 C C   . VAL A 1 17 ? -0.003  -3.531  -7.994  1.00 10.37  ? 21  VAL A C   1 
ATOM   140 O O   . VAL A 1 17 ? 0.197   -3.032  -6.884  1.00 11.42  ? 21  VAL A O   1 
ATOM   141 C CB  . VAL A 1 17 ? -0.568  -5.913  -7.362  1.00 13.04  ? 21  VAL A CB  1 
ATOM   142 C CG1 . VAL A 1 17 ? -2.069  -5.700  -7.591  1.00 13.45  ? 21  VAL A CG1 1 
ATOM   143 C CG2 . VAL A 1 17 ? -0.229  -7.382  -7.527  1.00 16.98  ? 21  VAL A CG2 1 
ATOM   144 N N   . PRO A 1 18 ? -0.612  -2.803  -8.938  1.00 10.96  ? 22  PRO A N   1 
ATOM   145 C CA  . PRO A 1 18 ? -0.985  -1.427  -8.671  1.00 12.29  ? 22  PRO A CA  1 
ATOM   146 C C   . PRO A 1 18 ? -2.054  -1.356  -7.580  1.00 10.38  ? 22  PRO A C   1 
ATOM   147 O O   . PRO A 1 18 ? -2.906  -2.247  -7.476  1.00 11.72  ? 22  PRO A O   1 
ATOM   148 C CB  . PRO A 1 18 ? -1.590  -0.955  -10.000 1.00 14.69  ? 22  PRO A CB  1 
ATOM   149 C CG  . PRO A 1 18 ? -1.055  -1.863  -11.035 1.00 16.71  ? 22  PRO A CG  1 
ATOM   150 C CD  . PRO A 1 18 ? -0.941  -3.198  -10.333 1.00 13.07  ? 22  PRO A CD  1 
ATOM   151 N N   . VAL A 1 19 ? -1.944  -0.320  -6.781  1.00 10.11  ? 23  VAL A N   1 
ATOM   152 C CA  . VAL A 1 19 ? -2.909  -0.082  -5.693  1.00 9.19   ? 23  VAL A CA  1 
ATOM   153 C C   . VAL A 1 19 ? -3.463  1.338   -5.748  1.00 9.09   ? 23  VAL A C   1 
ATOM   154 O O   . VAL A 1 19 ? -2.808  2.271   -6.285  1.00 9.62   ? 23  VAL A O   1 
ATOM   155 C CB  . VAL A 1 19 ? -2.304  -0.354  -4.297  1.00 9.01   ? 23  VAL A CB  1 
ATOM   156 C CG1 . VAL A 1 19 ? -1.828  -1.781  -4.194  1.00 10.98  ? 23  VAL A CG1 1 
ATOM   157 C CG2 . VAL A 1 19 ? -1.176  0.598   -3.934  1.00 10.00  ? 23  VAL A CG2 1 
ATOM   158 N N   . SER A 1 20 ? -4.608  1.496   -5.097  1.00 9.06   ? 24  SER A N   1 
ATOM   159 C CA  . SER A 1 20 ? -5.177  2.770   -4.734  1.00 8.97   ? 24  SER A CA  1 
ATOM   160 C C   . SER A 1 20 ? -5.175  2.840   -3.191  1.00 8.33   ? 24  SER A C   1 
ATOM   161 O O   . SER A 1 20 ? -5.750  1.946   -2.564  1.00 9.50   ? 24  SER A O   1 
ATOM   162 C CB  . SER A 1 20 ? -6.558  2.936   -5.257  1.00 9.36   ? 24  SER A CB  1 
ATOM   163 O OG  . SER A 1 20 ? -6.583  2.864   -6.713  1.00 10.88  ? 24  SER A OG  1 
ATOM   164 N N   . ILE A 1 21 ? -4.573  3.862   -2.655  1.00 8.41   ? 25  ILE A N   1 
ATOM   165 C CA  . ILE A 1 21 ? -4.519  4.089   -1.195  1.00 8.78   ? 25  ILE A CA  1 
ATOM   166 C C   . ILE A 1 21 ? -5.385  5.281   -0.859  1.00 7.94   ? 25  ILE A C   1 
ATOM   167 O O   . ILE A 1 21 ? -5.106  6.397   -1.312  1.00 9.40   ? 25  ILE A O   1 
ATOM   168 C CB  . ILE A 1 21 ? -3.061  4.293   -0.719  1.00 8.67   ? 25  ILE A CB  1 
ATOM   169 C CG1 . ILE A 1 21 ? -2.186  3.091   -1.112  1.00 9.62   ? 25  ILE A CG1 1 
ATOM   170 C CG2 . ILE A 1 21 ? -3.058  4.518   0.776   1.00 9.83   ? 25  ILE A CG2 1 
ATOM   171 C CD1 . ILE A 1 21 ? -0.838  3.009   -0.469  1.00 11.75  ? 25  ILE A CD1 1 
ATOM   172 N N   . TYR A 1 22 ? -6.449  5.034   -0.113  1.00 8.02   ? 26  TYR A N   1 
ATOM   173 C CA  . TYR A 1 22 ? -7.379  6.087   0.263   1.00 8.04   ? 26  TYR A CA  1 
ATOM   174 C C   . TYR A 1 22 ? -6.956  6.603   1.627   1.00 8.17   ? 26  TYR A C   1 
ATOM   175 O O   . TYR A 1 22 ? -6.904  5.841   2.592   1.00 12.10  ? 26  TYR A O   1 
ATOM   176 C CB  . TYR A 1 22 ? -8.798  5.507   0.304   1.00 8.79   ? 26  TYR A CB  1 
ATOM   177 C CG  . TYR A 1 22 ? -9.298  5.146   -1.053  1.00 8.43   ? 26  TYR A CG  1 
ATOM   178 C CD1 . TYR A 1 22 ? -8.953  3.937   -1.653  1.00 9.11   ? 26  TYR A CD1 1 
ATOM   179 C CD2 . TYR A 1 22 ? -10.051 6.020   -1.822  1.00 11.02  ? 26  TYR A CD2 1 
ATOM   180 C CE1 . TYR A 1 22 ? -9.374  3.594   -2.926  1.00 9.73   ? 26  TYR A CE1 1 
ATOM   181 C CE2 . TYR A 1 22 ? -10.511 5.692   -3.103  1.00 12.70  ? 26  TYR A CE2 1 
ATOM   182 C CZ  . TYR A 1 22 ? -10.149 4.481   -3.658  1.00 12.02  ? 26  TYR A CZ  1 
ATOM   183 O OH  . TYR A 1 22 ? -10.566 4.203   -4.922  1.00 14.39  ? 26  TYR A OH  1 
ATOM   184 N N   . LEU A 1 23 ? -6.730  7.888   1.747   1.00 8.07   ? 27  LEU A N   1 
ATOM   185 C CA  . LEU A 1 23 ? -6.297  8.543   2.981   1.00 8.13   ? 27  LEU A CA  1 
ATOM   186 C C   . LEU A 1 23 ? -7.444  9.161   3.715   1.00 8.61   ? 27  LEU A C   1 
ATOM   187 O O   . LEU A 1 23 ? -8.540  9.404   3.129   1.00 11.05  ? 27  LEU A O   1 
ATOM   188 C CB  . LEU A 1 23 ? -5.242  9.605   2.666   1.00 8.44   ? 27  LEU A CB  1 
ATOM   189 C CG  . LEU A 1 23 ? -4.034  9.140   1.859   1.00 8.52   ? 27  LEU A CG  1 
ATOM   190 C CD1 . LEU A 1 23 ? -3.044  10.271  1.652   1.00 10.02  ? 27  LEU A CD1 1 
ATOM   191 C CD2 . LEU A 1 23 ? -3.366  7.931   2.480   1.00 10.57  ? 27  LEU A CD2 1 
ATOM   192 N N   . VAL A 1 24 ? -7.264  9.419   4.993   1.00 9.37   ? 28  VAL A N   1 
ATOM   193 C CA  . VAL A 1 24 ? -8.352  9.924   5.864   1.00 10.79  ? 28  VAL A CA  1 
ATOM   194 C C   . VAL A 1 24 ? -8.841  11.327  5.492   1.00 11.42  ? 28  VAL A C   1 
ATOM   195 O O   . VAL A 1 24 ? -9.925  11.681  5.990   1.00 15.79  ? 28  VAL A O   1 
ATOM   196 C CB  . VAL A 1 24 ? -7.955  9.787   7.334   1.00 12.28  ? 28  VAL A CB  1 
ATOM   197 C CG1 . VAL A 1 24 ? -7.829  8.334   7.803   1.00 14.10  ? 28  VAL A CG1 1 
ATOM   198 C CG2 . VAL A 1 24 ? -6.779  10.605  7.689   1.00 11.05  ? 28  VAL A CG2 1 
ATOM   199 N N   . ASN A 1 25 ? -8.078  12.103  4.735   1.00 11.37  ? 29  ASN A N   1 
ATOM   200 C CA  . ASN A 1 25 ? -8.425  13.463  4.213   1.00 13.98  ? 29  ASN A CA  1 
ATOM   201 C C   . ASN A 1 25 ? -9.131  13.387  2.863   1.00 12.07  ? 29  ASN A C   1 
ATOM   202 O O   . ASN A 1 25 ? -9.338  14.473  2.270   1.00 14.01  ? 29  ASN A O   1 
ATOM   203 C CB  . ASN A 1 25 ? -7.106  14.354  4.149   1.00 15.23  ? 29  ASN A CB  1 
ATOM   204 C CG  . ASN A 1 25 ? -5.895  13.756  3.417   1.00 14.02  ? 29  ASN A CG  1 
ATOM   205 O OD1 . ASN A 1 25 ? -6.122  12.866  2.615   1.00 11.88  ? 29  ASN A OD1 1 
ATOM   206 N ND2 . ASN A 1 25 ? -4.641  14.133  3.740   1.00 13.72  ? 29  ASN A ND2 1 
ATOM   207 N N   . GLY A 1 26 ? -9.330  12.227  2.306   1.00 10.85  ? 30  GLY A N   1 
ATOM   208 C CA  . GLY A 1 26 ? -9.972  12.073  1.035   1.00 11.64  ? 30  GLY A CA  1 
ATOM   209 C C   . GLY A 1 26 ? -9.061  12.025  -0.158  1.00 11.59  ? 30  GLY A C   1 
ATOM   210 O O   . GLY A 1 26 ? -9.563  11.757  -1.258  1.00 14.74  ? 30  GLY A O   1 
ATOM   211 N N   . ILE A 1 27 ? -7.772  12.220  -0.008  1.00 9.83   ? 31  ILE A N   1 
ATOM   212 C CA  . ILE A 1 27 ? -6.812  11.982  -1.047  1.00 10.25  ? 31  ILE A CA  1 
ATOM   213 C C   . ILE A 1 27 ? -6.819  10.490  -1.389  1.00 9.13   ? 31  ILE A C   1 
ATOM   214 O O   . ILE A 1 27 ? -6.810  9.657   -0.527  1.00 9.84   ? 31  ILE A O   1 
ATOM   215 C CB  . ILE A 1 27 ? -5.389  12.468  -0.641  1.00 11.12  ? 31  ILE A CB  1 
ATOM   216 C CG1 . ILE A 1 27 ? -5.388  13.977  -0.437  1.00 12.88  ? 31  ILE A CG1 1 
ATOM   217 C CG2 . ILE A 1 27 ? -4.346  12.021  -1.642  1.00 12.77  ? 31  ILE A CG2 1 
ATOM   218 C CD1 . ILE A 1 27 ? -4.034  14.469  0.091   1.00 14.96  ? 31  ILE A CD1 1 
ATOM   219 N N   . LYS A 1 28 ? -6.755  10.211  -2.697  1.00 9.77   ? 32  LYS A N   1 
ATOM   220 C CA  . LYS A 1 28 ? -6.519  8.887   -3.219  1.00 9.21   ? 32  LYS A CA  1 
ATOM   221 C C   . LYS A 1 28 ? -5.168  8.900   -3.921  1.00 9.63   ? 32  LYS A C   1 
ATOM   222 O O   . LYS A 1 28 ? -4.982  9.678   -4.896  1.00 12.16  ? 32  LYS A O   1 
ATOM   223 C CB  . LYS A 1 28 ? -7.600  8.441   -4.176  1.00 11.06  ? 32  LYS A CB  1 
ATOM   224 C CG  . LYS A 1 28 ? -7.421  7.040   -4.709  1.00 12.48  ? 32  LYS A CG  1 
ATOM   225 C CD  . LYS A 1 28 ? -8.406  6.678   -5.775  1.00 14.89  ? 32  LYS A CD  1 
ATOM   226 C CE  . LYS A 1 28 ? -7.925  7.156   -7.081  1.00 18.47  ? 32  LYS A CE  1 
ATOM   227 N NZ  . LYS A 1 28 ? -8.853  6.638   -8.115  1.00 22.74  ? 32  LYS A NZ  1 
ATOM   228 N N   . LEU A 1 29 ? -4.260  8.041   -3.487  1.00 8.93   ? 33  LEU A N   1 
ATOM   229 C CA  . LEU A 1 29 ? -2.935  7.876   -4.110  1.00 9.08   ? 33  LEU A CA  1 
ATOM   230 C C   . LEU A 1 29 ? -2.969  6.577   -4.940  1.00 9.05   ? 33  LEU A C   1 
ATOM   231 O O   . LEU A 1 29 ? -3.625  5.635   -4.556  1.00 10.79  ? 33  LEU A O   1 
ATOM   232 C CB  . LEU A 1 29 ? -1.850  7.752   -3.065  1.00 10.05  ? 33  LEU A CB  1 
ATOM   233 C CG  . LEU A 1 29 ? -1.775  8.897   -2.048  1.00 11.08  ? 33  LEU A CG  1 
ATOM   234 C CD1 . LEU A 1 29 ? -0.698  8.604   -0.977  1.00 11.54  ? 33  LEU A CD1 1 
ATOM   235 C CD2 . LEU A 1 29 ? -1.445  10.236  -2.757  1.00 12.33  ? 33  LEU A CD2 1 
ATOM   236 N N   . GLN A 1 30 ? -2.249  6.554   -6.057  1.00 9.99   ? 34  GLN A N   1 
ATOM   237 C CA  . GLN A 1 30 ? -2.100  5.357   -6.865  1.00 10.15  ? 34  GLN A CA  1 
ATOM   238 C C   . GLN A 1 30 ? -0.619  5.098   -7.121  1.00 10.72  ? 34  GLN A C   1 
ATOM   239 O O   . GLN A 1 30 ? 0.131   6.039   -7.358  1.00 12.35  ? 34  GLN A O   1 
ATOM   240 C CB  . GLN A 1 30 ? -2.865  5.436   -8.183  1.00 11.22  ? 34  GLN A CB  1 
ATOM   241 C CG  . GLN A 1 30 ? -4.360  5.422   -7.933  1.00 12.87  ? 34  GLN A CG  1 
ATOM   242 C CD  . GLN A 1 30 ? -5.168  5.381   -9.181  1.00 15.17  ? 34  GLN A CD  1 
ATOM   243 O OE1 . GLN A 1 30 ? -5.190  6.338   -9.937  1.00 26.98  ? 34  GLN A OE1 1 
ATOM   244 N NE2 . GLN A 1 30 ? -5.909  4.313   -9.364  1.00 26.25  ? 34  GLN A NE2 1 
ATOM   245 N N   . GLY A 1 31 ? -0.234  3.839   -7.137  1.00 9.98   ? 35  GLY A N   1 
ATOM   246 C CA  . GLY A 1 31 ? 1.110   3.466   -7.518  1.00 10.72  ? 35  GLY A CA  1 
ATOM   247 C C   . GLY A 1 31 ? 1.417   2.058   -7.090  1.00 10.22  ? 35  GLY A C   1 
ATOM   248 O O   . GLY A 1 31 ? 0.510   1.244   -6.883  1.00 10.83  ? 35  GLY A O   1 
ATOM   249 N N   . GLN A 1 32 ? 2.689   1.797   -6.962  1.00 9.36   ? 36  GLN A N   1 
ATOM   250 C CA  . GLN A 1 32 ? 3.247   0.519   -6.540  1.00 10.51  ? 36  GLN A CA  1 
ATOM   251 C C   . GLN A 1 32 ? 3.728   0.594   -5.116  1.00 9.43   ? 36  GLN A C   1 
ATOM   252 O O   . GLN A 1 32 ? 4.420   1.575   -4.756  1.00 9.44   ? 36  GLN A O   1 
ATOM   253 C CB  . GLN A 1 32 ? 4.500   0.231   -7.438  1.00 13.36  ? 36  GLN A CB  1 
ATOM   254 C CG  . GLN A 1 32 ? 4.296   0.020   -8.893  1.00 14.64  ? 36  GLN A CG  1 
ATOM   255 C CD  . GLN A 1 32 ? 3.680   -1.327  -9.106  1.00 17.29  ? 36  GLN A CD  1 
ATOM   256 O OE1 . GLN A 1 32 ? 4.276   -2.331  -8.686  1.00 19.37  ? 36  GLN A OE1 1 
ATOM   257 N NE2 . GLN A 1 32 ? 2.494   -1.403  -9.723  1.00 18.17  ? 36  GLN A NE2 1 
ATOM   258 N N   . VAL A 1 33 ? 3.499   -0.434  -4.313  1.00 8.91   ? 37  VAL A N   1 
ATOM   259 C CA  . VAL A 1 33 ? 4.089   -0.556  -2.979  1.00 8.37   ? 37  VAL A CA  1 
ATOM   260 C C   . VAL A 1 33 ? 5.547   -0.884  -3.133  1.00 9.03   ? 37  VAL A C   1 
ATOM   261 O O   . VAL A 1 33 ? 5.888   -1.999  -3.533  1.00 11.11  ? 37  VAL A O   1 
ATOM   262 C CB  . VAL A 1 33 ? 3.330   -1.608  -2.148  1.00 10.31  ? 37  VAL A CB  1 
ATOM   263 C CG1 . VAL A 1 33 ? 4.007   -1.766  -0.809  1.00 10.47  ? 37  VAL A CG1 1 
ATOM   264 C CG2 . VAL A 1 33 ? 1.861   -1.231  -1.992  1.00 11.98  ? 37  VAL A CG2 1 
ATOM   265 N N   . GLU A 1 34 ? 6.401   0.053   -2.816  1.00 9.02   ? 38  GLU A N   1 
ATOM   266 C CA  . GLU A 1 34 ? 7.857   -0.159  -2.937  1.00 10.03  ? 38  GLU A CA  1 
ATOM   267 C C   . GLU A 1 34 ? 8.427   -0.871  -1.716  1.00 9.93   ? 38  GLU A C   1 
ATOM   268 O O   . GLU A 1 34 ? 9.276   -1.767  -1.841  1.00 11.45  ? 38  GLU A O   1 
ATOM   269 C CB  . GLU A 1 34 ? 8.523   1.195   -3.127  1.00 10.51  ? 38  GLU A CB  1 
ATOM   270 C CG  . GLU A 1 34 ? 10.022  1.149   -3.327  1.00 12.98  ? 38  GLU A CG  1 
ATOM   271 C CD  . GLU A 1 34 ? 10.569  2.469   -3.796  1.00 13.31  ? 38  GLU A CD  1 
ATOM   272 O OE1 . GLU A 1 34 ? 10.078  3.032   -4.780  1.00 13.67  ? 38  GLU A OE1 1 
ATOM   273 O OE2 . GLU A 1 34 ? 11.437  3.018   -3.123  1.00 18.00  ? 38  GLU A OE2 1 
ATOM   274 N N   . SER A 1 35 ? 7.975   -0.453  -0.543  1.00 10.24  ? 39  SER A N   1 
ATOM   275 C CA  . SER A 1 35 ? 8.475   -0.996  0.731   1.00 9.97   ? 39  SER A CA  1 
ATOM   276 C C   . SER A 1 35 ? 7.542   -0.488  1.817   1.00 8.86   ? 39  SER A C   1 
ATOM   277 O O   . SER A 1 35 ? 6.689   0.373   1.585   1.00 9.26   ? 39  SER A O   1 
ATOM   278 C CB  . SER A 1 35 ? 9.908   -0.573  0.967   1.00 10.71  ? 39  SER A CB  1 
ATOM   279 O OG  . SER A 1 35 ? 9.995   0.795   0.973   1.00 14.54  ? 39  SER A OG  1 
ATOM   280 N N   . PHE A 1 36 ? 7.702   -1.024  2.982   1.00 9.29   ? 40  PHE A N   1 
ATOM   281 C CA  . PHE A 1 36 ? 6.929   -0.562  4.165   1.00 8.62   ? 40  PHE A CA  1 
ATOM   282 C C   . PHE A 1 36 ? 7.690   -0.929  5.438   1.00 8.69   ? 40  PHE A C   1 
ATOM   283 O O   . PHE A 1 36 ? 8.540   -1.826  5.438   1.00 9.64   ? 40  PHE A O   1 
ATOM   284 C CB  . PHE A 1 36 ? 5.536   -1.177  4.156   1.00 9.24   ? 40  PHE A CB  1 
ATOM   285 C CG  . PHE A 1 36 ? 5.531   -2.680  4.225   1.00 10.28  ? 40  PHE A CG  1 
ATOM   286 C CD1 . PHE A 1 36 ? 5.613   -3.481  3.109   1.00 12.69  ? 40  PHE A CD1 1 
ATOM   287 C CD2 . PHE A 1 36 ? 5.444   -3.271  5.491   1.00 12.47  ? 40  PHE A CD2 1 
ATOM   288 C CE1 . PHE A 1 36 ? 5.691   -4.881  3.260   1.00 15.68  ? 40  PHE A CE1 1 
ATOM   289 C CE2 . PHE A 1 36 ? 5.547   -4.631  5.650   1.00 15.10  ? 40  PHE A CE2 1 
ATOM   290 C CZ  . PHE A 1 36 ? 5.628   -5.436  4.549   1.00 15.14  ? 40  PHE A CZ  1 
ATOM   291 N N   . ASP A 1 37 ? 7.343   -0.253  6.533   1.00 8.32   ? 41  ASP A N   1 
ATOM   292 C CA  . ASP A 1 37 ? 7.857   -0.608  7.843   1.00 8.83   ? 41  ASP A CA  1 
ATOM   293 C C   . ASP A 1 37 ? 6.750   -0.505  8.868   1.00 8.45   ? 41  ASP A C   1 
ATOM   294 O O   . ASP A 1 37 ? 5.560   -0.521  8.501   1.00 8.94   ? 41  ASP A O   1 
ATOM   295 C CB  . ASP A 1 37 ? 9.116   0.163   8.219   1.00 8.95   ? 41  ASP A CB  1 
ATOM   296 C CG  . ASP A 1 37 ? 8.906   1.627   8.582   1.00 8.32   ? 41  ASP A CG  1 
ATOM   297 O OD1 . ASP A 1 37 ? 7.725   2.061   8.644   1.00 8.64   ? 41  ASP A OD1 1 
ATOM   298 O OD2 . ASP A 1 37 ? 9.921   2.305   8.865   1.00 8.84   ? 41  ASP A OD2 1 
ATOM   299 N N   . GLN A 1 38 ? 7.085   -0.478  10.140  1.00 8.95   ? 42  GLN A N   1 
ATOM   300 C CA  . GLN A 1 38 ? 6.038   -0.437  11.165  1.00 9.34   ? 42  GLN A CA  1 
ATOM   301 C C   . GLN A 1 38 ? 5.074   0.747   10.947  1.00 8.92   ? 42  GLN A C   1 
ATOM   302 O O   . GLN A 1 38 ? 3.892   0.606   11.261  1.00 10.65  ? 42  GLN A O   1 
ATOM   303 C CB  . GLN A 1 38 ? 6.735   -0.256  12.526  1.00 10.80  ? 42  GLN A CB  1 
ATOM   304 C CG  . GLN A 1 38 ? 5.810   -0.154  13.693  1.00 11.35  ? 42  GLN A CG  1 
ATOM   305 C CD  . GLN A 1 38 ? 6.494   -0.006  15.044  1.00 11.98  ? 42  GLN A CD  1 
ATOM   306 O OE1 . GLN A 1 38 ? 7.703   0.262   15.123  1.00 13.77  ? 42  GLN A OE1 1 
ATOM   307 N NE2 . GLN A 1 38 ? 5.736   -0.256  16.102  1.00 13.75  ? 42  GLN A NE2 1 
ATOM   308 N N   . TYR A 1 39 ? 5.568   1.871   10.509  1.00 8.52   ? 43  TYR A N   1 
ATOM   309 C CA  . TYR A 1 39 ? 4.798   3.129   10.444  1.00 8.89   ? 43  TYR A CA  1 
ATOM   310 C C   . TYR A 1 39 ? 4.398   3.588   9.071   1.00 7.89   ? 43  TYR A C   1 
ATOM   311 O O   . TYR A 1 39 ? 3.436   4.418   8.997   1.00 8.05   ? 43  TYR A O   1 
ATOM   312 C CB  . TYR A 1 39 ? 5.555   4.228   11.193  1.00 10.34  ? 43  TYR A CB  1 
ATOM   313 C CG  . TYR A 1 39 ? 5.763   3.972   12.620  1.00 12.93  ? 43  TYR A CG  1 
ATOM   314 C CD1 . TYR A 1 39 ? 4.682   3.883   13.466  1.00 15.82  ? 43  TYR A CD1 1 
ATOM   315 C CD2 . TYR A 1 39 ? 7.050   3.791   13.131  1.00 14.60  ? 43  TYR A CD2 1 
ATOM   316 C CE1 . TYR A 1 39 ? 4.887   3.698   14.833  1.00 17.96  ? 43  TYR A CE1 1 
ATOM   317 C CE2 . TYR A 1 39 ? 7.268   3.534   14.479  1.00 15.49  ? 43  TYR A CE2 1 
ATOM   318 C CZ  . TYR A 1 39 ? 6.157   3.472   15.329  1.00 15.84  ? 43  TYR A CZ  1 
ATOM   319 O OH  . TYR A 1 39 ? 6.319   3.223   16.698  1.00 20.70  ? 43  TYR A OH  1 
ATOM   320 N N   . VAL A 1 40 ? 5.111   3.246   8.016   1.00 7.40   ? 44  VAL A N   1 
ATOM   321 C CA  . VAL A 1 40 ? 4.916   3.901   6.705   1.00 7.31   ? 44  VAL A CA  1 
ATOM   322 C C   . VAL A 1 40 ? 4.879   2.856   5.596   1.00 7.31   ? 44  VAL A C   1 
ATOM   323 O O   . VAL A 1 40 ? 5.368   1.738   5.704   1.00 7.96   ? 44  VAL A O   1 
ATOM   324 C CB  . VAL A 1 40 ? 6.025   4.943   6.417   1.00 7.78   ? 44  VAL A CB  1 
ATOM   325 C CG1 . VAL A 1 40 ? 6.081   5.995   7.482   1.00 8.72   ? 44  VAL A CG1 1 
ATOM   326 C CG2 . VAL A 1 40 ? 7.414   4.346   6.169   1.00 8.35   ? 44  VAL A CG2 1 
ATOM   327 N N   . VAL A 1 41 ? 4.314   3.318   4.494   1.00 7.51   ? 45  VAL A N   1 
ATOM   328 C CA  . VAL A 1 41 ? 4.331   2.663   3.199   1.00 7.54   ? 45  VAL A CA  1 
ATOM   329 C C   . VAL A 1 41 ? 5.006   3.626   2.215   1.00 7.44   ? 45  VAL A C   1 
ATOM   330 O O   . VAL A 1 41 ? 4.579   4.767   2.106   1.00 8.48   ? 45  VAL A O   1 
ATOM   331 C CB  . VAL A 1 41 ? 2.902   2.291   2.711   1.00 8.82   ? 45  VAL A CB  1 
ATOM   332 C CG1 . VAL A 1 41 ? 2.941   1.651   1.308   1.00 9.53   ? 45  VAL A CG1 1 
ATOM   333 C CG2 . VAL A 1 41 ? 2.204   1.384   3.700   1.00 8.85   ? 45  VAL A CG2 1 
ATOM   334 N N   . LEU A 1 42 ? 5.999   3.137   1.483   1.00 7.69   ? 46  LEU A N   1 
ATOM   335 C CA  . LEU A 1 42 ? 6.629   3.921   0.423   1.00 8.49   ? 46  LEU A CA  1 
ATOM   336 C C   . LEU A 1 42 ? 5.906   3.535   -0.870  1.00 8.72   ? 46  LEU A C   1 
ATOM   337 O O   . LEU A 1 42 ? 5.881   2.360   -1.262  1.00 9.56   ? 46  LEU A O   1 
ATOM   338 C CB  . LEU A 1 42 ? 8.127   3.652   0.323   1.00 9.32   ? 46  LEU A CB  1 
ATOM   339 C CG  . LEU A 1 42 ? 9.000   4.120   1.458   1.00 14.06  ? 46  LEU A CG  1 
ATOM   340 C CD1 . LEU A 1 42 ? 10.429  4.101   1.041   1.00 17.85  ? 46  LEU A CD1 1 
ATOM   341 C CD2 . LEU A 1 42 ? 8.701   5.398   2.056   1.00 19.36  ? 46  LEU A CD2 1 
ATOM   342 N N   . LEU A 1 43 ? 5.290   4.514   -1.510  1.00 8.02   ? 47  LEU A N   1 
ATOM   343 C CA  . LEU A 1 43 ? 4.395   4.346   -2.670  1.00 8.92   ? 47  LEU A CA  1 
ATOM   344 C C   . LEU A 1 43 ? 5.025   5.039   -3.856  1.00 8.17   ? 47  LEU A C   1 
ATOM   345 O O   . LEU A 1 43 ? 5.293   6.266   -3.785  1.00 8.90   ? 47  LEU A O   1 
ATOM   346 C CB  . LEU A 1 43 ? 2.990   4.898   -2.397  1.00 8.32   ? 47  LEU A CB  1 
ATOM   347 C CG  . LEU A 1 43 ? 1.992   4.637   -3.491  1.00 10.45  ? 47  LEU A CG  1 
ATOM   348 C CD1 . LEU A 1 43 ? 1.593   3.184   -3.570  1.00 10.85  ? 47  LEU A CD1 1 
ATOM   349 C CD2 . LEU A 1 43 ? 0.759   5.451   -3.252  1.00 11.91  ? 47  LEU A CD2 1 
ATOM   350 N N   . ARG A 1 44 ? 5.287   4.304   -4.942  1.00 8.55   ? 48  ARG A N   1 
ATOM   351 C CA  . ARG A 1 44 ? 5.976   4.864   -6.097  1.00 9.05   ? 48  ARG A CA  1 
ATOM   352 C C   . ARG A 1 44 ? 4.979   5.026   -7.229  1.00 9.73   ? 48  ARG A C   1 
ATOM   353 O O   . ARG A 1 44 ? 4.266   4.076   -7.608  1.00 11.05  ? 48  ARG A O   1 
ATOM   354 C CB  . ARG A 1 44 ? 7.106   3.911   -6.545  1.00 10.15  ? 48  ARG A CB  1 
ATOM   355 C CG  . ARG A 1 44 ? 7.934   4.488   -7.647  1.00 11.68  ? 48  ARG A CG  1 
ATOM   356 C CD  . ARG A 1 44 ? 9.142   3.663   -8.018  1.00 12.28  ? 48  ARG A CD  1 
ATOM   357 N NE  . ARG A 1 44 ? 8.765   2.382   -8.603  1.00 12.56  ? 48  ARG A NE  1 
ATOM   358 C CZ  . ARG A 1 44 ? 8.669   1.197   -7.954  1.00 12.33  ? 48  ARG A CZ  1 
ATOM   359 N NH1 . ARG A 1 44 ? 9.080   1.055   -6.704  1.00 13.17  ? 48  ARG A NH1 1 
ATOM   360 N NH2 . ARG A 1 44 ? 8.211   0.166   -8.621  1.00 14.37  ? 48  ARG A NH2 1 
ATOM   361 N N   . ASN A 1 45 ? 4.983   6.133   -7.873  1.00 13.40  ? 49  ASN A N   1 
ATOM   362 C CA  . ASN A 1 45 ? 4.268   6.306   -9.154  1.00 15.96  ? 49  ASN A CA  1 
ATOM   363 C C   . ASN A 1 45 ? 5.305   6.742   -10.181 1.00 15.21  ? 49  ASN A C   1 
ATOM   364 O O   . ASN A 1 45 ? 6.493   6.703   -9.912  1.00 16.66  ? 49  ASN A O   1 
ATOM   365 C CB  . ASN A 1 45 ? 3.092   7.238   -9.075  1.00 16.54  ? 49  ASN A CB  1 
ATOM   366 C CG  . ASN A 1 45 ? 3.477   8.670   -8.754  1.00 18.06  ? 49  ASN A CG  1 
ATOM   367 O OD1 . ASN A 1 45 ? 4.660   9.085   -8.688  1.00 17.12  ? 49  ASN A OD1 1 
ATOM   368 N ND2 . ASN A 1 45 ? 2.435   9.455   -8.642  1.00 18.54  ? 49  ASN A ND2 1 
ATOM   369 N N   . THR A 1 46 ? 4.874   7.207   -11.364 1.00 18.96  ? 50  THR A N   1 
ATOM   370 C CA  . THR A 1 46 ? 5.821   7.539   -12.430 1.00 23.01  ? 50  THR A CA  1 
ATOM   371 C C   . THR A 1 46 ? 6.647   8.741   -12.023 1.00 18.00  ? 50  THR A C   1 
ATOM   372 O O   . THR A 1 46 ? 7.692   8.886   -12.656 1.00 24.01  ? 50  THR A O   1 
ATOM   373 C CB  . THR A 1 46 ? 5.140   7.781   -13.778 1.00 27.29  ? 50  THR A CB  1 
ATOM   374 O OG1 . THR A 1 46 ? 4.217   8.857   -13.632 1.00 34.83  ? 50  THR A OG1 1 
ATOM   375 C CG2 . THR A 1 46 ? 4.424   6.545   -14.280 1.00 34.72  ? 50  THR A CG2 1 
ATOM   376 N N   . SER A 1 47 ? 6.208   9.581   -11.090 1.00 17.22  ? 51  SER A N   1 
ATOM   377 C CA  . SER A 1 47 ? 6.984   10.794  -10.721 1.00 19.32  ? 51  SER A CA  1 
ATOM   378 C C   . SER A 1 47 ? 8.041   10.551  -9.644  1.00 24.52  ? 51  SER A C   1 
ATOM   379 O O   . SER A 1 47 ? 9.176   11.054  -9.741  1.00 40.53  ? 51  SER A O   1 
ATOM   380 C CB  . SER A 1 47 ? 6.100   11.969  -10.274 1.00 26.00  ? 51  SER A CB  1 
ATOM   381 O OG  . SER A 1 47 ? 5.146   12.373  -11.253 1.00 33.84  ? 51  SER A OG  1 
ATOM   382 N N   . VAL A 1 48 ? 7.645   9.892   -8.551  1.00 15.50  ? 52  VAL A N   1 
ATOM   383 C CA  . VAL A 1 48 ? 8.447   9.886   -7.306  1.00 13.53  ? 52  VAL A CA  1 
ATOM   384 C C   . VAL A 1 48 ? 8.003   8.717   -6.415  1.00 11.81  ? 52  VAL A C   1 
ATOM   385 O O   . VAL A 1 48 ? 6.894   8.177   -6.589  1.00 11.62  ? 52  VAL A O   1 
ATOM   386 C CB  . VAL A 1 48 ? 8.192   11.238  -6.604  1.00 20.50  ? 52  VAL A CB  1 
ATOM   387 C CG1 . VAL A 1 48 ? 6.822   11.389  -5.941  1.00 23.31  ? 52  VAL A CG1 1 
ATOM   388 C CG2 . VAL A 1 48 ? 9.218   11.542  -5.571  1.00 25.30  ? 52  VAL A CG2 1 
ATOM   389 N N   . THR A 1 49 ? 8.820   8.418   -5.418  1.00 11.54  ? 53  THR A N   1 
ATOM   390 C CA  . THR A 1 49 ? 8.393   7.565   -4.309  1.00 9.68   ? 53  THR A CA  1 
ATOM   391 C C   . THR A 1 49 ? 8.088   8.496   -3.132  1.00 9.86   ? 53  THR A C   1 
ATOM   392 O O   . THR A 1 49 ? 8.942   9.299   -2.728  1.00 10.62  ? 53  THR A O   1 
ATOM   393 C CB  . THR A 1 49 ? 9.466   6.549   -3.938  1.00 11.18  ? 53  THR A CB  1 
ATOM   394 O OG1 . THR A 1 49 ? 9.646   5.712   -5.101  1.00 12.61  ? 53  THR A OG1 1 
ATOM   395 C CG2 . THR A 1 49 ? 9.108   5.724   -2.740  1.00 11.19  ? 53  THR A CG2 1 
ATOM   396 N N   . GLN A 1 50 ? 6.858   8.436   -2.598  1.00 8.64   ? 54  GLN A N   1 
ATOM   397 C CA  . GLN A 1 50 ? 6.410   9.239   -1.480  1.00 8.40   ? 54  GLN A CA  1 
ATOM   398 C C   . GLN A 1 50 ? 6.244   8.334   -0.243  1.00 7.65   ? 54  GLN A C   1 
ATOM   399 O O   . GLN A 1 50 ? 6.037   7.139   -0.374  1.00 9.23   ? 54  GLN A O   1 
ATOM   400 C CB  . GLN A 1 50 ? 5.106   9.996   -1.790  1.00 8.26   ? 54  GLN A CB  1 
ATOM   401 C CG  . GLN A 1 50 ? 3.887   9.155   -2.042  1.00 9.05   ? 54  GLN A CG  1 
ATOM   402 C CD  . GLN A 1 50 ? 2.747   10.035  -2.563  1.00 10.13  ? 54  GLN A CD  1 
ATOM   403 O OE1 . GLN A 1 50 ? 2.628   10.210  -3.825  1.00 13.53  ? 54  GLN A OE1 1 
ATOM   404 N NE2 . GLN A 1 50 ? 2.038   10.677  -1.763  1.00 9.04   ? 54  GLN A NE2 1 
ATOM   405 N N   . MET A 1 51 ? 6.283   8.969   0.929   1.00 7.49   ? 55  MET A N   1 
ATOM   406 C CA  . MET A 1 51 ? 6.174   8.226   2.199   1.00 7.39   ? 55  MET A CA  1 
ATOM   407 C C   . MET A 1 51 ? 4.785   8.501   2.805   1.00 6.86   ? 55  MET A C   1 
ATOM   408 O O   . MET A 1 51 ? 4.503   9.615   3.225   1.00 8.22   ? 55  MET A O   1 
ATOM   409 C CB  . MET A 1 51 ? 7.293   8.627   3.150   1.00 8.12   ? 55  MET A CB  1 
ATOM   410 C CG  . MET A 1 51 ? 7.239   7.814   4.435   1.00 8.86   ? 55  MET A CG  1 
ATOM   411 S SD  . MET A 1 51 ? 8.651   8.032   5.530   1.00 10.33  ? 55  MET A SD  1 
ATOM   412 C CE  . MET A 1 51 ? 8.170   9.575   6.258   1.00 14.66  ? 55  MET A CE  1 
ATOM   413 N N   . VAL A 1 52 ? 3.996   7.435   2.889   1.00 7.05   ? 56  VAL A N   1 
ATOM   414 C CA  . VAL A 1 52 ? 2.625   7.488   3.360   1.00 6.77   ? 56  VAL A CA  1 
ATOM   415 C C   . VAL A 1 52 ? 2.577   6.954   4.769   1.00 6.83   ? 56  VAL A C   1 
ATOM   416 O O   . VAL A 1 52 ? 3.045   5.825   5.015   1.00 8.02   ? 56  VAL A O   1 
ATOM   417 C CB  . VAL A 1 52 ? 1.696   6.669   2.462   1.00 7.40   ? 56  VAL A CB  1 
ATOM   418 C CG1 . VAL A 1 52 ? 0.242   6.895   2.856   1.00 8.59   ? 56  VAL A CG1 1 
ATOM   419 C CG2 . VAL A 1 52 ? 1.902   7.043   0.991   1.00 8.53   ? 56  VAL A CG2 1 
ATOM   420 N N   . TYR A 1 53 ? 2.033   7.693   5.720   1.00 6.88   ? 57  TYR A N   1 
ATOM   421 C CA  . TYR A 1 53 ? 1.911   7.156   7.105   1.00 7.25   ? 57  TYR A CA  1 
ATOM   422 C C   . TYR A 1 53 ? 0.714   6.208   7.175   1.00 6.74   ? 57  TYR A C   1 
ATOM   423 O O   . TYR A 1 53 ? -0.412  6.583   6.811   1.00 7.29   ? 57  TYR A O   1 
ATOM   424 C CB  . TYR A 1 53 ? 1.760   8.275   8.127   1.00 7.20   ? 57  TYR A CB  1 
ATOM   425 C CG  . TYR A 1 53 ? 3.087   8.925   8.428   1.00 8.52   ? 57  TYR A CG  1 
ATOM   426 C CD1 . TYR A 1 53 ? 3.878   8.490   9.459   1.00 10.19  ? 57  TYR A CD1 1 
ATOM   427 C CD2 . TYR A 1 53 ? 3.479   10.042  7.700   1.00 11.64  ? 57  TYR A CD2 1 
ATOM   428 C CE1 . TYR A 1 53 ? 5.121   9.130   9.676   1.00 11.11  ? 57  TYR A CE1 1 
ATOM   429 C CE2 . TYR A 1 53 ? 4.690   10.627  7.864   1.00 12.71  ? 57  TYR A CE2 1 
ATOM   430 C CZ  . TYR A 1 53 ? 5.479   10.244  8.916   1.00 11.92  ? 57  TYR A CZ  1 
ATOM   431 O OH  . TYR A 1 53 ? 6.692   10.902  9.105   1.00 14.18  ? 57  TYR A OH  1 
ATOM   432 N N   . LYS A 1 54 ? 0.932   5.012   7.713   1.00 6.84   ? 58  LYS A N   1 
ATOM   433 C CA  . LYS A 1 54 ? -0.151  4.072   7.882   1.00 6.72   ? 58  LYS A CA  1 
ATOM   434 C C   . LYS A 1 54 ? -1.302  4.649   8.687   1.00 6.72   ? 58  LYS A C   1 
ATOM   435 O O   . LYS A 1 54 ? -2.461  4.339   8.408   1.00 7.13   ? 58  LYS A O   1 
ATOM   436 C CB  . LYS A 1 54 ? 0.366   2.757   8.551   1.00 7.39   ? 58  LYS A CB  1 
ATOM   437 C CG  . LYS A 1 54 ? 1.242   1.911   7.656   1.00 8.09   ? 58  LYS A CG  1 
ATOM   438 C CD  . LYS A 1 54 ? 1.760   0.714   8.439   1.00 8.99   ? 58  LYS A CD  1 
ATOM   439 C CE  . LYS A 1 54 ? 2.532   -0.275  7.593   1.00 11.39  ? 58  LYS A CE  1 
ATOM   440 N NZ  . LYS A 1 54 ? 2.941   -1.448  8.417   1.00 12.95  ? 58  LYS A NZ  1 
ATOM   441 N N   . HIS A 1 55 ? -1.010  5.487   9.696   1.00 6.78   ? 59  HIS A N   1 
ATOM   442 C CA  . HIS A 1 55 ? -2.086  6.052   10.524  1.00 7.41   ? 59  HIS A CA  1 
ATOM   443 C C   . HIS A 1 55 ? -3.088  6.857   9.701   1.00 7.29   ? 59  HIS A C   1 
ATOM   444 O O   . HIS A 1 55 ? -4.193  7.075   10.199  1.00 9.66   ? 59  HIS A O   1 
ATOM   445 C CB  . HIS A 1 55 ? -1.523  6.859   11.670  1.00 7.68   ? 59  HIS A CB  1 
ATOM   446 C CG  . HIS A 1 55 ? -0.684  8.024   11.289  1.00 9.16   ? 59  HIS A CG  1 
ATOM   447 N ND1 . HIS A 1 55 ? 0.642   8.165   11.732  1.00 10.30  ? 59  HIS A ND1 1 
ATOM   448 C CD2 . HIS A 1 55 ? -0.927  9.126   10.548  1.00 10.57  ? 59  HIS A CD2 1 
ATOM   449 C CE1 . HIS A 1 55 ? 1.154   9.284   11.310  1.00 10.06  ? 59  HIS A CE1 1 
ATOM   450 N NE2 . HIS A 1 55 ? 0.212   9.903   10.606  1.00 8.58   ? 59  HIS A NE2 1 
ATOM   451 N N   . ALA A 1 56 ? -2.703  7.340   8.537   1.00 7.20   ? 60  ALA A N   1 
ATOM   452 C CA  . ALA A 1 56 ? -3.522  8.161   7.650   1.00 7.32   ? 60  ALA A CA  1 
ATOM   453 C C   . ALA A 1 56 ? -4.210  7.337   6.562   1.00 7.12   ? 60  ALA A C   1 
ATOM   454 O O   . ALA A 1 56 ? -4.964  7.903   5.772   1.00 8.32   ? 60  ALA A O   1 
ATOM   455 C CB  . ALA A 1 56 ? -2.736  9.280   7.054   1.00 8.12   ? 60  ALA A CB  1 
ATOM   456 N N   . ILE A 1 57 ? -3.908  6.042   6.469   1.00 6.76   ? 61  ILE A N   1 
ATOM   457 C CA  . ILE A 1 57 ? -4.528  5.179   5.447   1.00 6.84   ? 61  ILE A CA  1 
ATOM   458 C C   . ILE A 1 57 ? -5.827  4.619   5.975   1.00 6.89   ? 61  ILE A C   1 
ATOM   459 O O   . ILE A 1 57 ? -5.878  4.111   7.097   1.00 7.65   ? 61  ILE A O   1 
ATOM   460 C CB  . ILE A 1 57 ? -3.575  4.055   5.022   1.00 7.37   ? 61  ILE A CB  1 
ATOM   461 C CG1 . ILE A 1 57 ? -2.261  4.602   4.489   1.00 7.43   ? 61  ILE A CG1 1 
ATOM   462 C CG2 . ILE A 1 57 ? -4.281  3.147   4.014   1.00 7.86   ? 61  ILE A CG2 1 
ATOM   463 C CD1 . ILE A 1 57 ? -1.242  3.536   4.148   1.00 8.50   ? 61  ILE A CD1 1 
ATOM   464 N N   A SER A 1 58 ? -6.866  4.724   5.172   0.60 6.33   ? 62  SER A N   1 
ATOM   465 N N   B SER A 1 58 ? -6.860  4.714   5.138   0.40 7.18   ? 62  SER A N   1 
ATOM   466 C CA  A SER A 1 58 ? -8.123  4.038   5.538   0.60 6.66   ? 62  SER A CA  1 
ATOM   467 C CA  B SER A 1 58 ? -8.203  4.142   5.415   0.40 8.08   ? 62  SER A CA  1 
ATOM   468 C C   A SER A 1 58 ? -8.173  2.644   4.871   0.60 6.71   ? 62  SER A C   1 
ATOM   469 C C   B SER A 1 58 ? -8.337  2.736   4.831   0.40 7.46   ? 62  SER A C   1 
ATOM   470 O O   A SER A 1 58 ? -8.414  1.653   5.585   0.60 6.88   ? 62  SER A O   1 
ATOM   471 O O   B SER A 1 58 ? -8.798  1.849   5.574   0.40 6.96   ? 62  SER A O   1 
ATOM   472 C CB  A SER A 1 58 ? -9.358  4.892   5.229   0.60 6.87   ? 62  SER A CB  1 
ATOM   473 C CB  B SER A 1 58 ? -9.309  5.028   4.897   0.40 9.75   ? 62  SER A CB  1 
ATOM   474 O OG  A SER A 1 58 ? -9.565  5.103   3.786   0.60 6.11   ? 62  SER A OG  1 
ATOM   475 O OG  B SER A 1 58 ? -9.262  6.258   5.569   0.40 13.70  ? 62  SER A OG  1 
ATOM   476 N N   . THR A 1 59 ? -7.990  2.552   3.562   1.00 7.10   ? 63  THR A N   1 
ATOM   477 C CA  . THR A 1 59 ? -8.058  1.275   2.864   1.00 7.49   ? 63  THR A CA  1 
ATOM   478 C C   . THR A 1 59 ? -7.088  1.289   1.712   1.00 7.59   ? 63  THR A C   1 
ATOM   479 O O   . THR A 1 59 ? -6.844  2.337   1.086   1.00 8.42   ? 63  THR A O   1 
ATOM   480 C CB  . THR A 1 59 ? -9.503  0.931   2.456   1.00 7.81   ? 63  THR A CB  1 
ATOM   481 O OG1 . THR A 1 59 ? -9.496  -0.375  1.909   1.00 8.82   ? 63  THR A OG1 1 
ATOM   482 C CG2 . THR A 1 59 ? -10.122 1.919   1.474   1.00 8.63   ? 63  THR A CG2 1 
ATOM   483 N N   . ILE A 1 60 ? -6.544  0.104   1.412   1.00 7.46   ? 64  ILE A N   1 
ATOM   484 C CA  . ILE A 1 60 ? -5.669  -0.153  0.268   1.00 8.20   ? 64  ILE A CA  1 
ATOM   485 C C   . ILE A 1 60 ? -6.387  -1.140  -0.639  1.00 7.83   ? 64  ILE A C   1 
ATOM   486 O O   . ILE A 1 60 ? -6.703  -2.267  -0.260  1.00 8.24   ? 64  ILE A O   1 
ATOM   487 C CB  . ILE A 1 60 ? -4.309  -0.699  0.675   1.00 8.21   ? 64  ILE A CB  1 
ATOM   488 C CG1 . ILE A 1 60 ? -3.622  0.283   1.639   1.00 8.95   ? 64  ILE A CG1 1 
ATOM   489 C CG2 . ILE A 1 60 ? -3.470  -1.036  -0.539  1.00 8.74   ? 64  ILE A CG2 1 
ATOM   490 C CD1 . ILE A 1 60 ? -2.250  -0.117  2.153   1.00 9.73   ? 64  ILE A CD1 1 
ATOM   491 N N   . VAL A 1 61 ? -6.657  -0.709  -1.882  1.00 8.18   ? 65  VAL A N   1 
ATOM   492 C CA  . VAL A 1 61 ? -7.462  -1.431  -2.866  1.00 8.74   ? 65  VAL A CA  1 
ATOM   493 C C   . VAL A 1 61 ? -6.549  -1.869  -3.994  1.00 8.35   ? 65  VAL A C   1 
ATOM   494 O O   . VAL A 1 61 ? -6.070  -1.014  -4.765  1.00 9.05   ? 65  VAL A O   1 
ATOM   495 C CB  . VAL A 1 61 ? -8.658  -0.614  -3.416  1.00 9.23   ? 65  VAL A CB  1 
ATOM   496 C CG1 . VAL A 1 61 ? -9.489  -1.488  -4.303  1.00 10.95  ? 65  VAL A CG1 1 
ATOM   497 C CG2 . VAL A 1 61 ? -9.510  -0.053  -2.287  1.00 10.43  ? 65  VAL A CG2 1 
ATOM   498 N N   . PRO A 1 62 ? -6.242  -3.146  -4.128  1.00 8.56   ? 66  PRO A N   1 
ATOM   499 C CA  . PRO A 1 62 ? -5.433  -3.582  -5.228  1.00 9.61   ? 66  PRO A CA  1 
ATOM   500 C C   . PRO A 1 62 ? -6.201  -3.612  -6.530  1.00 9.89   ? 66  PRO A C   1 
ATOM   501 O O   . PRO A 1 62 ? -7.383  -3.779  -6.542  1.00 11.45  ? 66  PRO A O   1 
ATOM   502 C CB  . PRO A 1 62 ? -4.947  -4.969  -4.769  1.00 11.20  ? 66  PRO A CB  1 
ATOM   503 C CG  . PRO A 1 62 ? -6.118  -5.505  -3.958  1.00 11.08  ? 66  PRO A CG  1 
ATOM   504 C CD  . PRO A 1 62 ? -6.619  -4.277  -3.255  1.00 9.53   ? 66  PRO A CD  1 
ATOM   505 N N   . ALA A 1 63 ? -5.486  -3.498  -7.619  1.00 11.30  ? 67  ALA A N   1 
ATOM   506 C CA  . ALA A 1 63 ? -6.089  -3.661  -8.945  1.00 13.97  ? 67  ALA A CA  1 
ATOM   507 C C   . ALA A 1 63 ? -6.660  -5.074  -9.172  1.00 15.06  ? 67  ALA A C   1 
ATOM   508 O O   . ALA A 1 63 ? -7.608  -5.187  -9.944  1.00 18.62  ? 67  ALA A O   1 
ATOM   509 C CB  . ALA A 1 63 ? -5.040  -3.325  -9.993  1.00 16.17  ? 67  ALA A CB  1 
ATOM   510 N N   . ARG A 1 64 ? -6.102  -6.093  -8.521  1.00 15.67  ? 68  ARG A N   1 
ATOM   511 C CA  . ARG A 1 64 ? -6.578  -7.497  -8.459  1.00 15.86  ? 68  ARG A CA  1 
ATOM   512 C C   . ARG A 1 64 ? -6.241  -8.053  -7.070  1.00 15.63  ? 68  ARG A C   1 
ATOM   513 O O   . ARG A 1 64 ? -5.263  -7.594  -6.479  1.00 17.40  ? 68  ARG A O   1 
ATOM   514 C CB  . ARG A 1 64 ? -5.970  -8.313  -9.621  1.00 18.69  ? 68  ARG A CB  1 
ATOM   515 C CG  . ARG A 1 64 ? -4.481  -8.518  -9.458  1.00 21.09  ? 68  ARG A CG  1 
ATOM   516 C CD  . ARG A 1 64 ? -3.890  -9.725  -10.104 1.00 26.67  ? 68  ARG A CD  1 
ATOM   517 N NE  . ARG A 1 64 ? -2.442  -9.868  -9.909  1.00 24.67  ? 68  ARG A NE  1 
ATOM   518 C CZ  . ARG A 1 64 ? -1.862  -10.584 -8.945  1.00 20.61  ? 68  ARG A CZ  1 
ATOM   519 N NH1 . ARG A 1 64 ? -2.575  -11.160 -8.000  1.00 24.60  ? 68  ARG A NH1 1 
ATOM   520 N NH2 . ARG A 1 64 ? -0.561  -10.749 -8.945  1.00 21.61  ? 68  ARG A NH2 1 
ATOM   521 N N   . SER A 1 65 ? -6.971  -9.080  -6.604  1.00 16.06  ? 69  SER A N   1 
ATOM   522 C CA  . SER A 1 65 ? -6.700  -9.715  -5.299  1.00 15.33  ? 69  SER A CA  1 
ATOM   523 C C   . SER A 1 65 ? -5.339  -10.327 -5.342  1.00 15.99  ? 69  SER A C   1 
ATOM   524 O O   . SER A 1 65 ? -4.937  -10.906 -6.365  1.00 18.67  ? 69  SER A O   1 
ATOM   525 C CB  . SER A 1 65 ? -7.749  -10.660 -4.950  1.00 16.48  ? 69  SER A CB  1 
ATOM   526 O OG  . SER A 1 65 ? -8.979  -9.977  -4.769  1.00 16.41  ? 69  SER A OG  1 
ATOM   527 N N   . VAL A 1 66 ? -4.675  -10.319 -4.200  1.00 18.18  ? 70  VAL A N   1 
ATOM   528 C CA  . VAL A 1 66 ? -3.449  -11.104 -3.958  1.00 18.64  ? 70  VAL A CA  1 
ATOM   529 C C   . VAL A 1 66 ? -3.835  -12.319 -3.104  1.00 17.92  ? 70  VAL A C   1 
ATOM   530 O O   . VAL A 1 66 ? -4.611  -12.234 -2.153  1.00 21.95  ? 70  VAL A O   1 
ATOM   531 C CB  . VAL A 1 66 ? -2.308  -10.293 -3.335  1.00 18.30  ? 70  VAL A CB  1 
ATOM   532 C CG1 . VAL A 1 66 ? -1.667  -9.367  -4.326  1.00 22.28  ? 70  VAL A CG1 1 
ATOM   533 C CG2 . VAL A 1 66 ? -2.677  -9.530  -2.062  1.00 21.17  ? 70  VAL A CG2 1 
ATOM   534 N N   . ASN A 1 67 ? -3.245  -13.461 -3.429  1.00 20.36  ? 71  ASN A N   1 
ATOM   535 C CA  . ASN A 1 67 ? -3.637  -14.701 -2.719  1.00 30.35  ? 71  ASN A CA  1 
ATOM   536 C C   . ASN A 1 67 ? -2.472  -15.023 -1.773  1.00 26.84  ? 71  ASN A C   1 
ATOM   537 O O   . ASN A 1 67 ? -1.383  -15.389 -2.279  1.00 42.30  ? 71  ASN A O   1 
ATOM   538 C CB  . ASN A 1 67 ? -4.212  -15.743 -3.703  1.00 50.76  ? 71  ASN A CB  1 
ATOM   539 C CG  . ASN A 1 67 ? -5.572  -15.377 -4.303  1.00 40.85  ? 71  ASN A CG  1 
ATOM   540 O OD1 . ASN A 1 67 ? -5.666  -15.077 -5.487  1.00 48.92  ? 71  ASN A OD1 1 
ATOM   541 N ND2 . ASN A 1 67 ? -6.639  -15.387 -3.512  1.00 45.49  ? 71  ASN A ND2 1 
ATOM   542 N N   . LEU A 1 68 ? -2.717  -14.839 -0.454  1.00 26.99  ? 72  LEU A N   1 
ATOM   543 C CA  . LEU A 1 68 ? -1.743  -14.898 0.689   1.00 30.39  ? 72  LEU A CA  1 
ATOM   544 C C   . LEU A 1 68 ? -1.457  -16.350 1.095   1.00 37.29  ? 72  LEU A C   1 
ATOM   545 O O   . LEU A 1 68 ? -2.175  -17.294 0.761   1.00 40.76  ? 72  LEU A O   1 
ATOM   546 C CB  . LEU A 1 68 ? -2.320  -14.083 1.861   1.00 30.18  ? 72  LEU A CB  1 
ATOM   547 C CG  . LEU A 1 68 ? -2.633  -12.634 1.486   1.00 31.53  ? 72  LEU A CG  1 
ATOM   548 C CD1 . LEU A 1 68 ? -3.506  -11.904 2.484   1.00 38.98  ? 72  LEU A CD1 1 
ATOM   549 C CD2 . LEU A 1 68 ? -1.328  -11.919 1.286   1.00 33.73  ? 72  LEU A CD2 1 
HETATM 550 O O   . HOH B 2 .  ? 2.503   -1.496  10.837  1.00 33.16  ? 101 HOH A O   1 
HETATM 551 O O   . HOH B 2 .  ? 3.045   10.377  -12.063 1.00 43.73  ? 102 HOH A O   1 
HETATM 552 O O   . HOH B 2 .  ? 13.025  4.830   -3.930  1.00 34.82  ? 103 HOH A O   1 
HETATM 553 O O   . HOH B 2 .  ? -6.759  -16.254 -1.097  1.00 34.79  ? 104 HOH A O   1 
HETATM 554 O O   . HOH B 2 .  ? 6.805   -2.382  -8.131  1.00 17.49  ? 105 HOH A O   1 
HETATM 555 O O   . HOH B 2 .  ? -7.235  -12.857 15.781  1.00 45.86  ? 106 HOH A O   1 
HETATM 556 O O   . HOH B 2 .  ? 7.084   -3.175  -5.530  1.00 18.51  ? 107 HOH A O   1 
HETATM 557 O O   . HOH B 2 .  ? -10.781 -11.520 -3.648  1.00 19.66  ? 108 HOH A O   1 
HETATM 558 O O   . HOH B 2 .  ? -7.901  7.176   -10.502 1.00 28.00  ? 109 HOH A O   1 
HETATM 559 O O   . HOH B 2 .  ? -6.041  -10.784 16.035  1.00 21.19  ? 110 HOH A O   1 
HETATM 560 O O   . HOH B 2 .  ? -11.930 5.515   -6.771  1.00 15.95  ? 111 HOH A O   1 
HETATM 561 O O   . HOH B 2 .  ? -5.908  16.339  2.999   1.00 30.42  ? 112 HOH A O   1 
HETATM 562 O O   . HOH B 2 .  ? 8.453   9.274   10.290  1.00 15.59  ? 113 HOH A O   1 
HETATM 563 O O   . HOH B 2 .  ? -6.315  -11.216 -0.356  1.00 50.79  ? 114 HOH A O   1 
HETATM 564 O O   . HOH B 2 .  ? -1.549  -8.022  -11.631 1.00 30.92  ? 115 HOH A O   1 
HETATM 565 O O   A HOH B 2 .  ? 2.079   -4.000  6.703   0.60 15.42  ? 116 HOH A O   1 
HETATM 566 O O   B HOH B 2 .  ? 1.793   -3.941  8.149   0.40 13.77  ? 116 HOH A O   1 
HETATM 567 O O   . HOH B 2 .  ? 2.788   -3.425  -12.468 1.00 23.53  ? 117 HOH A O   1 
HETATM 568 O O   . HOH B 2 .  ? -10.612 12.692  8.390   1.00 27.66  ? 118 HOH A O   1 
HETATM 569 O O   . HOH B 2 .  ? 4.512   -6.477  11.800  1.00 19.05  ? 119 HOH A O   1 
HETATM 570 O O   . HOH B 2 .  ? 2.470   -2.785  -5.432  1.00 12.78  ? 120 HOH A O   1 
HETATM 571 O O   . HOH B 2 .  ? -8.447  3.982   -8.474  1.00 29.17  ? 121 HOH A O   1 
HETATM 572 O O   A HOH B 2 .  ? -1.195  -15.978 10.204  0.50 22.37  ? 122 HOH A O   1 
HETATM 573 O O   B HOH B 2 .  ? -2.438  -16.634 9.329   0.50 37.24  ? 122 HOH A O   1 
HETATM 574 O O   . HOH B 2 .  ? -2.997  -17.563 -2.423  1.00 46.08  ? 123 HOH A O   1 
HETATM 575 O O   . HOH B 2 .  ? 8.485   1.509   17.423  1.00 18.86  ? 124 HOH A O   1 
HETATM 576 O O   . HOH B 2 .  ? 11.649  -8.661  -2.914  1.00 34.95  ? 125 HOH A O   1 
HETATM 577 O O   . HOH B 2 .  ? 4.177   2.727   18.325  1.00 37.11  ? 126 HOH A O   1 
HETATM 578 O O   . HOH B 2 .  ? 1.825   -15.941 13.580  1.00 21.12  ? 127 HOH A O   1 
HETATM 579 O O   . HOH B 2 .  ? 4.528   14.769  -10.075 1.00 43.13  ? 128 HOH A O   1 
HETATM 580 O O   . HOH B 2 .  ? -10.288 1.626   -5.824  1.00 21.46  ? 129 HOH A O   1 
HETATM 581 O O   . HOH B 2 .  ? 13.212  3.395   -1.064  1.00 39.21  ? 130 HOH A O   1 
HETATM 582 O O   . HOH B 2 .  ? -6.377  -12.470 -8.108  1.00 28.81  ? 131 HOH A O   1 
HETATM 583 O O   . HOH B 2 .  ? 1.696   5.382   10.896  1.00 10.80  ? 132 HOH A O   1 
HETATM 584 O O   . HOH B 2 .  ? 3.968   -12.725 -3.428  1.00 34.43  ? 133 HOH A O   1 
HETATM 585 O O   . HOH B 2 .  ? 10.237  3.295   11.417  1.00 13.55  ? 134 HOH A O   1 
HETATM 586 O O   . HOH B 2 .  ? 9.045   -6.126  3.268   1.00 20.65  ? 135 HOH A O   1 
HETATM 587 O O   . HOH B 2 .  ? 2.996   -12.355 1.166   1.00 19.11  ? 136 HOH A O   1 
HETATM 588 O O   . HOH B 2 .  ? 10.323  -3.879  -3.288  1.00 26.12  ? 137 HOH A O   1 
HETATM 589 O O   . HOH B 2 .  ? 7.947   3.244   -11.110 1.00 33.24  ? 138 HOH A O   1 
HETATM 590 O O   . HOH B 2 .  ? -5.341  -15.058 0.438   1.00 36.17  ? 139 HOH A O   1 
HETATM 591 O O   . HOH B 2 .  ? -6.723  0.088   -7.237  1.00 13.79  ? 140 HOH A O   1 
HETATM 592 O O   . HOH B 2 .  ? 12.405  1.381   -0.318  1.00 36.49  ? 141 HOH A O   1 
HETATM 593 O O   . HOH B 2 .  ? -9.814  11.568  -4.038  1.00 19.31  ? 142 HOH A O   1 
HETATM 594 O O   . HOH B 2 .  ? -9.885  -3.130  -7.667  1.00 18.07  ? 143 HOH A O   1 
HETATM 595 O O   . HOH B 2 .  ? -4.629  9.808   10.738  1.00 20.70  ? 144 HOH A O   1 
HETATM 596 O O   . HOH B 2 .  ? 4.665   -3.571  9.351   1.00 17.62  ? 145 HOH A O   1 
HETATM 597 O O   . HOH B 2 .  ? 4.174   2.924   -10.200 1.00 42.22  ? 146 HOH A O   1 
HETATM 598 O O   . HOH B 2 .  ? 9.425   -9.994  -6.889  1.00 37.51  ? 147 HOH A O   1 
HETATM 599 O O   . HOH B 2 .  ? -5.000  6.551   12.884  1.00 18.28  ? 148 HOH A O   1 
HETATM 600 O O   . HOH B 2 .  ? 0.084   -19.049 16.512  1.00 17.57  ? 149 HOH A O   1 
HETATM 601 O O   . HOH B 2 .  ? -3.277  2.221   -9.103  1.00 17.22  ? 150 HOH A O   1 
HETATM 602 O O   . HOH B 2 .  ? 2.581   6.625   13.158  1.00 27.00  ? 151 HOH A O   1 
HETATM 603 O O   . HOH B 2 .  ? 2.060   -0.987  12.782  1.00 23.92  ? 152 HOH A O   1 
HETATM 604 O O   . HOH B 2 .  ? -1.550  -13.229 -5.827  1.00 27.95  ? 153 HOH A O   1 
HETATM 605 O O   . HOH B 2 .  ? 9.332   7.072   -9.660  1.00 20.96  ? 154 HOH A O   1 
HETATM 606 O O   . HOH B 2 .  ? 1.773   1.448   13.022  1.00 46.25  ? 155 HOH A O   1 
HETATM 607 O O   . HOH B 2 .  ? 4.131   8.295   -5.475  1.00 14.67  ? 156 HOH A O   1 
HETATM 608 O O   . HOH B 2 .  ? -5.020  8.776   -7.640  1.00 21.56  ? 157 HOH A O   1 
HETATM 609 O O   . HOH B 2 .  ? 1.308   -8.528  9.641   1.00 11.99  ? 158 HOH A O   1 
HETATM 610 O O   . HOH B 2 .  ? 2.997   -1.004  15.549  1.00 31.09  ? 159 HOH A O   1 
HETATM 611 O O   . HOH B 2 .  ? 9.417   -1.704  -5.847  1.00 17.66  ? 160 HOH A O   1 
HETATM 612 O O   . HOH B 2 .  ? -11.906 15.752  2.760   1.00 45.73  ? 161 HOH A O   1 
HETATM 613 O O   . HOH B 2 .  ? 9.846   1.175   13.370  1.00 13.49  ? 162 HOH A O   1 
HETATM 614 O O   . HOH B 2 .  ? -9.306  -9.609  -8.270  1.00 28.53  ? 163 HOH A O   1 
HETATM 615 O O   . HOH B 2 .  ? -6.265  -9.033  -2.119  1.00 18.41  ? 164 HOH A O   1 
HETATM 616 O O   . HOH B 2 .  ? 1.470   -9.644  -10.993 1.00 28.17  ? 165 HOH A O   1 
HETATM 617 O O   . HOH B 2 .  ? -2.419  -11.762 4.453   1.00 27.04  ? 166 HOH A O   1 
HETATM 618 O O   . HOH B 2 .  ? -7.213  4.133   -11.981 1.00 33.23  ? 167 HOH A O   1 
HETATM 619 O O   . HOH B 2 .  ? -0.170  8.140   -9.382  1.00 18.80  ? 168 HOH A O   1 
HETATM 620 O O   . HOH B 2 .  ? 4.742   -12.501 -0.904  1.00 39.48  ? 169 HOH A O   1 
HETATM 621 O O   . HOH B 2 .  ? -8.563  -3.193  -11.890 1.00 38.10  ? 170 HOH A O   1 
HETATM 622 O O   . HOH B 2 .  ? -4.395  -15.841 10.861  1.00 21.05  ? 171 HOH A O   1 
HETATM 623 O O   . HOH B 2 .  ? -9.551  8.945   0.379   1.00 17.86  ? 172 HOH A O   1 
HETATM 624 O O   . HOH B 2 .  ? -6.922  12.165  -4.933  1.00 20.45  ? 173 HOH A O   1 
HETATM 625 O O   . HOH B 2 .  ? 0.515   -2.526  9.777   1.00 17.61  ? 174 HOH A O   1 
HETATM 626 O O   . HOH B 2 .  ? 10.778  11.010  -12.261 1.00 32.47  ? 175 HOH A O   1 
HETATM 627 O O   . HOH B 2 .  ? 6.997   0.239   -11.383 0.50 43.83  ? 176 HOH A O   1 
HETATM 628 O O   . HOH B 2 .  ? -1.850  -9.698  14.426  1.00 10.32  ? 177 HOH A O   1 
HETATM 629 O O   . HOH B 2 .  ? -3.218  -15.465 -7.282  1.00 49.04  ? 178 HOH A O   1 
HETATM 630 O O   . HOH B 2 .  ? 4.976   -11.178 5.341   1.00 17.55  ? 179 HOH A O   1 
HETATM 631 O O   . HOH B 2 .  ? -2.567  11.090  10.066  1.00 38.39  ? 180 HOH A O   1 
HETATM 632 O O   . HOH B 2 .  ? 1.413   -5.059  10.615  1.00 14.00  ? 181 HOH A O   1 
HETATM 633 O O   . HOH B 2 .  ? -12.785 12.618  5.276   1.00 30.49  ? 182 HOH A O   1 
HETATM 634 O O   . HOH B 2 .  ? -3.523  8.885   -9.325  1.00 27.01  ? 183 HOH A O   1 
HETATM 635 O O   . HOH B 2 .  ? 9.492   -3.515  2.488   1.00 14.65  ? 184 HOH A O   1 
HETATM 636 O O   . HOH B 2 .  ? 2.072   9.265   14.286  1.00 25.75  ? 185 HOH A O   1 
HETATM 637 O O   . HOH B 2 .  ? -9.272  -13.772 -2.928  1.00 27.91  ? 186 HOH A O   1 
HETATM 638 O O   . HOH B 2 .  ? -10.726 -5.328  -9.389  1.00 40.73  ? 187 HOH A O   1 
HETATM 639 O O   . HOH B 2 .  ? 1.266   1.330   -10.806 1.00 19.56  ? 188 HOH A O   1 
HETATM 640 O O   . HOH B 2 .  ? -7.520  1.885   -10.652 1.00 39.81  ? 189 HOH A O   1 
HETATM 641 O O   . HOH B 2 .  ? -11.762 9.379   -0.821  1.00 17.97  ? 190 HOH A O   1 
HETATM 642 O O   . HOH B 2 .  ? 1.049   -6.919  -11.810 1.00 45.34  ? 191 HOH A O   1 
HETATM 643 O O   . HOH B 2 .  ? 3.671   8.420   13.070  1.00 34.34  ? 192 HOH A O   1 
HETATM 644 O O   . HOH B 2 .  ? 4.952   -12.554 2.845   1.00 33.81  ? 193 HOH A O   1 
HETATM 645 O O   . HOH B 2 .  ? -0.164  5.461   -10.755 1.00 23.17  ? 194 HOH A O   1 
HETATM 646 O O   . HOH B 2 .  ? -11.159 3.831   -8.648  1.00 23.76  ? 195 HOH A O   1 
HETATM 647 O O   . HOH B 2 .  ? -1.098  2.836   -10.594 1.00 22.22  ? 196 HOH A O   1 
HETATM 648 O O   . HOH B 2 .  ? -13.038 12.363  2.805   1.00 33.79  ? 197 HOH A O   1 
HETATM 649 O O   . HOH B 2 .  ? 12.663  -0.502  -3.674  1.00 58.23  ? 198 HOH A O   1 
HETATM 650 O O   . HOH B 2 .  ? -5.050  0.210   -9.458  1.00 24.64  ? 199 HOH A O   1 
HETATM 651 O O   . HOH B 2 .  ? 3.020   -15.159 15.288  1.00 49.50  ? 200 HOH A O   1 
HETATM 652 O O   . HOH B 2 .  ? -4.749  -17.934 12.501  1.00 44.02  ? 201 HOH A O   1 
HETATM 653 O O   . HOH B 2 .  ? 10.596  -3.313  -7.535  0.50 37.47  ? 202 HOH A O   1 
HETATM 654 O O   . HOH B 2 .  ? 3.128   -3.512  11.966  1.00 20.73  ? 203 HOH A O   1 
HETATM 655 O O   . HOH B 2 .  ? 3.653   -3.569  14.778  1.00 33.89  ? 204 HOH A O   1 
HETATM 656 O O   . HOH B 2 .  ? -5.265  -6.506  -13.136 1.00 40.81  ? 205 HOH A O   1 
HETATM 657 O O   . HOH B 2 .  ? -9.387  -0.287  -7.907  1.00 23.36  ? 206 HOH A O   1 
HETATM 658 O O   . HOH B 2 .  ? -3.154  -5.925  -11.665 1.00 33.32  ? 207 HOH A O   1 
HETATM 659 O O   . HOH B 2 .  ? -0.309  -0.805  11.606  1.00 21.76  ? 208 HOH A O   1 
HETATM 660 O O   . HOH B 2 .  ? -6.891  -15.745 9.315   1.00 30.36  ? 209 HOH A O   1 
HETATM 661 O O   . HOH B 2 .  ? -9.139  11.659  10.437  1.00 30.63  ? 210 HOH A O   1 
HETATM 662 O O   A HOH B 2 .  ? -0.976  5.759   15.211  0.50 20.98  ? 211 HOH A O   1 
HETATM 663 O O   B HOH B 2 .  ? 0.492   5.398   14.595  0.50 33.22  ? 211 HOH A O   1 
HETATM 664 O O   . HOH B 2 .  ? -7.834  9.596   11.354  1.00 30.29  ? 212 HOH A O   1 
HETATM 665 O O   . HOH B 2 .  ? -3.330  4.713   14.037  1.00 25.18  ? 213 HOH A O   1 
HETATM 666 O O   . HOH B 2 .  ? 0.682   0.516   -13.500 1.00 39.19  ? 214 HOH A O   1 
HETATM 667 O O   . HOH B 2 .  ? 2.473   5.939   15.789  1.00 33.51  ? 215 HOH A O   1 
HETATM 668 O O   . HOH B 2 .  ? 3.184   -15.384 11.213  1.00 34.47  ? 216 HOH A O   1 
HETATM 669 O O   . HOH B 2 .  ? -13.018 8.123   -2.825  1.00 20.15  ? 217 HOH A O   1 
HETATM 670 O O   . HOH B 2 .  ? -12.324 -2.583  -6.507  1.00 29.72  ? 218 HOH A O   1 
HETATM 671 O O   . HOH B 2 .  ? -3.094  7.866   15.281  0.17 71.37  ? 219 HOH A O   1 
HETATM 672 O O   . HOH B 2 .  ? 4.272   2.933   -14.313 0.50 33.61  ? 220 HOH A O   1 
HETATM 673 O O   . HOH B 2 .  ? -4.860  -0.466  -12.175 1.00 36.44  ? 221 HOH A O   1 
HETATM 674 O O   . HOH B 2 .  ? 3.109   9.948   16.238  1.00 27.21  ? 222 HOH A O   1 
HETATM 675 O O   . HOH B 2 .  ? -3.242  -4.601  -13.372 1.00 46.23  ? 223 HOH A O   1 
HETATM 676 O O   . HOH B 2 .  ? -7.968  10.881  13.676  0.17 127.41 ? 224 HOH A O   1 
HETATM 677 O O   . HOH B 2 .  ? -14.063 17.422  6.142   0.17 89.49  ? 225 HOH A O   1 
HETATM 678 O O   . HOH B 2 .  ? -3.110  6.793   17.256  0.17 30.99  ? 226 HOH A O   1 
# 
loop_
_atom_site_anisotrop.id 
_atom_site_anisotrop.type_symbol 
_atom_site_anisotrop.pdbx_label_atom_id 
_atom_site_anisotrop.pdbx_label_alt_id 
_atom_site_anisotrop.pdbx_label_comp_id 
_atom_site_anisotrop.pdbx_label_asym_id 
_atom_site_anisotrop.pdbx_label_seq_id 
_atom_site_anisotrop.pdbx_PDB_ins_code 
_atom_site_anisotrop.U[1][1] 
_atom_site_anisotrop.U[2][2] 
_atom_site_anisotrop.U[3][3] 
_atom_site_anisotrop.U[1][2] 
_atom_site_anisotrop.U[1][3] 
_atom_site_anisotrop.U[2][3] 
_atom_site_anisotrop.pdbx_auth_seq_id 
_atom_site_anisotrop.pdbx_auth_comp_id 
_atom_site_anisotrop.pdbx_auth_asym_id 
_atom_site_anisotrop.pdbx_auth_atom_id 
1   N N   . GLY A 1  ? 0.1926 0.1879 0.1951 0.0061  0.0166  0.0240  5   GLY A N   
2   C CA  . GLY A 1  ? 0.1782 0.1818 0.2388 0.0131  0.0034  0.0487  5   GLY A CA  
3   C C   . GLY A 1  ? 0.2328 0.1575 0.1459 -0.0104 0.0273  0.0004  5   GLY A C   
4   O O   . GLY A 1  ? 0.2546 0.1884 0.2057 0.0271  0.0005  0.0030  5   GLY A O   
5   N N   . GLN A 2  ? 0.1912 0.1831 0.1715 0.0078  0.0046  0.0061  6   GLN A N   
6   C CA  . GLN A 2  ? 0.1833 0.1744 0.1806 0.0014  0.0174  0.0213  6   GLN A CA  
7   C C   . GLN A 2  ? 0.1959 0.1450 0.1301 0.0404  0.0131  0.0099  6   GLN A C   
8   O O   . GLN A 2  ? 0.2354 0.1415 0.1404 0.0261  0.0044  0.0036  6   GLN A O   
9   C CB  . GLN A 2  ? 0.2497 0.1505 0.1526 -0.0009 0.0153  -0.0085 6   GLN A CB  
10  C CG  . GLN A 2  ? 0.2254 0.1834 0.1428 0.0027  0.0470  -0.0220 6   GLN A CG  
11  C CD  . GLN A 2  ? 0.2520 0.1441 0.1651 0.0080  0.0287  -0.0198 6   GLN A CD  
12  O OE1 . GLN A 2  ? 0.2635 0.1771 0.1334 0.0085  0.0201  0.0170  6   GLN A OE1 
13  N NE2 . GLN A 2  ? 0.2643 0.1687 0.2459 0.0302  -0.0333 -0.0014 6   GLN A NE2 
14  N N   . MET A 3  ? 0.1782 0.1599 0.1415 0.0036  0.0281  -0.0095 7   MET A N   
15  C CA  . MET A 3  ? 0.1961 0.2015 0.1398 0.0196  0.0163  0.0131  7   MET A CA  
16  C C   . MET A 3  ? 0.2251 0.1590 0.1533 0.0278  0.0602  -0.0061 7   MET A C   
17  O O   . MET A 3  ? 0.1793 0.1721 0.1697 0.0344  0.0126  0.0015  7   MET A O   
18  C CB  . MET A 3  ? 0.1679 0.1650 0.1309 0.0181  0.0180  0.0017  7   MET A CB  
19  C CG  . MET A 3  ? 0.2593 0.2101 0.1477 0.0643  -0.0155 -0.0008 7   MET A CG  
20  S SD  . MET A 3  ? 0.2138 0.2718 0.2037 0.0153  0.0057  -0.0188 7   MET A SD  
21  C CE  . MET A 3  ? 0.2509 0.2138 0.1770 -0.0107 -0.0138 0.0053  7   MET A CE  
22  N N   . LEU A 4  ? 0.1934 0.1159 0.1882 -0.0076 0.1113  -0.0064 8   LEU A N   
23  C CA  . LEU A 4  ? 0.1692 0.1783 0.2060 -0.0705 0.1064  -0.0671 8   LEU A CA  
24  C C   . LEU A 4  ? 0.1171 0.1518 0.1293 -0.0231 0.0473  -0.0443 8   LEU A C   
25  O O   . LEU A 4  ? 0.1335 0.2219 0.1299 -0.0107 0.0244  -0.0458 8   LEU A O   
26  C CB  . LEU A 4  ? 0.1535 0.2776 0.1648 -0.0559 0.0388  -0.0275 8   LEU A CB  
27  C CG  . LEU A 4  ? 0.1747 0.2487 0.2276 -0.0508 0.0263  -0.0224 8   LEU A CG  
28  C CD1 . LEU A 4  ? 0.1909 0.2780 0.2038 -0.0454 0.0125  -0.0101 8   LEU A CD1 
29  C CD2 . LEU A 4  ? 0.3522 0.1744 0.3025 -0.0290 -0.0060 -0.0144 8   LEU A CD2 
30  N N   . ALA A 5  ? 0.1088 0.1378 0.1100 -0.0057 0.0191  -0.0188 9   ALA A N   
31  C CA  . ALA A 5  ? 0.1122 0.1306 0.0995 -0.0137 0.0049  0.0046  9   ALA A CA  
32  C C   . ALA A 5  ? 0.1172 0.1499 0.0830 -0.0069 0.0140  0.0038  9   ALA A C   
33  O O   . ALA A 5  ? 0.1377 0.1601 0.1027 0.0143  0.0142  0.0009  9   ALA A O   
34  C CB  . ALA A 5  ? 0.1274 0.1376 0.1081 0.0016  0.0062  -0.0094 9   ALA A CB  
35  N N   . ASP A 6  ? 0.1224 0.1389 0.0945 -0.0153 0.0083  0.0058  10  ASP A N   
36  C CA  . ASP A 6  ? 0.1224 0.1102 0.1173 -0.0060 0.0166  -0.0079 10  ASP A CA  
37  C C   . ASP A 6  ? 0.1162 0.1314 0.1301 0.0019  0.0135  -0.0079 10  ASP A C   
38  O O   . ASP A 6  ? 0.1412 0.1579 0.1028 0.0064  0.0326  -0.0057 10  ASP A O   
39  C CB  . ASP A 6  ? 0.1149 0.1047 0.1406 -0.0026 0.0101  -0.0039 10  ASP A CB  
40  C CG  . ASP A 6  ? 0.1387 0.1256 0.1290 -0.0027 -0.0119 -0.0078 10  ASP A CG  
41  O OD1 . ASP A 6  ? 0.2158 0.1334 0.1413 0.0024  -0.0108 -0.0017 10  ASP A OD1 
42  O OD2 . ASP A 6  ? 0.1790 0.1561 0.1576 0.0167  -0.0302 -0.0288 10  ASP A OD2 
43  N N   . PRO A 7  ? 0.1503 0.1353 0.0999 -0.0011 0.0046  -0.0077 11  PRO A N   
44  C CA  . PRO A 7  ? 0.1751 0.1502 0.1008 0.0025  0.0230  -0.0065 11  PRO A CA  
45  C C   . PRO A 7  ? 0.1369 0.1328 0.1086 -0.0071 0.0271  -0.0098 11  PRO A C   
46  O O   . PRO A 7  ? 0.1654 0.1284 0.1086 0.0002  0.0384  -0.0080 11  PRO A O   
47  C CB  . PRO A 7  ? 0.2853 0.1438 0.1315 -0.0175 -0.0056 0.0066  11  PRO A CB  
48  C CG  . PRO A 7  ? 0.2107 0.1591 0.1244 -0.0323 0.0091  -0.0243 11  PRO A CG  
49  C CD  . PRO A 7  ? 0.1529 0.1414 0.0987 0.0092  0.0170  -0.0152 11  PRO A CD  
50  N N   . PHE A 8  ? 0.1377 0.1444 0.1008 -0.0032 0.0349  -0.0056 12  PHE A N   
51  C CA  . PHE A 8  ? 0.1147 0.1529 0.1074 -0.0086 0.0162  -0.0231 12  PHE A CA  
52  C C   . PHE A 8  ? 0.1359 0.1286 0.1082 0.0129  0.0234  -0.0081 12  PHE A C   
53  O O   . PHE A 8  ? 0.1532 0.1416 0.0995 0.0157  0.0385  -0.0051 12  PHE A O   
54  C CB  . PHE A 8  ? 0.1293 0.1531 0.1241 -0.0230 0.0215  -0.0174 12  PHE A CB  
55  C CG  . PHE A 8  ? 0.1331 0.2797 0.1107 0.0104  0.0517  -0.0337 12  PHE A CG  
56  C CD1 . PHE A 8  ? 0.1536 0.4187 0.1881 -0.0171 0.0123  -0.0719 12  PHE A CD1 
57  C CD2 . PHE A 8  ? 0.1896 0.3459 0.1269 0.0564  0.0489  0.0315  12  PHE A CD2 
58  C CE1 . PHE A 8  ? 0.1983 0.4326 0.2347 0.0659  0.0274  -0.0379 12  PHE A CE1 
59  C CE2 . PHE A 8  ? 0.1997 0.4532 0.1977 0.0804  0.0745  0.0775  12  PHE A CE2 
60  C CZ  . PHE A 8  ? 0.2103 0.4723 0.1144 0.1022  0.0500  0.0238  12  PHE A CZ  
61  N N   . LEU A 9  ? 0.1316 0.1303 0.0926 0.0212  0.0260  -0.0121 13  LEU A N   
62  C CA  . LEU A 9  ? 0.1558 0.1238 0.1003 0.0205  0.0395  0.0126  13  LEU A CA  
63  C C   . LEU A 9  ? 0.1638 0.0961 0.1101 0.0119  0.0438  -0.0058 13  LEU A C   
64  O O   . LEU A 9  ? 0.1520 0.1132 0.1125 -0.0057 0.0372  -0.0045 13  LEU A O   
65  C CB  . LEU A 9  ? 0.1459 0.1093 0.1448 0.0092  0.0360  0.0018  13  LEU A CB  
66  C CG  . LEU A 9  ? 0.1612 0.1488 0.1930 -0.0089 0.0696  -0.0210 13  LEU A CG  
67  C CD1 . LEU A 9  ? 0.2131 0.1559 0.3165 -0.0037 0.0954  -0.0976 13  LEU A CD1 
68  C CD2 . LEU A 9  ? 0.2010 0.1496 0.2950 0.0423  0.1020  0.0214  13  LEU A CD2 
69  N N   A ASN A 10 ? 0.1302 0.1146 0.1096 -0.0028 0.0387  0.0002  14  ASN A N   
70  N N   B ASN A 10 ? 0.1594 0.1114 0.1071 0.0094  0.0565  -0.0014 14  ASN A N   
71  C CA  A ASN A 10 ? 0.1402 0.1124 0.1298 0.0014  0.0352  -0.0024 14  ASN A CA  
72  C CA  B ASN A 10 ? 0.1637 0.1291 0.1172 0.0068  0.0657  -0.0041 14  ASN A CA  
73  C C   A ASN A 10 ? 0.1512 0.1157 0.1128 0.0207  0.0352  -0.0176 14  ASN A C   
74  C C   B ASN A 10 ? 0.1558 0.1160 0.1174 0.0200  0.0592  -0.0212 14  ASN A C   
75  O O   A ASN A 10 ? 0.1812 0.1093 0.1242 0.0197  0.0478  -0.0110 14  ASN A O   
76  O O   B ASN A 10 ? 0.1825 0.1370 0.1103 0.0343  0.0603  -0.0016 14  ASN A O   
77  C CB  A ASN A 10 ? 0.1437 0.1260 0.1244 0.0212  0.0290  -0.0201 14  ASN A CB  
78  C CB  B ASN A 10 ? 0.1521 0.1340 0.1439 -0.0183 0.0741  0.0217  14  ASN A CB  
79  C CG  A ASN A 10 ? 0.1795 0.1387 0.1227 0.0053  0.0337  -0.0255 14  ASN A CG  
80  C CG  B ASN A 10 ? 0.1750 0.2320 0.1414 0.0603  0.0378  0.0395  14  ASN A CG  
81  O OD1 A ASN A 10 ? 0.1882 0.1409 0.1870 -0.0182 0.0199  -0.0217 14  ASN A OD1 
82  O OD1 B ASN A 10 ? 0.1782 0.2554 0.2377 0.0383  0.0535  0.0725  14  ASN A OD1 
83  N ND2 A ASN A 10 ? 0.1447 0.1434 0.1574 0.0064  0.0019  -0.0164 14  ASN A ND2 
84  N ND2 B ASN A 10 ? 0.2279 0.2694 0.2713 0.1372  0.0676  0.0439  14  ASN A ND2 
85  N N   . ALA A 11 ? 0.1605 0.1139 0.1076 0.0097  0.0322  -0.0167 15  ALA A N   
86  C CA  . ALA A 11 ? 0.1737 0.1150 0.1176 -0.0045 0.0402  -0.0170 15  ALA A CA  
87  C C   . ALA A 11 ? 0.1513 0.1325 0.0994 -0.0036 0.0362  -0.0160 15  ALA A C   
88  O O   . ALA A 11 ? 0.1917 0.1476 0.1059 0.0025  0.0411  -0.0140 15  ALA A O   
89  C CB  . ALA A 11 ? 0.1832 0.1373 0.1258 -0.0185 0.0217  -0.0073 15  ALA A CB  
90  N N   . LEU A 12 ? 0.1591 0.1285 0.1062 0.0083  0.0366  -0.0120 16  LEU A N   
91  C CA  . LEU A 12 ? 0.1612 0.1336 0.1219 0.0109  0.0490  -0.0118 16  LEU A CA  
92  C C   . LEU A 12 ? 0.1549 0.1279 0.1185 0.0119  0.0438  -0.0079 16  LEU A C   
93  O O   . LEU A 12 ? 0.1896 0.1339 0.1128 -0.0066 0.0478  -0.0173 16  LEU A O   
94  C CB  . LEU A 12 ? 0.1587 0.1463 0.1398 0.0255  0.0477  0.0131  16  LEU A CB  
95  C CG  . LEU A 12 ? 0.1484 0.2183 0.1650 0.0234  0.0448  0.0593  16  LEU A CG  
96  C CD1 . LEU A 12 ? 0.2240 0.2847 0.1895 0.0990  0.1156  0.0692  16  LEU A CD1 
97  C CD2 . LEU A 12 ? 0.1431 0.2919 0.2130 0.0548  0.0272  0.0472  16  LEU A CD2 
98  N N   . ARG A 13 ? 0.1509 0.1149 0.1267 0.0049  0.0509  -0.0040 17  ARG A N   
99  C CA  . ARG A 13 ? 0.1628 0.1202 0.1250 -0.0137 0.0448  -0.0022 17  ARG A CA  
100 C C   . ARG A 13 ? 0.1394 0.1377 0.1425 0.0104  0.0525  -0.0014 17  ARG A C   
101 O O   . ARG A 13 ? 0.1807 0.1530 0.1383 -0.0055 0.0719  -0.0049 17  ARG A O   
102 C CB  . ARG A 13 ? 0.1701 0.1325 0.1736 -0.0009 0.0454  -0.0291 17  ARG A CB  
103 C CG  . ARG A 13 ? 0.1844 0.1584 0.1889 -0.0075 0.0473  0.0106  17  ARG A CG  
104 C CD  . ARG A 13 ? 0.1889 0.1832 0.2315 0.0244  0.0025  0.0156  17  ARG A CD  
105 N NE  . ARG A 13 ? 0.2078 0.2154 0.2706 -0.0057 0.0055  0.0464  17  ARG A NE  
106 C CZ  . ARG A 13 ? 0.1582 0.2513 0.3896 -0.0114 -0.0325 0.0410  17  ARG A CZ  
107 N NH1 . ARG A 13 ? 0.2638 0.4194 0.3174 0.0155  0.0235  -0.0261 17  ARG A NH1 
108 N NH2 . ARG A 13 ? 0.3237 0.2081 0.4888 0.0845  -0.0316 0.0338  17  ARG A NH2 
109 N N   . LYS A 14 ? 0.1506 0.1258 0.1523 0.0137  0.0499  -0.0112 18  LYS A N   
110 C CA  . LYS A 14 ? 0.1517 0.1345 0.1631 0.0167  0.0535  -0.0107 18  LYS A CA  
111 C C   . LYS A 14 ? 0.1925 0.1682 0.1327 0.0261  0.0548  -0.0412 18  LYS A C   
112 O O   . LYS A 14 ? 0.2060 0.2116 0.1443 0.0333  0.0722  -0.0243 18  LYS A O   
113 C CB  . LYS A 14 ? 0.2423 0.1363 0.1668 0.0560  0.0764  -0.0066 18  LYS A CB  
114 C CG  . LYS A 14 ? 0.2822 0.2546 0.1783 0.0572  0.0366  -0.0180 18  LYS A CG  
115 C CD  . LYS A 14 ? 0.3978 0.3232 0.3100 0.1023  0.0445  0.0587  18  LYS A CD  
116 C CE  . LYS A 14 ? 0.5159 0.4578 0.3537 0.0731  -0.0037 -0.0129 18  LYS A CE  
117 N NZ  . LYS A 14 ? 0.6556 0.5812 0.5486 0.0542  -0.0514 0.1290  18  LYS A NZ  
118 N N   . GLU A 15 ? 0.1937 0.1517 0.1185 0.0128  0.0560  -0.0070 19  GLU A N   
119 C CA  . GLU A 15 ? 0.2009 0.1622 0.1334 -0.0013 0.0610  -0.0186 19  GLU A CA  
120 C C   . GLU A 15 ? 0.2071 0.1720 0.1075 0.0080  0.0510  -0.0346 19  GLU A C   
121 O O   . GLU A 15 ? 0.2173 0.1799 0.1292 -0.0147 0.0456  -0.0314 19  GLU A O   
122 C CB  . GLU A 15 ? 0.2020 0.1532 0.1490 -0.0042 0.0614  -0.0248 19  GLU A CB  
123 C CG  . GLU A 15 ? 0.2868 0.1573 0.1900 -0.0045 0.0577  -0.0174 19  GLU A CG  
124 C CD  . GLU A 15 ? 0.2539 0.2197 0.3163 -0.0112 0.0297  0.0521  19  GLU A CD  
125 O OE1 . GLU A 15 ? 0.2538 0.3097 0.4183 -0.1387 -0.0101 0.1161  19  GLU A OE1 
126 O OE2 . GLU A 15 ? 0.4033 0.3553 0.4347 -0.1140 -0.0109 0.1611  19  GLU A OE2 
127 N N   . HIS A 16 ? 0.1511 0.1683 0.1351 -0.0073 0.0654  -0.0130 20  HIS A N   
128 C CA  . HIS A 16 ? 0.1753 0.1888 0.1119 0.0016  0.0645  -0.0155 20  HIS A CA  
129 C C   . HIS A 16 ? 0.1730 0.1917 0.1041 -0.0019 0.0541  -0.0148 20  HIS A C   
130 O O   . HIS A 16 ? 0.1810 0.2417 0.1139 0.0027  0.0551  0.0073  20  HIS A O   
131 C CB  . HIS A 16 ? 0.1656 0.1904 0.1067 0.0066  0.0529  0.0011  20  HIS A CB  
132 C CG  . HIS A 16 ? 0.2006 0.1776 0.1109 0.0027  0.0593  -0.0057 20  HIS A CG  
133 N ND1 . HIS A 16 ? 0.1726 0.2507 0.1650 -0.0140 0.0369  0.0060  20  HIS A ND1 
134 C CD2 . HIS A 16 ? 0.2458 0.1951 0.1932 -0.0032 0.0818  0.0100  20  HIS A CD2 
135 C CE1 . HIS A 16 ? 0.2334 0.2747 0.1508 0.0253  0.0708  0.0231  20  HIS A CE1 
136 N NE2 . HIS A 16 ? 0.2131 0.2758 0.1817 0.0407  0.0879  0.0255  20  HIS A NE2 
137 N N   . VAL A 17 ? 0.1777 0.1596 0.1163 0.0098  0.0535  -0.0188 21  VAL A N   
138 C CA  . VAL A 17 ? 0.1703 0.1360 0.1127 0.0074  0.0417  -0.0206 21  VAL A CA  
139 C C   . VAL A 17 ? 0.1265 0.1514 0.1161 -0.0012 0.0306  -0.0239 21  VAL A C   
140 O O   . VAL A 17 ? 0.1547 0.1723 0.1066 -0.0026 0.0222  -0.0417 21  VAL A O   
141 C CB  . VAL A 17 ? 0.1801 0.1648 0.1505 -0.0148 0.0587  -0.0137 21  VAL A CB  
142 C CG1 . VAL A 17 ? 0.1746 0.1717 0.1645 -0.0234 0.0383  -0.0237 21  VAL A CG1 
143 C CG2 . VAL A 17 ? 0.1871 0.1788 0.2791 -0.0145 0.0879  0.0295  21  VAL A CG2 
144 N N   . PRO A 18 ? 0.1503 0.1549 0.1109 0.0006  0.0392  -0.0303 22  PRO A N   
145 C CA  . PRO A 18 ? 0.1835 0.1567 0.1266 -0.0234 0.0517  -0.0266 22  PRO A CA  
146 C C   . PRO A 18 ? 0.1427 0.1281 0.1233 -0.0025 0.0301  -0.0153 22  PRO A C   
147 O O   . PRO A 18 ? 0.1607 0.1530 0.1315 -0.0263 0.0423  -0.0275 22  PRO A O   
148 C CB  . PRO A 18 ? 0.2390 0.1744 0.1447 -0.0059 0.0529  0.0188  22  PRO A CB  
149 C CG  . PRO A 18 ? 0.2543 0.2271 0.1532 0.0162  0.0271  0.0039  22  PRO A CG  
150 C CD  . PRO A 18 ? 0.1967 0.1771 0.1227 0.0061  0.0357  -0.0307 22  PRO A CD  
151 N N   . VAL A 19 ? 0.1397 0.1201 0.1244 -0.0151 0.0347  -0.0046 23  VAL A N   
152 C CA  . VAL A 19 ? 0.1227 0.1149 0.1115 -0.0125 0.0279  0.0069  23  VAL A CA  
153 C C   . VAL A 19 ? 0.1230 0.1216 0.1005 -0.0175 0.0124  -0.0092 23  VAL A C   
154 O O   . VAL A 19 ? 0.1291 0.1226 0.1138 -0.0118 0.0198  0.0039  23  VAL A O   
155 C CB  . VAL A 19 ? 0.1087 0.1278 0.1059 -0.0145 0.0338  0.0074  23  VAL A CB  
156 C CG1 . VAL A 19 ? 0.1480 0.1316 0.1375 -0.0219 0.0102  0.0067  23  VAL A CG1 
157 C CG2 . VAL A 19 ? 0.1239 0.1321 0.1238 0.0062  0.0134  0.0089  23  VAL A CG2 
158 N N   . SER A 20 ? 0.1265 0.1176 0.1001 -0.0041 0.0165  -0.0022 24  SER A N   
159 C CA  . SER A 20 ? 0.1375 0.1128 0.0902 -0.0049 0.0230  -0.0203 24  SER A CA  
160 C C   . SER A 20 ? 0.1286 0.0934 0.0944 -0.0169 0.0183  -0.0041 24  SER A C   
161 O O   . SER A 20 ? 0.1539 0.1111 0.0961 -0.0309 0.0204  -0.0147 24  SER A O   
162 C CB  . SER A 20 ? 0.1257 0.1149 0.1149 -0.0179 0.0171  -0.0073 24  SER A CB  
163 O OG  . SER A 20 ? 0.1479 0.1577 0.1076 -0.0032 -0.0043 -0.0006 24  SER A OG  
164 N N   . ILE A 21 ? 0.1356 0.0897 0.0942 -0.0157 0.0241  -0.0025 25  ILE A N   
165 C CA  . ILE A 21 ? 0.1353 0.1047 0.0935 -0.0213 0.0168  -0.0027 25  ILE A CA  
166 C C   . ILE A 21 ? 0.1122 0.0946 0.0947 -0.0183 0.0067  0.0042  25  ILE A C   
167 O O   . ILE A 21 ? 0.1415 0.0940 0.1214 -0.0148 0.0259  0.0044  25  ILE A O   
168 C CB  . ILE A 21 ? 0.1284 0.0998 0.1010 -0.0101 0.0140  0.0042  25  ILE A CB  
169 C CG1 . ILE A 21 ? 0.1421 0.1240 0.0991 -0.0013 0.0270  0.0138  25  ILE A CG1 
170 C CG2 . ILE A 21 ? 0.1414 0.1261 0.1057 -0.0027 0.0173  -0.0087 25  ILE A CG2 
171 C CD1 . ILE A 21 ? 0.1439 0.1652 0.1371 -0.0122 0.0183  -0.0062 25  ILE A CD1 
172 N N   . TYR A 22 ? 0.1231 0.0903 0.0912 -0.0216 0.0052  -0.0003 26  TYR A N   
173 C CA  . TYR A 22 ? 0.1176 0.1025 0.0854 -0.0126 0.0188  0.0004  26  TYR A CA  
174 C C   . TYR A 22 ? 0.1176 0.0972 0.0956 -0.0188 0.0043  0.0027  26  TYR A C   
175 O O   . TYR A 22 ? 0.2598 0.1010 0.0986 -0.0387 -0.0157 -0.0036 26  TYR A O   
176 C CB  . TYR A 22 ? 0.1249 0.0914 0.1176 -0.0221 0.0079  -0.0094 26  TYR A CB  
177 C CG  . TYR A 22 ? 0.1128 0.1019 0.1054 -0.0088 0.0151  -0.0073 26  TYR A CG  
178 C CD1 . TYR A 22 ? 0.1290 0.1111 0.1058 -0.0151 0.0006  -0.0173 26  TYR A CD1 
179 C CD2 . TYR A 22 ? 0.1553 0.1162 0.1470 -0.0178 -0.0239 -0.0159 26  TYR A CD2 
180 C CE1 . TYR A 22 ? 0.1236 0.1201 0.1259 -0.0113 -0.0005 -0.0109 26  TYR A CE1 
181 C CE2 . TYR A 22 ? 0.1980 0.1447 0.1398 -0.0008 -0.0322 -0.0194 26  TYR A CE2 
182 C CZ  . TYR A 22 ? 0.2036 0.1391 0.1142 -0.0141 -0.0201 -0.0019 26  TYR A CZ  
183 O OH  . TYR A 22 ? 0.2432 0.1696 0.1337 0.0028  -0.0625 -0.0240 26  TYR A OH  
184 N N   . LEU A 23 ? 0.1089 0.1019 0.0959 -0.0143 -0.0009 -0.0082 27  LEU A N   
185 C CA  . LEU A 23 ? 0.1112 0.1077 0.0900 -0.0044 -0.0047 -0.0119 27  LEU A CA  
186 C C   . LEU A 23 ? 0.0945 0.1269 0.1054 -0.0006 0.0047  -0.0196 27  LEU A C   
187 O O   . LEU A 23 ? 0.1223 0.1613 0.1362 0.0176  -0.0123 -0.0379 27  LEU A O   
188 C CB  . LEU A 23 ? 0.1022 0.1091 0.1092 -0.0091 -0.0036 -0.0082 27  LEU A CB  
189 C CG  . LEU A 23 ? 0.1157 0.1026 0.1051 -0.0117 0.0056  0.0030  27  LEU A CG  
190 C CD1 . LEU A 23 ? 0.1250 0.1255 0.1299 -0.0156 0.0056  -0.0170 27  LEU A CD1 
191 C CD2 . LEU A 23 ? 0.1097 0.1433 0.1485 -0.0019 0.0207  0.0121  27  LEU A CD2 
192 N N   . VAL A 24 ? 0.0921 0.1590 0.1049 0.0075  0.0053  -0.0310 28  VAL A N   
193 C CA  . VAL A 24 ? 0.1086 0.1818 0.1194 -0.0078 0.0123  -0.0508 28  VAL A CA  
194 C C   . VAL A 24 ? 0.1248 0.1702 0.1388 0.0297  0.0019  -0.0504 28  VAL A C   
195 O O   . VAL A 24 ? 0.1699 0.2728 0.1572 0.0926  0.0100  -0.0452 28  VAL A O   
196 C CB  . VAL A 24 ? 0.1454 0.1966 0.1245 -0.0208 0.0221  -0.0402 28  VAL A CB  
197 C CG1 . VAL A 24 ? 0.1973 0.1901 0.1482 -0.0494 0.0548  -0.0305 28  VAL A CG1 
198 C CG2 . VAL A 24 ? 0.1367 0.1658 0.1172 0.0084  0.0090  -0.0546 28  VAL A CG2 
199 N N   . ASN A 25 ? 0.1378 0.1527 0.1414 0.0246  -0.0197 -0.0317 29  ASN A N   
200 C CA  . ASN A 25 ? 0.2332 0.1357 0.1623 0.0096  -0.0566 -0.0284 29  ASN A CA  
201 C C   . ASN A 25 ? 0.1761 0.1488 0.1336 0.0214  -0.0187 -0.0348 29  ASN A C   
202 O O   . ASN A 25 ? 0.2114 0.1678 0.1529 0.0458  -0.0293 -0.0328 29  ASN A O   
203 C CB  . ASN A 25 ? 0.2158 0.1620 0.2006 0.0086  -0.0169 0.0011  29  ASN A CB  
204 C CG  . ASN A 25 ? 0.1802 0.1643 0.1884 -0.0091 -0.0086 -0.0263 29  ASN A CG  
205 O OD1 . ASN A 25 ? 0.1638 0.1237 0.1637 -0.0110 0.0007  -0.0150 29  ASN A OD1 
206 N ND2 . ASN A 25 ? 0.1553 0.1805 0.1854 -0.0351 -0.0092 0.0058  29  ASN A ND2 
207 N N   . GLY A 26 ? 0.1327 0.1592 0.1203 0.0235  -0.0145 -0.0324 30  GLY A N   
208 C CA  . GLY A 26 ? 0.1275 0.1894 0.1251 0.0099  -0.0045 -0.0327 30  GLY A CA  
209 C C   . GLY A 26 ? 0.1357 0.1662 0.1385 0.0159  -0.0204 -0.0404 30  GLY A C   
210 O O   . GLY A 26 ? 0.1215 0.2860 0.1525 0.0267  -0.0218 -0.0474 30  GLY A O   
211 N N   . ILE A 27 ? 0.1266 0.1358 0.1109 -0.0036 -0.0049 -0.0110 31  ILE A N   
212 C CA  . ILE A 27 ? 0.1515 0.1374 0.1006 -0.0057 0.0153  0.0023  31  ILE A CA  
213 C C   . ILE A 27 ? 0.1220 0.1082 0.1164 0.0121  0.0047  0.0073  31  ILE A C   
214 O O   . ILE A 27 ? 0.1369 0.1139 0.1230 -0.0068 0.0028  0.0203  31  ILE A O   
215 C CB  . ILE A 27 ? 0.1376 0.1279 0.1570 -0.0096 0.0166  0.0083  31  ILE A CB  
216 C CG1 . ILE A 27 ? 0.1538 0.1385 0.1971 -0.0072 0.0245  -0.0125 31  ILE A CG1 
217 C CG2 . ILE A 27 ? 0.1429 0.1512 0.1908 -0.0094 0.0206  0.0003  31  ILE A CG2 
218 C CD1 . ILE A 27 ? 0.1792 0.1659 0.2232 -0.0516 0.0477  -0.0431 31  ILE A CD1 
219 N N   . LYS A 28 ? 0.1516 0.1106 0.1091 0.0044  0.0063  0.0043  32  LYS A N   
220 C CA  . LYS A 28 ? 0.1274 0.1143 0.1080 0.0007  0.0058  -0.0025 32  LYS A CA  
221 C C   . LYS A 28 ? 0.1288 0.1224 0.1144 -0.0113 -0.0007 0.0113  32  LYS A C   
222 O O   . LYS A 28 ? 0.1828 0.1603 0.1186 0.0153  0.0176  0.0321  32  LYS A O   
223 C CB  . LYS A 28 ? 0.1498 0.1344 0.1361 0.0099  -0.0183 -0.0033 32  LYS A CB  
224 C CG  . LYS A 28 ? 0.1640 0.1448 0.1651 0.0087  -0.0205 -0.0411 32  LYS A CG  
225 C CD  . LYS A 28 ? 0.1621 0.2332 0.1704 -0.0048 0.0060  -0.0890 32  LYS A CD  
226 C CE  . LYS A 28 ? 0.1992 0.3243 0.1783 0.0800  0.0221  -0.0517 32  LYS A CE  
227 N NZ  . LYS A 28 ? 0.2602 0.4436 0.1598 0.1696  -0.0361 -0.0801 32  LYS A NZ  
228 N N   . LEU A 29 ? 0.1216 0.1003 0.1171 -0.0085 0.0246  0.0105  33  LEU A N   
229 C CA  . LEU A 29 ? 0.1325 0.0998 0.1127 -0.0087 0.0178  0.0165  33  LEU A CA  
230 C C   . LEU A 29 ? 0.1273 0.1001 0.1161 -0.0092 0.0223  0.0099  33  LEU A C   
231 O O   . LEU A 29 ? 0.1723 0.1069 0.1307 -0.0294 0.0453  0.0048  33  LEU A O   
232 C CB  . LEU A 29 ? 0.1258 0.1392 0.1169 -0.0155 0.0243  0.0214  33  LEU A CB  
233 C CG  . LEU A 29 ? 0.1199 0.1740 0.1271 -0.0223 0.0236  -0.0049 33  LEU A CG  
234 C CD1 . LEU A 29 ? 0.1122 0.1818 0.1444 -0.0152 0.0219  0.0059  33  LEU A CD1 
235 C CD2 . LEU A 29 ? 0.1433 0.1365 0.1884 -0.0429 0.0119  -0.0114 33  LEU A CD2 
236 N N   . GLN A 30 ? 0.1322 0.1121 0.1351 -0.0088 0.0366  0.0115  34  GLN A N   
237 C CA  . GLN A 30 ? 0.1319 0.1286 0.1251 0.0042  0.0246  0.0055  34  GLN A CA  
238 C C   . GLN A 30 ? 0.1502 0.1293 0.1274 -0.0032 0.0405  0.0332  34  GLN A C   
239 O O   . GLN A 30 ? 0.1482 0.1307 0.1903 0.0093  0.0395  0.0358  34  GLN A O   
240 C CB  . GLN A 30 ? 0.1529 0.1524 0.1207 0.0046  0.0221  0.0024  34  GLN A CB  
241 C CG  . GLN A 30 ? 0.1633 0.1808 0.1447 0.0301  0.0221  0.0150  34  GLN A CG  
242 C CD  . GLN A 30 ? 0.1942 0.2381 0.1438 0.0222  0.0190  0.0124  34  GLN A CD  
243 O OE1 . GLN A 30 ? 0.2893 0.4311 0.3046 -0.0642 -0.0443 0.1672  34  GLN A OE1 
244 N NE2 . GLN A 30 ? 0.4796 0.2279 0.2895 0.0046  -0.2164 -0.0102 34  GLN A NE2 
245 N N   . GLY A 31 ? 0.1302 0.1260 0.1226 -0.0002 0.0233  0.0101  35  GLY A N   
246 C CA  . GLY A 31 ? 0.1221 0.1427 0.1426 -0.0026 0.0429  0.0275  35  GLY A CA  
247 C C   . GLY A 31 ? 0.1315 0.1286 0.1280 -0.0054 0.0400  0.0057  35  GLY A C   
248 O O   . GLY A 31 ? 0.1451 0.1398 0.1265 -0.0166 0.0274  -0.0035 35  GLY A O   
249 N N   . GLN A 32 ? 0.1305 0.1242 0.1006 0.0049  0.0335  -0.0043 36  GLN A N   
250 C CA  . GLN A 32 ? 0.1819 0.1153 0.1020 0.0153  0.0127  -0.0054 36  GLN A CA  
251 C C   . GLN A 32 ? 0.1348 0.1011 0.1222 0.0113  0.0345  -0.0179 36  GLN A C   
252 O O   . GLN A 32 ? 0.1299 0.1107 0.1180 0.0009  0.0159  -0.0012 36  GLN A O   
253 C CB  . GLN A 32 ? 0.2226 0.1461 0.1388 0.0593  0.0360  -0.0114 36  GLN A CB  
254 C CG  . GLN A 32 ? 0.1964 0.2164 0.1431 -0.0204 0.0522  -0.0138 36  GLN A CG  
255 C CD  . GLN A 32 ? 0.2141 0.1899 0.2529 -0.0186 0.0205  -0.0285 36  GLN A CD  
256 O OE1 . GLN A 32 ? 0.2567 0.1828 0.2963 -0.0018 0.0060  -0.0566 36  GLN A OE1 
257 N NE2 . GLN A 32 ? 0.2703 0.2352 0.1846 -0.0162 0.0152  -0.0037 36  GLN A NE2 
258 N N   . VAL A 33 ? 0.1288 0.1048 0.1049 0.0025  0.0197  -0.0087 37  VAL A N   
259 C CA  . VAL A 33 ? 0.1284 0.0890 0.1006 -0.0030 0.0260  -0.0255 37  VAL A CA  
260 C C   . VAL A 33 ? 0.1406 0.0978 0.1045 0.0100  0.0239  -0.0254 37  VAL A C   
261 O O   . VAL A 33 ? 0.1436 0.1098 0.1686 0.0088  0.0236  -0.0434 37  VAL A O   
262 C CB  . VAL A 33 ? 0.1562 0.1241 0.1111 -0.0041 0.0381  -0.0008 37  VAL A CB  
263 C CG1 . VAL A 33 ? 0.1686 0.1077 0.1216 0.0159  0.0261  -0.0150 37  VAL A CG1 
264 C CG2 . VAL A 33 ? 0.1532 0.1600 0.1418 -0.0278 0.0559  -0.0088 37  VAL A CG2 
265 N N   . GLU A 34 ? 0.1251 0.1099 0.1077 0.0097  0.0295  -0.0176 38  GLU A N   
266 C CA  . GLU A 34 ? 0.1354 0.1310 0.1145 0.0036  0.0405  -0.0070 38  GLU A CA  
267 C C   . GLU A 34 ? 0.1153 0.1385 0.1233 0.0148  0.0263  -0.0278 38  GLU A C   
268 O O   . GLU A 34 ? 0.1512 0.1418 0.1419 0.0279  0.0325  -0.0169 38  GLU A O   
269 C CB  . GLU A 34 ? 0.1308 0.1559 0.1124 -0.0001 0.0249  -0.0177 38  GLU A CB  
270 C CG  . GLU A 34 ? 0.1620 0.1933 0.1377 -0.0001 0.0426  0.0039  38  GLU A CG  
271 C CD  . GLU A 34 ? 0.1355 0.1927 0.1774 -0.0004 0.0289  -0.0189 38  GLU A CD  
272 O OE1 . GLU A 34 ? 0.2003 0.1642 0.1549 0.0094  0.0396  -0.0114 38  GLU A OE1 
273 O OE2 . GLU A 34 ? 0.1743 0.2287 0.2808 -0.0098 -0.0218 0.0067  38  GLU A OE2 
274 N N   . SER A 35 ? 0.1323 0.1401 0.1166 0.0127  0.0209  -0.0105 39  SER A N   
275 C CA  . SER A 35 ? 0.1265 0.1284 0.1237 0.0195  0.0144  0.0044  39  SER A CA  
276 C C   . SER A 35 ? 0.1070 0.1016 0.1281 0.0025  0.0139  -0.0109 39  SER A C   
277 O O   . SER A 35 ? 0.1231 0.1095 0.1192 0.0159  0.0129  -0.0166 39  SER A O   
278 C CB  . SER A 35 ? 0.1312 0.1411 0.1347 0.0186  0.0304  0.0039  39  SER A CB  
279 O OG  . SER A 35 ? 0.1571 0.1498 0.2454 0.0003  0.0217  0.0291  39  SER A OG  
280 N N   . PHE A 36 ? 0.1202 0.1060 0.1266 0.0178  0.0161  -0.0111 40  PHE A N   
281 C CA  . PHE A 36 ? 0.1115 0.1016 0.1143 0.0092  0.0153  -0.0079 40  PHE A CA  
282 C C   . PHE A 36 ? 0.1077 0.0956 0.1267 0.0053  0.0084  -0.0031 40  PHE A C   
283 O O   . PHE A 36 ? 0.1324 0.1072 0.1265 0.0235  0.0075  -0.0124 40  PHE A O   
284 C CB  . PHE A 36 ? 0.1181 0.1012 0.1316 -0.0002 0.0050  -0.0163 40  PHE A CB  
285 C CG  . PHE A 36 ? 0.1130 0.1088 0.1686 -0.0069 0.0171  -0.0136 40  PHE A CG  
286 C CD1 . PHE A 36 ? 0.1598 0.1351 0.1872 -0.0077 0.0184  -0.0400 40  PHE A CD1 
287 C CD2 . PHE A 36 ? 0.1341 0.1277 0.2118 -0.0061 0.0380  0.0036  40  PHE A CD2 
288 C CE1 . PHE A 36 ? 0.2045 0.1472 0.2436 -0.0271 0.0156  -0.0482 40  PHE A CE1 
289 C CE2 . PHE A 36 ? 0.1797 0.1455 0.2483 -0.0035 0.0683  0.0183  40  PHE A CE2 
290 C CZ  . PHE A 36 ? 0.1719 0.1109 0.2922 -0.0033 0.0272  -0.0038 40  PHE A CZ  
291 N N   . ASP A 37 ? 0.1027 0.0957 0.1176 0.0069  -0.0020 0.0004  41  ASP A N   
292 C CA  . ASP A 37 ? 0.1160 0.0918 0.1277 0.0020  0.0077  0.0014  41  ASP A CA  
293 C C   . ASP A 37 ? 0.1196 0.0969 0.1044 -0.0101 0.0069  0.0061  41  ASP A C   
294 O O   . ASP A 37 ? 0.1131 0.1125 0.1141 -0.0235 0.0084  -0.0075 41  ASP A O   
295 C CB  . ASP A 37 ? 0.1133 0.1020 0.1246 -0.0004 0.0084  0.0068  41  ASP A CB  
296 C CG  . ASP A 37 ? 0.1027 0.1025 0.1108 -0.0025 0.0111  0.0074  41  ASP A CG  
297 O OD1 . ASP A 37 ? 0.1055 0.1057 0.1171 -0.0025 0.0109  0.0073  41  ASP A OD1 
298 O OD2 . ASP A 37 ? 0.1017 0.1056 0.1285 -0.0056 0.0129  0.0008  41  ASP A OD2 
299 N N   . GLN A 38 ? 0.1135 0.1098 0.1166 -0.0190 -0.0011 0.0148  42  GLN A N   
300 C CA  . GLN A 38 ? 0.1267 0.1199 0.1081 -0.0070 0.0069  0.0082  42  GLN A CA  
301 C C   . GLN A 38 ? 0.1152 0.1171 0.1065 -0.0124 0.0061  -0.0004 42  GLN A C   
302 O O   . GLN A 38 ? 0.1128 0.1594 0.1321 -0.0144 0.0151  0.0270  42  GLN A O   
303 C CB  . GLN A 38 ? 0.1459 0.1300 0.1344 0.0009  -0.0005 0.0178  42  GLN A CB  
304 C CG  . GLN A 38 ? 0.1487 0.1524 0.1302 0.0153  0.0082  0.0178  42  GLN A CG  
305 C CD  . GLN A 38 ? 0.1573 0.1683 0.1294 0.0078  -0.0038 0.0211  42  GLN A CD  
306 O OE1 . GLN A 38 ? 0.1732 0.2281 0.1216 -0.0149 -0.0103 0.0056  42  GLN A OE1 
307 N NE2 . GLN A 38 ? 0.1859 0.2117 0.1246 0.0315  0.0124  0.0093  42  GLN A NE2 
308 N N   . TYR A 39 ? 0.0953 0.1148 0.1133 0.0001  0.0054  0.0028  43  TYR A N   
309 C CA  . TYR A 39 ? 0.1058 0.1237 0.1084 0.0061  0.0051  -0.0108 43  TYR A CA  
310 C C   . TYR A 39 ? 0.0946 0.1003 0.1048 -0.0122 0.0060  -0.0072 43  TYR A C   
311 O O   . TYR A 39 ? 0.0944 0.1167 0.0944 0.0017  0.0138  -0.0048 43  TYR A O   
312 C CB  . TYR A 39 ? 0.1486 0.1267 0.1175 0.0357  -0.0145 -0.0323 43  TYR A CB  
313 C CG  . TYR A 39 ? 0.2130 0.1751 0.1031 0.0495  -0.0270 -0.0242 43  TYR A CG  
314 C CD1 . TYR A 39 ? 0.2295 0.2128 0.1585 0.0513  0.0158  -0.0118 43  TYR A CD1 
315 C CD2 . TYR A 39 ? 0.1821 0.2081 0.1645 0.0416  -0.0276 -0.0378 43  TYR A CD2 
316 C CE1 . TYR A 39 ? 0.2091 0.3127 0.1603 0.0429  0.0332  0.0139  43  TYR A CE1 
317 C CE2 . TYR A 39 ? 0.2109 0.2106 0.1670 0.0212  -0.0374 -0.0123 43  TYR A CE2 
318 C CZ  . TYR A 39 ? 0.2209 0.2360 0.1447 0.0134  0.0014  0.0108  43  TYR A CZ  
319 O OH  . TYR A 39 ? 0.3693 0.2857 0.1313 0.0360  -0.0294 -0.0215 43  TYR A OH  
320 N N   . VAL A 40 ? 0.0940 0.0880 0.0992 -0.0065 0.0092  -0.0061 44  VAL A N   
321 C CA  . VAL A 40 ? 0.0938 0.0901 0.0937 -0.0082 0.0065  -0.0071 44  VAL A CA  
322 C C   . VAL A 40 ? 0.0880 0.0842 0.1053 -0.0107 0.0114  -0.0016 44  VAL A C   
323 O O   . VAL A 40 ? 0.1142 0.0792 0.1088 -0.0037 0.0012  -0.0111 44  VAL A O   
324 C CB  . VAL A 40 ? 0.0943 0.0890 0.1120 -0.0157 0.0050  -0.0020 44  VAL A CB  
325 C CG1 . VAL A 40 ? 0.0946 0.0976 0.1387 -0.0253 0.0170  -0.0081 44  VAL A CG1 
326 C CG2 . VAL A 40 ? 0.0950 0.0947 0.1276 -0.0170 0.0132  -0.0035 44  VAL A CG2 
327 N N   . VAL A 41 ? 0.1056 0.0816 0.0981 -0.0042 0.0171  -0.0127 45  VAL A N   
328 C CA  . VAL A 41 ? 0.1073 0.0872 0.0918 0.0029  0.0074  -0.0149 45  VAL A CA  
329 C C   . VAL A 41 ? 0.1049 0.0851 0.0925 -0.0024 0.0184  -0.0220 45  VAL A C   
330 O O   . VAL A 41 ? 0.1242 0.0859 0.1120 0.0058  0.0314  -0.0111 45  VAL A O   
331 C CB  . VAL A 41 ? 0.1256 0.0946 0.1147 -0.0129 0.0186  -0.0271 45  VAL A CB  
332 C CG1 . VAL A 41 ? 0.1152 0.1264 0.1205 -0.0176 0.0168  -0.0250 45  VAL A CG1 
333 C CG2 . VAL A 41 ? 0.0953 0.0929 0.1478 -0.0168 0.0270  -0.0219 45  VAL A CG2 
334 N N   . LEU A 42 ? 0.1132 0.0862 0.0927 -0.0040 0.0239  -0.0171 46  LEU A N   
335 C CA  . LEU A 42 ? 0.1154 0.0998 0.1071 -0.0075 0.0298  -0.0084 46  LEU A CA  
336 C C   . LEU A 42 ? 0.1288 0.0984 0.1039 -0.0046 0.0362  -0.0097 46  LEU A C   
337 O O   . LEU A 42 ? 0.1563 0.0966 0.1101 0.0056  0.0233  -0.0125 46  LEU A O   
338 C CB  . LEU A 42 ? 0.1232 0.1032 0.1275 -0.0172 0.0410  -0.0167 46  LEU A CB  
339 C CG  . LEU A 42 ? 0.1377 0.2230 0.1734 -0.0148 0.0266  -0.0529 46  LEU A CG  
340 C CD1 . LEU A 42 ? 0.1577 0.2716 0.2486 -0.0219 0.0235  -0.0906 46  LEU A CD1 
341 C CD2 . LEU A 42 ? 0.1855 0.2970 0.2527 0.0614  -0.0473 -0.1117 46  LEU A CD2 
342 N N   . LEU A 43 ? 0.1132 0.0928 0.0986 -0.0045 0.0298  -0.0092 47  LEU A N   
343 C CA  . LEU A 43 ? 0.1436 0.0907 0.1046 -0.0185 0.0355  -0.0313 47  LEU A CA  
344 C C   . LEU A 43 ? 0.0963 0.0977 0.1163 -0.0067 0.0413  -0.0054 47  LEU A C   
345 O O   . LEU A 43 ? 0.1211 0.1074 0.1093 -0.0152 0.0346  -0.0149 47  LEU A O   
346 C CB  . LEU A 43 ? 0.1089 0.1093 0.0976 -0.0083 0.0241  -0.0163 47  LEU A CB  
347 C CG  . LEU A 43 ? 0.1263 0.1631 0.1074 0.0011  0.0234  -0.0002 47  LEU A CG  
348 C CD1 . LEU A 43 ? 0.1082 0.1779 0.1259 -0.0182 0.0324  -0.0543 47  LEU A CD1 
349 C CD2 . LEU A 43 ? 0.1478 0.1814 0.1230 0.0259  0.0135  0.0008  47  LEU A CD2 
350 N N   . ARG A 44 ? 0.1206 0.1007 0.1034 -0.0065 0.0452  -0.0142 48  ARG A N   
351 C CA  . ARG A 44 ? 0.1096 0.1242 0.1100 0.0049  0.0524  -0.0078 48  ARG A CA  
352 C C   . ARG A 44 ? 0.1122 0.1374 0.1200 -0.0033 0.0581  0.0064  48  ARG A C   
353 O O   . ARG A 44 ? 0.1325 0.1564 0.1310 -0.0103 0.0313  0.0091  48  ARG A O   
354 C CB  . ARG A 44 ? 0.1369 0.1203 0.1283 0.0045  0.0470  -0.0131 48  ARG A CB  
355 C CG  . ARG A 44 ? 0.1210 0.1834 0.1392 0.0058  0.0671  -0.0162 48  ARG A CG  
356 C CD  . ARG A 44 ? 0.1583 0.1715 0.1366 0.0260  0.0508  -0.0125 48  ARG A CD  
357 N NE  . ARG A 44 ? 0.1664 0.1688 0.1421 0.0209  0.0655  -0.0238 48  ARG A NE  
358 C CZ  . ARG A 44 ? 0.1517 0.1574 0.1592 0.0001  0.0782  -0.0335 48  ARG A CZ  
359 N NH1 . ARG A 44 ? 0.1667 0.1716 0.1620 0.0075  0.0508  -0.0050 48  ARG A NH1 
360 N NH2 . ARG A 44 ? 0.1748 0.1897 0.1813 0.0126  0.0473  -0.0581 48  ARG A NH2 
361 N N   . ASN A 45 ? 0.1575 0.1792 0.1724 0.0063  0.0228  0.0274  49  ASN A N   
362 C CA  . ASN A 45 ? 0.1628 0.2217 0.2217 -0.0189 0.0222  0.0389  49  ASN A CA  
363 C C   . ASN A 45 ? 0.1851 0.2014 0.1913 -0.0200 0.0309  -0.0032 49  ASN A C   
364 O O   . ASN A 45 ? 0.2102 0.2392 0.1835 0.0327  0.0271  0.0005  49  ASN A O   
365 C CB  . ASN A 45 ? 0.2016 0.2381 0.1886 0.0080  0.0375  0.0190  49  ASN A CB  
366 C CG  . ASN A 45 ? 0.1832 0.2525 0.2502 0.0567  0.0298  -0.0093 49  ASN A CG  
367 O OD1 . ASN A 45 ? 0.2308 0.2008 0.2187 0.0628  0.0323  0.0331  49  ASN A OD1 
368 N ND2 . ASN A 45 ? 0.2120 0.2667 0.2256 0.0628  0.0178  0.0351  49  ASN A ND2 
369 N N   . THR A 46 ? 0.2671 0.2442 0.2089 -0.0304 -0.0015 0.0295  50  THR A N   
370 C CA  . THR A 46 ? 0.4157 0.2754 0.1832 -0.0729 0.0371  0.0470  50  THR A CA  
371 C C   . THR A 46 ? 0.3131 0.2225 0.1482 -0.0165 0.0648  0.0163  50  THR A C   
372 O O   . THR A 46 ? 0.3248 0.3528 0.2345 0.0249  0.1200  0.0387  50  THR A O   
373 C CB  . THR A 46 ? 0.4941 0.3326 0.2101 -0.0665 0.0116  0.1085  50  THR A CB  
374 O OG1 . THR A 46 ? 0.5530 0.4127 0.3577 0.0146  -0.1952 0.0611  50  THR A OG1 
375 C CG2 . THR A 46 ? 0.6666 0.3503 0.3023 -0.0900 -0.0885 0.1404  50  THR A CG2 
376 N N   . SER A 47 ? 0.2887 0.1964 0.1690 -0.0316 0.0495  0.0060  51  SER A N   
377 C CA  . SER A 47 ? 0.3441 0.2218 0.1680 -0.0910 0.0488  0.0076  51  SER A CA  
378 C C   . SER A 47 ? 0.6036 0.2620 0.0659 0.0220  0.0337  0.0283  51  SER A C   
379 O O   . SER A 47 ? 0.4917 0.3989 0.6491 -0.2234 -0.0190 -0.1630 51  SER A O   
380 C CB  . SER A 47 ? 0.5730 0.1695 0.2453 0.0339  -0.0142 0.0203  51  SER A CB  
381 O OG  . SER A 47 ? 0.4621 0.3433 0.4805 0.1038  -0.0103 0.0865  51  SER A OG  
382 N N   . VAL A 48 ? 0.2519 0.1895 0.1474 -0.0121 0.0700  0.0108  52  VAL A N   
383 C CA  . VAL A 48 ? 0.2216 0.1478 0.1446 -0.0643 0.0659  -0.0050 52  VAL A CA  
384 C C   . VAL A 48 ? 0.1860 0.1346 0.1280 -0.0254 0.0778  -0.0051 52  VAL A C   
385 O O   . VAL A 48 ? 0.1785 0.1414 0.1214 -0.0094 0.0586  0.0117  52  VAL A O   
386 C CB  . VAL A 48 ? 0.4337 0.1444 0.2008 -0.0471 0.0792  0.0162  52  VAL A CB  
387 C CG1 . VAL A 48 ? 0.5552 0.1225 0.2078 0.0666  0.1565  0.0203  52  VAL A CG1 
388 C CG2 . VAL A 48 ? 0.4144 0.3089 0.2378 -0.1046 0.0822  0.0373  52  VAL A CG2 
389 N N   . THR A 49 ? 0.1734 0.1450 0.1200 -0.0319 0.0721  -0.0105 53  THR A N   
390 C CA  . THR A 49 ? 0.1196 0.1246 0.1236 -0.0296 0.0548  -0.0161 53  THR A CA  
391 C C   . THR A 49 ? 0.1212 0.1111 0.1422 -0.0277 0.0384  -0.0067 53  THR A C   
392 O O   . THR A 49 ? 0.1150 0.1521 0.1363 -0.0334 0.0473  -0.0185 53  THR A O   
393 C CB  . THR A 49 ? 0.1296 0.1374 0.1578 -0.0141 0.0500  -0.0179 53  THR A CB  
394 O OG1 . THR A 49 ? 0.1676 0.1510 0.1604 0.0051  0.0663  -0.0142 53  THR A OG1 
395 C CG2 . THR A 49 ? 0.1519 0.1414 0.1319 -0.0004 0.0414  -0.0136 53  THR A CG2 
396 N N   . GLN A 50 ? 0.1087 0.1084 0.1110 -0.0148 0.0309  -0.0088 54  GLN A N   
397 C CA  . GLN A 50 ? 0.1156 0.0961 0.1074 -0.0255 0.0226  -0.0019 54  GLN A CA  
398 C C   . GLN A 50 ? 0.1096 0.0787 0.1022 -0.0048 0.0171  -0.0134 54  GLN A C   
399 O O   . GLN A 50 ? 0.1493 0.0901 0.1112 -0.0114 0.0191  -0.0066 54  GLN A O   
400 C CB  . GLN A 50 ? 0.1176 0.0902 0.1058 -0.0167 0.0183  -0.0036 54  GLN A CB  
401 C CG  . GLN A 50 ? 0.1333 0.1036 0.1070 -0.0202 0.0288  -0.0168 54  GLN A CG  
402 C CD  . GLN A 50 ? 0.1216 0.1487 0.1144 -0.0370 0.0234  -0.0192 54  GLN A CD  
403 O OE1 . GLN A 50 ? 0.1673 0.2235 0.1230 0.0247  0.0172  -0.0166 54  GLN A OE1 
404 N NE2 . GLN A 50 ? 0.1059 0.1284 0.1092 -0.0108 0.0071  -0.0074 54  GLN A NE2 
405 N N   . MET A 51 ? 0.0941 0.0823 0.1079 -0.0116 0.0318  -0.0132 55  MET A N   
406 C CA  . MET A 51 ? 0.0916 0.0845 0.1045 -0.0016 0.0278  0.0070  55  MET A CA  
407 C C   . MET A 51 ? 0.0871 0.0780 0.0952 -0.0065 0.0188  -0.0004 55  MET A C   
408 O O   . MET A 51 ? 0.0935 0.0845 0.1341 -0.0038 0.0242  -0.0018 55  MET A O   
409 C CB  . MET A 51 ? 0.0937 0.1040 0.1108 -0.0040 0.0203  -0.0034 55  MET A CB  
410 C CG  . MET A 51 ? 0.1081 0.1026 0.1257 -0.0033 0.0046  -0.0042 55  MET A CG  
411 S SD  . MET A 51 ? 0.1111 0.1461 0.1350 -0.0204 0.0059  0.0159  55  MET A SD  
412 C CE  . MET A 51 ? 0.2252 0.1662 0.1655 -0.0258 -0.0249 -0.0398 55  MET A CE  
413 N N   . VAL A 52 ? 0.0854 0.0781 0.1042 -0.0068 0.0228  -0.0078 56  VAL A N   
414 C CA  . VAL A 52 ? 0.0909 0.0725 0.0937 -0.0192 0.0278  -0.0114 56  VAL A CA  
415 C C   . VAL A 52 ? 0.0796 0.0798 0.0998 -0.0081 0.0193  -0.0104 56  VAL A C   
416 O O   . VAL A 52 ? 0.1056 0.0949 0.1043 0.0035  0.0210  -0.0021 56  VAL A O   
417 C CB  . VAL A 52 ? 0.1001 0.0839 0.0971 -0.0175 0.0172  -0.0069 56  VAL A CB  
418 C CG1 . VAL A 52 ? 0.1021 0.1113 0.1127 -0.0171 0.0218  -0.0020 56  VAL A CG1 
419 C CG2 . VAL A 52 ? 0.1101 0.1116 0.1023 -0.0340 0.0247  -0.0027 56  VAL A CG2 
420 N N   . TYR A 53 ? 0.0924 0.0792 0.0896 -0.0071 0.0238  -0.0032 57  TYR A N   
421 C CA  . TYR A 53 ? 0.0889 0.0929 0.0936 -0.0130 0.0187  -0.0118 57  TYR A CA  
422 C C   . TYR A 53 ? 0.0874 0.0887 0.0801 -0.0090 0.0078  -0.0122 57  TYR A C   
423 O O   . TYR A 53 ? 0.0917 0.1000 0.0853 -0.0117 0.0100  0.0094  57  TYR A O   
424 C CB  . TYR A 53 ? 0.0918 0.0881 0.0938 -0.0140 0.0185  -0.0042 57  TYR A CB  
425 C CG  . TYR A 53 ? 0.0860 0.0904 0.1470 -0.0268 0.0252  -0.0352 57  TYR A CG  
426 C CD1 . TYR A 53 ? 0.1126 0.1513 0.1230 -0.0230 0.0021  -0.0313 57  TYR A CD1 
427 C CD2 . TYR A 53 ? 0.1143 0.1275 0.2003 -0.0412 0.0182  -0.0064 57  TYR A CD2 
428 C CE1 . TYR A 53 ? 0.1299 0.1711 0.1208 -0.0163 -0.0045 -0.0489 57  TYR A CE1 
429 C CE2 . TYR A 53 ? 0.1382 0.1130 0.2316 -0.0438 0.0095  -0.0053 57  TYR A CE2 
430 C CZ  . TYR A 53 ? 0.1322 0.1410 0.1798 -0.0346 0.0333  -0.0370 57  TYR A CZ  
431 O OH  . TYR A 53 ? 0.1434 0.1635 0.2318 -0.0440 0.0032  -0.0406 57  TYR A OH  
432 N N   . LYS A 54 ? 0.0727 0.0949 0.0922 -0.0075 0.0096  0.0020  58  LYS A N   
433 C CA  . LYS A 54 ? 0.0830 0.0884 0.0836 -0.0135 0.0162  -0.0074 58  LYS A CA  
434 C C   . LYS A 54 ? 0.0874 0.0725 0.0955 -0.0151 0.0140  -0.0070 58  LYS A C   
435 O O   . LYS A 54 ? 0.0884 0.0878 0.0948 -0.0218 0.0105  -0.0143 58  LYS A O   
436 C CB  . LYS A 54 ? 0.0998 0.0905 0.0902 -0.0154 0.0109  0.0004  58  LYS A CB  
437 C CG  . LYS A 54 ? 0.1114 0.0878 0.1083 -0.0193 0.0202  -0.0212 58  LYS A CG  
438 C CD  . LYS A 54 ? 0.1094 0.0964 0.1353 -0.0163 -0.0061 -0.0139 58  LYS A CD  
439 C CE  . LYS A 54 ? 0.1091 0.0932 0.2303 -0.0069 0.0253  -0.0116 58  LYS A CE  
440 N NZ  . LYS A 54 ? 0.1116 0.0971 0.2830 -0.0112 0.0171  -0.0002 58  LYS A NZ  
441 N N   . HIS A 55 ? 0.0861 0.0814 0.0899 -0.0183 0.0178  -0.0078 59  HIS A N   
442 C CA  . HIS A 55 ? 0.1028 0.0879 0.0908 -0.0270 0.0214  -0.0098 59  HIS A CA  
443 C C   . HIS A 55 ? 0.0950 0.0876 0.0942 -0.0176 0.0203  -0.0112 59  HIS A C   
444 O O   . HIS A 55 ? 0.1185 0.1342 0.1141 0.0082  0.0381  0.0047  59  HIS A O   
445 C CB  . HIS A 55 ? 0.1086 0.0926 0.0902 -0.0152 0.0129  -0.0282 59  HIS A CB  
446 C CG  . HIS A 55 ? 0.1487 0.1034 0.0958 -0.0191 -0.0017 -0.0194 59  HIS A CG  
447 N ND1 . HIS A 55 ? 0.1364 0.1143 0.1406 -0.0263 0.0122  -0.0245 59  HIS A ND1 
448 C CD2 . HIS A 55 ? 0.1665 0.0981 0.1369 -0.0195 -0.0287 0.0022  59  HIS A CD2 
449 C CE1 . HIS A 55 ? 0.1526 0.0972 0.1321 -0.0301 0.0159  -0.0357 59  HIS A CE1 
450 N NE2 . HIS A 55 ? 0.1269 0.0835 0.1155 -0.0216 -0.0005 -0.0227 59  HIS A NE2 
451 N N   . ALA A 56 ? 0.0813 0.0912 0.1010 -0.0184 0.0115  -0.0099 60  ALA A N   
452 C CA  . ALA A 56 ? 0.0963 0.0841 0.0976 -0.0169 0.0123  -0.0144 60  ALA A CA  
453 C C   . ALA A 56 ? 0.0897 0.0917 0.0890 -0.0109 0.0091  -0.0044 60  ALA A C   
454 O O   . ALA A 56 ? 0.1123 0.1014 0.1022 -0.0059 0.0003  -0.0100 60  ALA A O   
455 C CB  . ALA A 56 ? 0.1091 0.0923 0.1068 -0.0131 0.0099  0.0015  60  ALA A CB  
456 N N   . ILE A 57 ? 0.0854 0.0861 0.0854 -0.0161 0.0083  -0.0148 61  ILE A N   
457 C CA  . ILE A 57 ? 0.0851 0.0877 0.0871 -0.0212 0.0033  -0.0110 61  ILE A CA  
458 C C   . ILE A 57 ? 0.0923 0.0914 0.0781 -0.0158 0.0141  -0.0102 61  ILE A C   
459 O O   . ILE A 57 ? 0.0919 0.1073 0.0914 -0.0198 0.0045  0.0055  61  ILE A O   
460 C CB  . ILE A 57 ? 0.0889 0.0905 0.1004 -0.0107 0.0061  -0.0065 61  ILE A CB  
461 C CG1 . ILE A 57 ? 0.0849 0.1031 0.0942 -0.0176 0.0085  -0.0023 61  ILE A CG1 
462 C CG2 . ILE A 57 ? 0.1040 0.0900 0.1046 -0.0113 0.0045  -0.0246 61  ILE A CG2 
463 C CD1 . ILE A 57 ? 0.0936 0.1201 0.1093 -0.0118 0.0087  -0.0105 61  ILE A CD1 
464 N N   A SER A 58 ? 0.0898 0.0729 0.0779 -0.0162 0.0160  -0.0080 62  SER A N   
465 N N   B SER A 58 ? 0.1038 0.0751 0.0937 -0.0306 0.0115  -0.0136 62  SER A N   
466 C CA  A SER A 58 ? 0.0782 0.0826 0.0922 -0.0131 0.0055  -0.0119 62  SER A CA  
467 C CA  B SER A 58 ? 0.1036 0.0936 0.1095 -0.0262 0.0260  -0.0055 62  SER A CA  
468 C C   A SER A 58 ? 0.0897 0.0824 0.0828 -0.0069 0.0111  -0.0074 62  SER A C   
469 C C   B SER A 58 ? 0.0924 0.1120 0.0789 -0.0315 0.0084  -0.0155 62  SER A C   
470 O O   A SER A 58 ? 0.0943 0.0851 0.0819 -0.0002 0.0024  -0.0087 62  SER A O   
471 O O   B SER A 58 ? 0.0681 0.0934 0.1026 -0.0119 0.0006  -0.0071 62  SER A O   
472 C CB  A SER A 58 ? 0.0820 0.1063 0.0724 -0.0118 0.0060  -0.0180 62  SER A CB  
473 C CB  B SER A 58 ? 0.1116 0.1051 0.1537 -0.0454 0.0020  0.0101  62  SER A CB  
474 O OG  A SER A 58 ? 0.0761 0.0828 0.0733 0.0057  0.0016  -0.0138 62  SER A OG  
475 O OG  B SER A 58 ? 0.1650 0.1423 0.2129 -0.0174 0.0583  -0.0363 62  SER A OG  
476 N N   . THR A 59 ? 0.1022 0.0800 0.0872 -0.0124 0.0140  -0.0117 63  THR A N   
477 C CA  . THR A 59 ? 0.1117 0.0916 0.0812 -0.0072 0.0186  -0.0191 63  THR A CA  
478 C C   . THR A 59 ? 0.1139 0.0850 0.0892 -0.0103 0.0131  -0.0036 63  THR A C   
479 O O   . THR A 59 ? 0.1265 0.0954 0.0979 -0.0037 0.0250  0.0014  63  THR A O   
480 C CB  . THR A 59 ? 0.1038 0.0937 0.0992 -0.0047 0.0213  -0.0118 63  THR A CB  
481 O OG1 . THR A 59 ? 0.1226 0.0845 0.1279 -0.0193 0.0118  -0.0155 63  THR A OG1 
482 C CG2 . THR A 59 ? 0.1181 0.1113 0.0983 -0.0223 0.0067  -0.0202 63  THR A CG2 
483 N N   . ILE A 60 ? 0.1128 0.0919 0.0786 -0.0069 0.0210  -0.0029 64  ILE A N   
484 C CA  . ILE A 60 ? 0.1267 0.0893 0.0952 -0.0138 0.0215  -0.0080 64  ILE A CA  
485 C C   . ILE A 60 ? 0.1224 0.0847 0.0903 -0.0063 0.0271  -0.0132 64  ILE A C   
486 O O   . ILE A 60 ? 0.1288 0.0948 0.0894 -0.0121 0.0256  -0.0119 64  ILE A O   
487 C CB  . ILE A 60 ? 0.1301 0.0838 0.0979 -0.0113 0.0292  -0.0055 64  ILE A CB  
488 C CG1 . ILE A 60 ? 0.1190 0.1010 0.1197 -0.0011 0.0225  -0.0185 64  ILE A CG1 
489 C CG2 . ILE A 60 ? 0.1254 0.0910 0.1156 -0.0164 0.0119  -0.0141 64  ILE A CG2 
490 C CD1 . ILE A 60 ? 0.1314 0.1200 0.1181 -0.0050 0.0132  -0.0129 64  ILE A CD1 
491 N N   . VAL A 61 ? 0.1306 0.0965 0.0836 -0.0241 0.0190  -0.0139 65  VAL A N   
492 C CA  . VAL A 61 ? 0.1482 0.0955 0.0882 -0.0189 0.0276  -0.0095 65  VAL A CA  
493 C C   . VAL A 61 ? 0.1220 0.1150 0.0800 -0.0205 0.0073  -0.0076 65  VAL A C   
494 O O   . VAL A 61 ? 0.1443 0.1148 0.0845 -0.0244 0.0240  -0.0176 65  VAL A O   
495 C CB  . VAL A 61 ? 0.1401 0.1217 0.0890 -0.0172 0.0209  0.0038  65  VAL A CB  
496 C CG1 . VAL A 61 ? 0.1327 0.1299 0.1532 -0.0233 -0.0055 -0.0159 65  VAL A CG1 
497 C CG2 . VAL A 61 ? 0.1458 0.1196 0.1308 0.0135  0.0258  0.0080  65  VAL A CG2 
498 N N   . PRO A 62 ? 0.1171 0.1155 0.0925 -0.0186 0.0158  -0.0154 66  PRO A N   
499 C CA  . PRO A 62 ? 0.1343 0.1327 0.0980 -0.0340 0.0160  -0.0371 66  PRO A CA  
500 C C   . PRO A 62 ? 0.1367 0.1354 0.1037 -0.0074 0.0205  -0.0173 66  PRO A C   
501 O O   . PRO A 62 ? 0.1395 0.1902 0.1054 -0.0228 0.0081  -0.0141 66  PRO A O   
502 C CB  . PRO A 62 ? 0.1469 0.1521 0.1265 -0.0003 0.0213  -0.0160 66  PRO A CB  
503 C CG  . PRO A 62 ? 0.1653 0.1258 0.1298 0.0043  0.0305  -0.0101 66  PRO A CG  
504 C CD  . PRO A 62 ? 0.1394 0.1206 0.1020 -0.0014 0.0178  -0.0191 66  PRO A CD  
505 N N   . ALA A 63 ? 0.1609 0.1728 0.0953 -0.0193 0.0286  -0.0163 67  ALA A N   
506 C CA  . ALA A 63 ? 0.2154 0.1951 0.1203 -0.0305 0.0389  -0.0330 67  ALA A CA  
507 C C   . ALA A 63 ? 0.2074 0.2362 0.1284 -0.0396 0.0340  -0.0531 67  ALA A C   
508 O O   . ALA A 63 ? 0.2472 0.2933 0.1667 -0.0459 -0.0090 -0.0796 67  ALA A O   
509 C CB  . ALA A 63 ? 0.2315 0.2591 0.1239 -0.0308 0.0378  -0.0032 67  ALA A CB  
510 N N   . ARG A 64 ? 0.2293 0.1979 0.1681 -0.0424 0.0294  -0.0714 68  ARG A N   
511 C CA  . ARG A 64 ? 0.2255 0.1752 0.2017 -0.0346 0.0180  -0.0737 68  ARG A CA  
512 C C   . ARG A 64 ? 0.2228 0.1920 0.1787 -0.0439 0.0251  -0.0419 68  ARG A C   
513 O O   . ARG A 64 ? 0.2328 0.1849 0.2434 -0.0336 0.0585  -0.0562 68  ARG A O   
514 C CB  . ARG A 64 ? 0.2692 0.2088 0.2321 -0.0530 0.0323  -0.1087 68  ARG A CB  
515 C CG  . ARG A 64 ? 0.2310 0.2986 0.2714 -0.0538 0.0547  -0.1303 68  ARG A CG  
516 C CD  . ARG A 64 ? 0.2919 0.3599 0.3614 0.0273  0.0537  -0.1202 68  ARG A CD  
517 N NE  . ARG A 64 ? 0.2921 0.2860 0.3588 0.0247  0.0477  -0.1191 68  ARG A NE  
518 C CZ  . ARG A 64 ? 0.2347 0.1684 0.3799 -0.0546 0.0778  -0.0430 68  ARG A CZ  
519 N NH1 . ARG A 64 ? 0.2502 0.2159 0.4683 -0.0675 0.1400  -0.0184 68  ARG A NH1 
520 N NH2 . ARG A 64 ? 0.2564 0.2276 0.3371 -0.0076 0.1061  -0.0670 68  ARG A NH2 
521 N N   . SER A 65 ? 0.2343 0.1664 0.2093 -0.0399 -0.0166 -0.0384 69  SER A N   
522 C CA  . SER A 65 ? 0.2160 0.1669 0.1994 -0.0164 0.0384  -0.0354 69  SER A CA  
523 C C   . SER A 65 ? 0.2357 0.1539 0.2178 -0.0001 0.0246  -0.0233 69  SER A C   
524 O O   . SER A 65 ? 0.2406 0.2072 0.2616 -0.0113 0.0495  -0.0583 69  SER A O   
525 C CB  . SER A 65 ? 0.2493 0.1750 0.2016 -0.0481 0.0620  -0.0672 69  SER A CB  
526 O OG  . SER A 65 ? 0.2219 0.2243 0.1771 -0.0265 0.0478  -0.0562 69  SER A OG  
527 N N   . VAL A 66 ? 0.2130 0.2464 0.2311 -0.0055 0.0187  -0.0241 70  VAL A N   
528 C CA  . VAL A 66 ? 0.2426 0.2001 0.2653 -0.0347 -0.0162 -0.0231 70  VAL A CA  
529 C C   . VAL A 66 ? 0.2326 0.2118 0.2363 0.0200  0.0500  -0.0165 70  VAL A C   
530 O O   . VAL A 66 ? 0.2730 0.2813 0.2795 -0.0235 0.0873  -0.0273 70  VAL A O   
531 C CB  . VAL A 66 ? 0.1994 0.2546 0.2409 -0.0068 0.0017  -0.0380 70  VAL A CB  
532 C CG1 . VAL A 66 ? 0.2953 0.2071 0.3441 -0.0607 0.0765  -0.0111 70  VAL A CG1 
533 C CG2 . VAL A 66 ? 0.2695 0.2979 0.2368 -0.0471 0.0179  -0.0688 70  VAL A CG2 
534 N N   . ASN A 67 ? 0.2655 0.2434 0.2643 -0.0201 0.0981  -0.0691 71  ASN A N   
535 C CA  . ASN A 67 ? 0.3893 0.3221 0.4418 0.0265  0.0457  0.1134  71  ASN A CA  
536 C C   . ASN A 67 ? 0.2447 0.3391 0.4360 -0.0526 0.0459  -0.1002 71  ASN A C   
537 O O   . ASN A 67 ? 0.3372 0.6555 0.6143 0.1848  0.0631  0.0081  71  ASN A O   
538 C CB  . ASN A 67 ? 0.7447 0.4574 0.7264 -0.0695 0.0432  -0.1015 71  ASN A CB  
539 C CG  . ASN A 67 ? 0.5336 0.3007 0.7177 -0.1888 -0.0371 0.0633  71  ASN A CG  
540 O OD1 . ASN A 67 ? 0.6499 0.6301 0.5785 -0.1965 -0.0051 0.1428  71  ASN A OD1 
541 N ND2 . ASN A 67 ? 0.5343 0.3545 0.8394 0.0389  -0.0775 -0.0986 71  ASN A ND2 
542 N N   . LEU A 68 ? 0.3071 0.2685 0.4498 0.0226  0.0243  -0.0084 72  LEU A N   
543 C CA  . LEU A 68 ? 0.4681 0.2017 0.4846 0.0265  -0.0445 0.0333  72  LEU A CA  
544 C C   . LEU A 68 ? 0.5297 0.1974 0.6897 -0.0455 -0.0805 0.0743  72  LEU A C   
545 O O   . LEU A 68 ? 0.6041 0.2274 0.7172 -0.0220 -0.1382 0.0289  72  LEU A O   
546 C CB  . LEU A 68 ? 0.3600 0.3016 0.4849 0.0846  -0.0133 0.0713  72  LEU A CB  
547 C CG  . LEU A 68 ? 0.3282 0.1912 0.6783 0.0323  0.0840  0.0162  72  LEU A CG  
548 C CD1 . LEU A 68 ? 0.4193 0.3725 0.6893 0.1268  0.0602  -0.0321 72  LEU A CD1 
549 C CD2 . LEU A 68 ? 0.4044 0.2983 0.5786 -0.0882 0.1378  0.0759  72  LEU A CD2 
550 O O   . HOH B .  ? 0.3135 0.4661 0.4801 -0.1331 0.0119  0.2173  101 HOH A O   
551 O O   . HOH B .  ? 0.3625 0.7259 0.5731 -0.0161 -0.0129 0.1764  102 HOH A O   
552 O O   . HOH B .  ? 0.3462 0.2995 0.6773 -0.0847 -0.0709 -0.1306 103 HOH A O   
553 O O   . HOH B .  ? 0.3418 0.4991 0.4809 -0.2057 -0.0470 -0.0941 104 HOH A O   
554 O O   . HOH B .  ? 0.2332 0.2240 0.2072 0.0042  0.0826  0.0012  105 HOH A O   
555 O O   . HOH B .  ? 0.5658 0.5721 0.6045 -0.0504 0.0220  0.0492  106 HOH A O   
556 O O   . HOH B .  ? 0.2798 0.1818 0.2414 -0.0110 0.1080  0.0087  107 HOH A O   
557 O O   . HOH B .  ? 0.3128 0.2655 0.1684 -0.1176 0.0525  -0.0951 108 HOH A O   
558 O O   . HOH B .  ? 0.3636 0.4573 0.2428 -0.0020 -0.0117 -0.0699 109 HOH A O   
559 O O   . HOH B .  ? 0.2587 0.3245 0.2220 0.0418  0.0324  0.0381  110 HOH A O   
560 O O   . HOH B .  ? 0.1990 0.2039 0.2031 0.0039  0.0061  0.0507  111 HOH A O   
561 O O   . HOH B .  ? 0.4393 0.2896 0.4268 0.0000  -0.1742 -0.0301 112 HOH A O   
562 O O   . HOH B .  ? 0.1851 0.1763 0.2307 -0.0252 0.0026  -0.0595 113 HOH A O   
563 O O   . HOH B .  ? 0.5688 0.6737 0.6873 0.0041  0.2126  0.1489  114 HOH A O   
564 O O   . HOH B .  ? 0.3750 0.4804 0.3193 0.0147  0.1149  -0.0483 115 HOH A O   
565 O O   A HOH B .  ? 0.2602 0.1592 0.1662 0.0825  0.0458  0.0003  116 HOH A O   
566 O O   B HOH B .  ? 0.1457 0.1857 0.1916 0.0056  0.0247  -0.0193 116 HOH A O   
567 O O   . HOH B .  ? 0.4182 0.2841 0.1914 0.0222  0.1022  0.0420  117 HOH A O   
568 O O   . HOH B .  ? 0.3653 0.3947 0.2908 0.0441  0.0975  -0.0249 118 HOH A O   
569 O O   . HOH B .  ? 0.3112 0.2325 0.1800 0.0213  0.0227  -0.0449 119 HOH A O   
570 O O   . HOH B .  ? 0.2089 0.1083 0.1680 -0.0048 -0.0139 -0.0154 120 HOH A O   
571 O O   . HOH B .  ? 0.3895 0.4756 0.2432 0.1924  -0.0819 -0.0614 121 HOH A O   
572 O O   A HOH B .  ? 0.4461 0.1643 0.2393 0.0708  0.0118  -0.0316 122 HOH A O   
573 O O   B HOH B .  ? 0.2717 0.5158 0.6275 0.1206  0.0870  0.1018  122 HOH A O   
574 O O   . HOH B .  ? 0.5572 0.4685 0.7248 0.1625  0.0467  0.0491  123 HOH A O   
575 O O   . HOH B .  ? 0.2278 0.3204 0.1681 -0.0183 0.0058  -0.0112 124 HOH A O   
576 O O   . HOH B .  ? 0.4661 0.4605 0.4011 -0.0705 0.0174  -0.0428 125 HOH A O   
577 O O   . HOH B .  ? 0.4257 0.5685 0.4156 0.0051  0.1713  -0.0082 126 HOH A O   
578 O O   . HOH B .  ? 0.2236 0.3377 0.2412 0.0391  0.0051  0.0679  127 HOH A O   
579 O O   . HOH B .  ? 0.3146 0.8090 0.5150 0.0589  -0.0472 -0.2145 128 HOH A O   
580 O O   . HOH B .  ? 0.4023 0.2181 0.1950 0.0887  -0.0167 -0.0372 129 HOH A O   
581 O O   . HOH B .  ? 0.3069 0.6918 0.4910 -0.0779 0.1018  -0.1534 130 HOH A O   
582 O O   . HOH B .  ? 0.5065 0.2523 0.3356 -0.0936 -0.0399 -0.0574 131 HOH A O   
583 O O   . HOH B .  ? 0.1081 0.1840 0.1181 -0.0087 0.0114  -0.0247 132 HOH A O   
584 O O   . HOH B .  ? 0.6372 0.3410 0.3300 0.0737  0.1172  -0.0150 133 HOH A O   
585 O O   . HOH B .  ? 0.2266 0.1437 0.1442 -0.0123 0.0350  0.0005  134 HOH A O   
586 O O   . HOH B .  ? 0.2493 0.2612 0.2740 0.0054  -0.0485 -0.0256 135 HOH A O   
587 O O   . HOH B .  ? 0.3396 0.1658 0.2205 0.0729  0.0264  -0.0244 136 HOH A O   
588 O O   . HOH B .  ? 0.2903 0.3005 0.4013 0.0264  0.1265  -0.0996 137 HOH A O   
589 O O   . HOH B .  ? 0.3711 0.6371 0.2548 -0.0944 -0.0442 0.1157  138 HOH A O   
590 O O   . HOH B .  ? 0.4033 0.4717 0.4994 -0.1094 0.0883  0.0176  139 HOH A O   
591 O O   . HOH B .  ? 0.2288 0.1724 0.1229 -0.0080 -0.0102 -0.0003 140 HOH A O   
592 O O   . HOH B .  ? 0.3796 0.2995 0.7072 -0.0833 0.2567  -0.0323 141 HOH A O   
593 O O   . HOH B .  ? 0.2700 0.2773 0.1863 0.0580  -0.0477 -0.0253 142 HOH A O   
594 O O   . HOH B .  ? 0.1906 0.3227 0.1731 0.0132  -0.0174 -0.0025 143 HOH A O   
595 O O   . HOH B .  ? 0.3522 0.2037 0.2304 0.0143  0.0081  -0.0095 144 HOH A O   
596 O O   . HOH B .  ? 0.2119 0.1342 0.3234 -0.0098 0.0098  -0.0099 145 HOH A O   
597 O O   . HOH B .  ? 0.5938 0.4199 0.5901 -0.1876 0.0684  -0.0472 146 HOH A O   
598 O O   . HOH B .  ? 0.3522 0.7563 0.3166 0.2032  0.1076  0.1410  147 HOH A O   
599 O O   . HOH B .  ? 0.2686 0.2356 0.1903 -0.0635 0.0815  -0.0324 148 HOH A O   
600 O O   . HOH B .  ? 0.2707 0.2246 0.1720 0.0144  -0.0196 -0.0189 149 HOH A O   
601 O O   . HOH B .  ? 0.2855 0.2106 0.1579 -0.0199 -0.0018 -0.0096 150 HOH A O   
602 O O   . HOH B .  ? 0.4855 0.2678 0.2725 0.1721  -0.1476 -0.0639 151 HOH A O   
603 O O   . HOH B .  ? 0.3638 0.2597 0.2852 -0.0400 0.1150  -0.0182 152 HOH A O   
604 O O   . HOH B .  ? 0.3930 0.3541 0.3146 0.1118  0.0826  -0.0062 153 HOH A O   
605 O O   . HOH B .  ? 0.2698 0.2562 0.2703 -0.0034 0.0910  -0.0137 154 HOH A O   
606 O O   . HOH B .  ? 0.5010 0.4540 0.8020 0.0389  0.1337  -0.0291 155 HOH A O   
607 O O   . HOH B .  ? 0.1947 0.2013 0.1614 0.0330  0.0730  0.0121  156 HOH A O   
608 O O   . HOH B .  ? 0.4224 0.2074 0.1892 0.0594  -0.0331 0.0018  157 HOH A O   
609 O O   . HOH B .  ? 0.1558 0.1812 0.1184 -0.0036 0.0137  0.0253  158 HOH A O   
610 O O   . HOH B .  ? 0.3163 0.6160 0.2487 -0.2013 0.0423  -0.0539 159 HOH A O   
611 O O   . HOH B .  ? 0.2588 0.1911 0.2211 0.0044  0.0644  -0.0227 160 HOH A O   
612 O O   . HOH B .  ? 0.5658 0.7356 0.4360 0.3075  0.0413  0.1002  161 HOH A O   
613 O O   . HOH B .  ? 0.1647 0.1939 0.1540 -0.0177 -0.0037 0.0228  162 HOH A O   
614 O O   . HOH B .  ? 0.2661 0.5200 0.2978 -0.1312 -0.0443 -0.0130 163 HOH A O   
615 O O   . HOH B .  ? 0.2094 0.2262 0.2636 0.0114  0.0466  -0.0506 164 HOH A O   
616 O O   . HOH B .  ? 0.3699 0.3607 0.3394 0.0243  0.1034  -0.0643 165 HOH A O   
617 O O   . HOH B .  ? 0.4559 0.2740 0.2974 -0.0521 -0.0082 -0.1119 166 HOH A O   
618 O O   . HOH B .  ? 0.3487 0.5528 0.3609 0.0988  -0.0536 -0.0322 167 HOH A O   
619 O O   . HOH B .  ? 0.2152 0.2690 0.2300 -0.0138 0.0479  0.0602  168 HOH A O   
620 O O   . HOH B .  ? 0.5256 0.4385 0.5360 0.1652  0.2690  0.1659  169 HOH A O   
621 O O   . HOH B .  ? 0.6968 0.3688 0.3817 -0.0447 -0.1271 0.0175  170 HOH A O   
622 O O   . HOH B .  ? 0.3332 0.2479 0.2187 -0.0041 -0.0328 -0.0132 171 HOH A O   
623 O O   . HOH B .  ? 0.1968 0.2367 0.2450 0.0087  -0.0429 -0.0189 172 HOH A O   
624 O O   . HOH B .  ? 0.4744 0.1437 0.1587 0.0494  0.0018  0.0372  173 HOH A O   
625 O O   . HOH B .  ? 0.2196 0.2052 0.2440 -0.0289 0.0125  0.0107  174 HOH A O   
626 O O   . HOH B .  ? 0.5417 0.3317 0.3602 0.0203  -0.0270 -0.0375 175 HOH A O   
627 O O   . HOH B .  ? 0.3671 0.6535 0.6448 0.3259  -0.0863 0.1913  176 HOH A O   
628 O O   . HOH B .  ? 0.1403 0.1198 0.1317 0.0114  0.0148  -0.0094 177 HOH A O   
629 O O   . HOH B .  ? 0.5030 0.3577 1.0025 0.0366  0.0279  -0.3007 178 HOH A O   
630 O O   . HOH B .  ? 0.1594 0.2476 0.2598 0.0118  0.0041  0.0396  179 HOH A O   
631 O O   . HOH B .  ? 0.4942 0.4680 0.4964 -0.0163 -0.0167 -0.0644 180 HOH A O   
632 O O   . HOH B .  ? 0.1788 0.1546 0.1983 -0.0053 0.0049  0.0074  181 HOH A O   
633 O O   . HOH B .  ? 0.2281 0.4397 0.4904 -0.0860 0.0196  0.1892  182 HOH A O   
634 O O   . HOH B .  ? 0.4653 0.2444 0.3167 -0.0042 -0.0810 0.0736  183 HOH A O   
635 O O   . HOH B .  ? 0.1974 0.1781 0.1810 0.0134  0.0201  0.0036  184 HOH A O   
636 O O   . HOH B .  ? 0.4122 0.2076 0.3584 0.0803  0.0217  0.0346  185 HOH A O   
637 O O   . HOH B .  ? 0.4689 0.2200 0.3716 -0.1221 0.0994  -0.0614 186 HOH A O   
638 O O   . HOH B .  ? 0.4456 0.8337 0.2681 -0.2824 0.0481  -0.1126 187 HOH A O   
639 O O   . HOH B .  ? 0.2667 0.2570 0.2193 -0.0200 0.0035  0.0492  188 HOH A O   
640 O O   . HOH B .  ? 0.3378 0.6303 0.5445 -0.0726 -0.1565 0.1911  189 HOH A O   
641 O O   . HOH B .  ? 0.2050 0.2583 0.2195 -0.0202 -0.0001 -0.0088 190 HOH A O   
642 O O   . HOH B .  ? 0.5516 0.6476 0.5234 0.0205  0.0673  -0.1171 191 HOH A O   
643 O O   . HOH B .  ? 0.3979 0.4405 0.4661 -0.1543 -0.0947 0.1818  192 HOH A O   
644 O O   . HOH B .  ? 0.4869 0.3399 0.4577 0.1650  -0.1906 -0.1433 193 HOH A O   
645 O O   . HOH B .  ? 0.3392 0.2904 0.2505 0.0328  0.0504  -0.0161 194 HOH A O   
646 O O   . HOH B .  ? 0.3148 0.3161 0.2717 0.0314  -0.0568 -0.0733 195 HOH A O   
647 O O   . HOH B .  ? 0.3171 0.2640 0.2628 0.0318  0.0881  0.0573  196 HOH A O   
648 O O   . HOH B .  ? 0.4695 0.2478 0.5663 -0.0929 0.2347  0.0066  197 HOH A O   
649 O O   . HOH B .  ? 0.8054 0.6903 0.7165 0.1286  0.1270  0.3582  198 HOH A O   
650 O O   . HOH B .  ? 0.3002 0.4121 0.2239 -0.0780 0.0418  -0.0844 199 HOH A O   
651 O O   . HOH B .  ? 0.5278 0.8429 0.5098 0.0505  0.0135  0.1076  200 HOH A O   
652 O O   . HOH B .  ? 0.6153 0.6166 0.4403 -0.2683 -0.0828 0.3249  201 HOH A O   
653 O O   . HOH B .  ? 0.5848 0.5096 0.3290 0.2043  0.0029  -0.0718 202 HOH A O   
654 O O   . HOH B .  ? 0.2596 0.2202 0.3076 0.0356  -0.0950 -0.0524 203 HOH A O   
655 O O   . HOH B .  ? 0.3748 0.6227 0.2900 -0.0909 -0.1329 -0.0180 204 HOH A O   
656 O O   . HOH B .  ? 0.4829 0.7028 0.3649 0.0533  -0.0118 0.0145  205 HOH A O   
657 O O   . HOH B .  ? 0.2326 0.2951 0.3600 0.0120  -0.0059 0.0804  206 HOH A O   
658 O O   . HOH B .  ? 0.4768 0.5138 0.2753 0.0136  0.0905  -0.1832 207 HOH A O   
659 O O   . HOH B .  ? 0.2780 0.2775 0.2711 -0.1099 0.0818  -0.0544 208 HOH A O   
660 O O   . HOH B .  ? 0.4680 0.3516 0.3339 0.1371  0.1082  0.0474  209 HOH A O   
661 O O   . HOH B .  ? 0.3512 0.3532 0.4592 0.1239  0.0193  0.0068  210 HOH A O   
662 O O   A HOH B .  ? 0.1914 0.1973 0.4084 -0.0117 -0.0281 0.0394  211 HOH A O   
663 O O   B HOH B .  ? 0.3991 0.3924 0.4705 -0.0994 0.2268  -0.0282 211 HOH A O   
664 O O   . HOH B .  ? 0.5142 0.2277 0.4089 -0.0178 -0.0315 -0.0958 212 HOH A O   
665 O O   . HOH B .  ? 0.3882 0.2653 0.3030 -0.1100 -0.0777 0.0363  213 HOH A O   
666 O O   . HOH B .  ? 0.6708 0.5645 0.2537 0.1169  0.0202  0.0140  214 HOH A O   
667 O O   . HOH B .  ? 0.5302 0.4176 0.3253 -0.1206 -0.0201 0.0062  215 HOH A O   
668 O O   . HOH B .  ? 0.2780 0.2503 0.7813 0.1005  -0.1267 -0.1335 216 HOH A O   
669 O O   . HOH B .  ? 0.2138 0.3584 0.1934 0.0465  0.0055  -0.0551 217 HOH A O   
670 O O   . HOH B .  ? 0.2053 0.2845 0.6396 0.0073  0.0339  -0.1217 218 HOH A O   
671 O O   . HOH B .  ? 0.6741 1.5200 0.5174 -0.1181 -0.0452 -0.2141 219 HOH A O   
672 O O   . HOH B .  ? 0.3513 0.5069 0.4185 0.1134  0.0046  -0.0215 220 HOH A O   
673 O O   . HOH B .  ? 0.5948 0.4341 0.3556 -0.0483 -0.1229 -0.0126 221 HOH A O   
674 O O   . HOH B .  ? 0.2975 0.1889 0.5472 -0.0726 -0.0853 0.0540  222 HOH A O   
675 O O   . HOH B .  ? 0.6737 0.5588 0.5238 0.3243  0.0038  0.0357  223 HOH A O   
676 O O   . HOH B .  ? 2.0132 1.0658 1.7620 0.4006  -0.2921 0.5654  224 HOH A O   
677 O O   . HOH B .  ? 1.4240 1.0113 0.9650 0.5910  -0.0255 0.1596  225 HOH A O   
678 O O   . HOH B .  ? 0.3736 0.3233 0.4805 -0.0623 0.0320  -0.0592 226 HOH A O   
# 
